data_1APJ
#
_entry.id   1APJ
#
_cell.length_a   1.000
_cell.length_b   1.000
_cell.length_c   1.000
_cell.angle_alpha   90.00
_cell.angle_beta   90.00
_cell.angle_gamma   90.00
#
_symmetry.space_group_name_H-M   'P 1'
#
_entity_poly.entity_id   1
_entity_poly.type   'polypeptide(L)'
_entity_poly.pdbx_seq_one_letter_code
;SAQDLRMSYCYAKFEGGKCSSPKSRNHSKQECCCALKGEGWGDPCELCPTEPDEAFRQICPYGSGIIVGPDDSA
;
_entity_poly.pdbx_strand_id   A
#
# COMPACT_ATOMS: atom_id res chain seq x y z
N SER A 1 -4.88 4.65 12.64
CA SER A 1 -3.69 5.13 11.87
C SER A 1 -4.09 5.53 10.47
N ALA A 2 -4.64 4.59 9.72
CA ALA A 2 -5.08 4.85 8.35
C ALA A 2 -6.53 5.30 8.34
N GLN A 3 -7.08 5.46 7.13
CA GLN A 3 -8.47 5.88 6.97
C GLN A 3 -9.39 4.67 7.05
N ASP A 4 -10.29 4.69 8.03
CA ASP A 4 -11.23 3.59 8.22
C ASP A 4 -10.46 2.28 8.29
N LEU A 5 -9.20 2.38 8.72
CA LEU A 5 -8.31 1.23 8.85
C LEU A 5 -8.70 0.13 7.87
N ARG A 6 -8.91 0.49 6.61
CA ARG A 6 -9.28 -0.46 5.60
C ARG A 6 -8.06 -1.25 5.17
N MET A 7 -8.17 -2.57 5.29
CA MET A 7 -7.07 -3.45 4.92
C MET A 7 -7.56 -4.43 3.86
N SER A 8 -7.21 -4.14 2.62
CA SER A 8 -7.62 -4.97 1.49
C SER A 8 -6.38 -5.62 0.88
N TYR A 9 -6.52 -6.13 -0.34
CA TYR A 9 -5.41 -6.80 -1.01
C TYR A 9 -4.45 -5.80 -1.63
N CYS A 10 -3.17 -5.95 -1.33
CA CYS A 10 -2.13 -5.06 -1.84
C CYS A 10 -1.43 -5.71 -3.02
N TYR A 11 -1.48 -5.06 -4.18
CA TYR A 11 -0.83 -5.61 -5.37
C TYR A 11 0.54 -4.99 -5.54
N ALA A 12 1.46 -5.77 -6.05
CA ALA A 12 2.82 -5.33 -6.24
C ALA A 12 3.03 -4.68 -7.61
N LYS A 13 2.14 -4.95 -8.56
CA LYS A 13 2.26 -4.39 -9.89
C LYS A 13 0.92 -3.91 -10.42
N PHE A 14 0.89 -2.69 -10.93
CA PHE A 14 -0.34 -2.13 -11.48
C PHE A 14 -0.10 -1.80 -12.96
N GLU A 15 -0.87 -2.43 -13.84
CA GLU A 15 -0.70 -2.20 -15.27
C GLU A 15 -1.60 -1.08 -15.78
N GLY A 16 -1.45 0.11 -15.18
CA GLY A 16 -2.23 1.28 -15.55
C GLY A 16 -3.60 0.88 -16.07
N GLY A 17 -4.16 -0.17 -15.49
CA GLY A 17 -5.46 -0.67 -15.88
C GLY A 17 -5.88 -1.85 -15.01
N LYS A 18 -4.89 -2.66 -14.65
CA LYS A 18 -5.14 -3.82 -13.79
C LYS A 18 -4.07 -3.92 -12.73
N CYS A 19 -3.95 -5.09 -12.12
CA CYS A 19 -2.96 -5.28 -11.07
C CYS A 19 -2.52 -6.73 -11.02
N SER A 20 -1.43 -6.99 -10.28
CA SER A 20 -0.90 -8.33 -10.14
C SER A 20 0.00 -8.43 -8.91
N SER A 21 0.22 -9.65 -8.43
CA SER A 21 1.05 -9.90 -7.27
C SER A 21 0.36 -9.41 -6.00
N PRO A 22 -0.85 -9.92 -5.73
CA PRO A 22 -1.64 -9.55 -4.56
C PRO A 22 -1.29 -10.39 -3.34
N LYS A 23 -1.00 -9.71 -2.24
CA LYS A 23 -0.66 -10.40 -0.99
C LYS A 23 -1.84 -11.22 -0.50
N SER A 24 -1.62 -12.52 -0.31
CA SER A 24 -2.68 -13.41 0.17
C SER A 24 -3.48 -12.70 1.26
N ARG A 25 -2.76 -12.09 2.21
CA ARG A 25 -3.39 -11.37 3.30
C ARG A 25 -3.60 -9.91 2.89
N ASN A 26 -4.38 -9.17 3.67
CA ASN A 26 -4.64 -7.77 3.35
C ASN A 26 -3.98 -6.85 4.36
N HIS A 27 -3.67 -5.64 3.91
CA HIS A 27 -3.04 -4.62 4.73
C HIS A 27 -3.70 -3.29 4.44
N SER A 28 -3.41 -2.28 5.25
CA SER A 28 -3.99 -0.96 5.03
C SER A 28 -3.41 -0.39 3.74
N LYS A 29 -4.21 0.38 3.01
CA LYS A 29 -3.74 0.95 1.76
C LYS A 29 -2.43 1.69 1.99
N GLN A 30 -2.25 2.15 3.22
CA GLN A 30 -1.02 2.84 3.59
C GLN A 30 0.10 1.83 3.69
N GLU A 31 -0.15 0.75 4.44
CA GLU A 31 0.82 -0.32 4.63
C GLU A 31 1.19 -0.96 3.30
N CYS A 32 0.34 -0.73 2.29
CA CYS A 32 0.54 -1.30 0.97
C CYS A 32 1.58 -0.51 0.18
N CYS A 33 1.35 0.78 -0.01
CA CYS A 33 2.28 1.61 -0.77
C CYS A 33 3.35 2.24 0.10
N CYS A 34 3.31 1.98 1.41
CA CYS A 34 4.30 2.55 2.32
C CYS A 34 5.30 1.50 2.80
N ALA A 35 4.82 0.49 3.50
CA ALA A 35 5.68 -0.57 4.04
C ALA A 35 5.85 -1.68 3.02
N LEU A 36 4.86 -1.83 2.16
CA LEU A 36 4.91 -2.87 1.12
C LEU A 36 5.27 -2.25 -0.22
N LYS A 37 5.15 -0.93 -0.29
CA LYS A 37 5.47 -0.18 -1.51
C LYS A 37 5.28 -1.03 -2.76
N GLY A 38 4.03 -1.28 -3.12
CA GLY A 38 3.72 -2.07 -4.30
C GLY A 38 3.44 -1.16 -5.48
N GLU A 39 2.39 -1.49 -6.22
CA GLU A 39 2.00 -0.69 -7.37
C GLU A 39 0.55 -0.25 -7.24
N GLY A 40 -0.26 -1.07 -6.58
CA GLY A 40 -1.67 -0.74 -6.37
C GLY A 40 -2.16 -1.30 -5.05
N TRP A 41 -3.38 -0.93 -4.66
CA TRP A 41 -3.93 -1.41 -3.39
C TRP A 41 -5.43 -1.66 -3.48
N GLY A 42 -5.93 -2.44 -2.51
CA GLY A 42 -7.35 -2.76 -2.44
C GLY A 42 -7.74 -3.82 -3.45
N ASP A 43 -8.85 -4.50 -3.19
CA ASP A 43 -9.33 -5.52 -4.11
C ASP A 43 -9.43 -4.90 -5.49
N PRO A 44 -10.02 -3.69 -5.58
CA PRO A 44 -10.12 -2.94 -6.81
C PRO A 44 -8.86 -2.08 -6.93
N CYS A 45 -7.74 -2.76 -7.14
CA CYS A 45 -6.44 -2.11 -7.20
C CYS A 45 -6.51 -0.68 -7.67
N GLU A 46 -5.95 0.20 -6.86
CA GLU A 46 -5.89 1.62 -7.14
C GLU A 46 -4.43 2.04 -7.15
N LEU A 47 -3.97 2.57 -8.27
CA LEU A 47 -2.59 2.97 -8.41
C LEU A 47 -2.13 3.79 -7.21
N CYS A 48 -1.17 3.25 -6.46
CA CYS A 48 -0.62 3.92 -5.29
C CYS A 48 0.34 5.03 -5.72
N PRO A 49 0.43 6.09 -4.94
CA PRO A 49 1.31 7.23 -5.25
C PRO A 49 2.77 6.92 -4.92
N THR A 50 3.67 7.79 -5.36
CA THR A 50 5.09 7.63 -5.11
C THR A 50 5.65 8.89 -4.46
N GLU A 51 6.71 8.74 -3.68
CA GLU A 51 7.33 9.86 -3.00
C GLU A 51 8.09 10.74 -3.99
N PRO A 52 8.20 12.04 -3.69
CA PRO A 52 7.64 12.65 -2.48
C PRO A 52 6.23 13.18 -2.70
N ASP A 53 5.51 12.58 -3.65
CA ASP A 53 4.15 12.98 -3.96
C ASP A 53 3.34 13.20 -2.69
N GLU A 54 2.56 14.28 -2.66
CA GLU A 54 1.74 14.59 -1.51
C GLU A 54 0.93 13.36 -1.09
N ALA A 55 0.45 12.61 -2.08
CA ALA A 55 -0.33 11.41 -1.82
C ALA A 55 0.55 10.35 -1.17
N PHE A 56 1.75 10.16 -1.72
CA PHE A 56 2.69 9.19 -1.18
C PHE A 56 2.75 9.30 0.33
N ARG A 57 3.19 10.45 0.81
CA ARG A 57 3.31 10.69 2.24
C ARG A 57 1.94 10.60 2.90
N GLN A 58 0.90 10.86 2.10
CA GLN A 58 -0.47 10.80 2.59
C GLN A 58 -0.71 9.48 3.30
N ILE A 59 0.07 8.46 2.92
CA ILE A 59 -0.04 7.13 3.53
C ILE A 59 1.17 6.87 4.43
N CYS A 60 2.29 7.51 4.11
CA CYS A 60 3.52 7.33 4.88
C CYS A 60 3.98 8.69 5.42
N PRO A 61 3.59 9.02 6.66
CA PRO A 61 3.96 10.30 7.30
C PRO A 61 5.47 10.41 7.49
N TYR A 62 6.09 9.33 7.94
CA TYR A 62 7.54 9.31 8.17
C TYR A 62 8.26 8.89 6.89
N GLY A 63 7.64 7.97 6.15
CA GLY A 63 8.23 7.48 4.91
C GLY A 63 8.09 5.97 4.81
N SER A 64 8.66 5.39 3.76
CA SER A 64 8.60 3.94 3.56
C SER A 64 9.14 3.21 4.78
N GLY A 65 8.25 2.94 5.72
CA GLY A 65 8.63 2.24 6.95
C GLY A 65 7.42 1.96 7.81
N ILE A 66 7.20 2.80 8.82
CA ILE A 66 6.06 2.66 9.72
C ILE A 66 5.99 1.23 10.25
N ILE A 67 5.35 0.34 9.50
CA ILE A 67 5.22 -1.06 9.90
C ILE A 67 5.71 -1.96 8.78
N VAL A 68 6.94 -1.74 8.33
CA VAL A 68 7.49 -2.55 7.26
C VAL A 68 7.03 -3.99 7.39
N GLY A 69 6.28 -4.40 6.38
CA GLY A 69 5.71 -5.74 6.28
C GLY A 69 6.31 -6.70 7.30
N PRO A 70 5.67 -6.82 8.47
CA PRO A 70 6.14 -7.71 9.54
C PRO A 70 6.17 -9.17 9.10
N ASP A 71 7.24 -9.87 9.42
CA ASP A 71 7.38 -11.27 9.06
C ASP A 71 6.93 -11.49 7.61
N ASP A 72 7.06 -10.44 6.80
CA ASP A 72 6.67 -10.49 5.40
C ASP A 72 7.89 -10.19 4.52
N SER A 73 9.04 -10.71 4.93
CA SER A 73 10.27 -10.50 4.19
C SER A 73 11.47 -10.71 5.09
N ALA A 74 12.65 -10.85 4.49
CA ALA A 74 13.88 -11.06 5.25
C ALA A 74 13.66 -12.11 6.34
N SER A 1 -6.00 8.69 10.22
CA SER A 1 -4.96 8.14 9.30
C SER A 1 -5.57 7.14 8.35
N ALA A 2 -4.97 6.99 7.17
CA ALA A 2 -5.47 6.06 6.17
C ALA A 2 -6.94 6.32 5.88
N GLN A 3 -7.53 5.51 5.01
CA GLN A 3 -8.93 5.66 4.65
C GLN A 3 -9.78 4.64 5.40
N ASP A 4 -10.34 5.06 6.53
CA ASP A 4 -11.19 4.18 7.33
C ASP A 4 -10.43 2.91 7.68
N LEU A 5 -9.14 3.07 7.99
CA LEU A 5 -8.30 1.93 8.34
C LEU A 5 -8.68 0.72 7.49
N ARG A 6 -8.91 0.96 6.19
CA ARG A 6 -9.29 -0.09 5.28
C ARG A 6 -8.11 -1.01 5.01
N MET A 7 -8.37 -2.30 5.00
CA MET A 7 -7.33 -3.30 4.76
C MET A 7 -7.81 -4.29 3.72
N SER A 8 -7.34 -4.11 2.49
CA SER A 8 -7.72 -4.97 1.38
C SER A 8 -6.51 -5.72 0.86
N TYR A 9 -6.61 -6.20 -0.37
CA TYR A 9 -5.52 -6.94 -1.00
C TYR A 9 -4.53 -5.98 -1.64
N CYS A 10 -3.24 -6.20 -1.37
CA CYS A 10 -2.19 -5.37 -1.94
C CYS A 10 -1.64 -6.02 -3.20
N TYR A 11 -1.41 -5.24 -4.25
CA TYR A 11 -0.87 -5.81 -5.48
C TYR A 11 0.40 -5.07 -5.88
N ALA A 12 1.49 -5.79 -5.76
CA ALA A 12 2.83 -5.29 -6.04
C ALA A 12 2.98 -4.67 -7.42
N LYS A 13 2.05 -4.91 -8.35
CA LYS A 13 2.20 -4.33 -9.69
C LYS A 13 0.88 -3.90 -10.28
N PHE A 14 0.74 -2.60 -10.47
CA PHE A 14 -0.45 -2.03 -11.08
C PHE A 14 -0.19 -1.87 -12.57
N GLU A 15 -0.93 -2.60 -13.39
CA GLU A 15 -0.73 -2.53 -14.84
C GLU A 15 -1.53 -1.40 -15.46
N GLY A 16 -1.34 -0.19 -14.94
CA GLY A 16 -2.03 1.00 -15.43
C GLY A 16 -3.40 0.64 -16.00
N GLY A 17 -4.06 -0.31 -15.35
CA GLY A 17 -5.38 -0.75 -15.78
C GLY A 17 -5.85 -1.93 -14.94
N LYS A 18 -4.90 -2.73 -14.45
CA LYS A 18 -5.22 -3.88 -13.62
C LYS A 18 -4.25 -3.97 -12.47
N CYS A 19 -4.24 -5.12 -11.79
CA CYS A 19 -3.36 -5.31 -10.66
C CYS A 19 -2.78 -6.72 -10.66
N SER A 20 -1.58 -6.87 -10.09
CA SER A 20 -0.94 -8.18 -10.03
C SER A 20 -0.10 -8.31 -8.76
N SER A 21 0.21 -9.56 -8.40
CA SER A 21 0.98 -9.84 -7.20
C SER A 21 0.16 -9.51 -5.97
N PRO A 22 -1.03 -10.13 -5.84
CA PRO A 22 -1.94 -9.90 -4.72
C PRO A 22 -1.55 -10.72 -3.50
N LYS A 23 -1.36 -10.05 -2.37
CA LYS A 23 -1.00 -10.72 -1.13
C LYS A 23 -2.18 -11.50 -0.58
N SER A 24 -1.98 -12.80 -0.36
CA SER A 24 -3.03 -13.66 0.18
C SER A 24 -3.77 -12.94 1.30
N ARG A 25 -3.02 -12.22 2.13
CA ARG A 25 -3.60 -11.48 3.24
C ARG A 25 -3.83 -10.04 2.83
N ASN A 26 -4.40 -9.25 3.74
CA ASN A 26 -4.68 -7.85 3.45
C ASN A 26 -3.81 -6.93 4.31
N HIS A 27 -3.59 -5.72 3.80
CA HIS A 27 -2.78 -4.72 4.49
C HIS A 27 -3.29 -3.34 4.12
N SER A 28 -3.43 -2.44 5.09
CA SER A 28 -3.93 -1.11 4.80
C SER A 28 -3.29 -0.60 3.52
N LYS A 29 -3.97 0.29 2.83
CA LYS A 29 -3.45 0.83 1.58
C LYS A 29 -2.15 1.59 1.82
N GLN A 30 -1.99 2.12 3.03
CA GLN A 30 -0.78 2.85 3.40
C GLN A 30 0.33 1.85 3.68
N GLU A 31 -0.06 0.68 4.18
CA GLU A 31 0.88 -0.38 4.50
C GLU A 31 1.37 -1.08 3.26
N CYS A 32 0.52 -1.15 2.23
CA CYS A 32 0.86 -1.82 0.98
C CYS A 32 1.81 -0.98 0.12
N CYS A 33 1.47 0.29 -0.06
CA CYS A 33 2.26 1.16 -0.91
C CYS A 33 3.43 1.82 -0.18
N CYS A 34 3.45 1.75 1.15
CA CYS A 34 4.54 2.38 1.89
C CYS A 34 5.22 1.42 2.87
N ALA A 35 4.45 0.60 3.57
CA ALA A 35 5.04 -0.33 4.52
C ALA A 35 5.42 -1.63 3.82
N LEU A 36 4.93 -1.78 2.59
CA LEU A 36 5.23 -2.99 1.81
C LEU A 36 5.65 -2.62 0.38
N LYS A 37 5.88 -1.33 0.17
CA LYS A 37 6.31 -0.81 -1.12
C LYS A 37 5.76 -1.65 -2.27
N GLY A 38 4.49 -1.44 -2.60
CA GLY A 38 3.86 -2.14 -3.70
C GLY A 38 3.65 -1.17 -4.85
N GLU A 39 2.78 -1.52 -5.78
CA GLU A 39 2.50 -0.64 -6.91
C GLU A 39 1.07 -0.14 -6.85
N GLY A 40 0.22 -0.86 -6.15
CA GLY A 40 -1.18 -0.48 -6.02
C GLY A 40 -1.81 -1.19 -4.83
N TRP A 41 -3.05 -0.85 -4.48
CA TRP A 41 -3.70 -1.48 -3.34
C TRP A 41 -5.22 -1.47 -3.45
N GLY A 42 -5.85 -2.33 -2.63
CA GLY A 42 -7.31 -2.43 -2.58
C GLY A 42 -7.82 -3.48 -3.54
N ASP A 43 -8.98 -4.06 -3.20
CA ASP A 43 -9.60 -5.06 -4.07
C ASP A 43 -9.73 -4.44 -5.45
N PRO A 44 -10.29 -3.22 -5.50
CA PRO A 44 -10.41 -2.45 -6.72
C PRO A 44 -9.10 -1.71 -6.91
N CYS A 45 -8.07 -2.47 -7.26
CA CYS A 45 -6.72 -1.95 -7.40
C CYS A 45 -6.69 -0.48 -7.78
N GLU A 46 -6.00 0.29 -6.94
CA GLU A 46 -5.84 1.73 -7.12
C GLU A 46 -4.36 2.08 -7.05
N LEU A 47 -3.82 2.56 -8.17
CA LEU A 47 -2.41 2.94 -8.24
C LEU A 47 -2.01 3.77 -7.03
N CYS A 48 -0.96 3.35 -6.33
CA CYS A 48 -0.48 4.05 -5.16
C CYS A 48 0.46 5.18 -5.56
N PRO A 49 0.58 6.20 -4.68
CA PRO A 49 1.46 7.34 -4.93
C PRO A 49 2.92 7.01 -4.60
N THR A 50 3.82 7.94 -4.92
CA THR A 50 5.23 7.74 -4.66
C THR A 50 5.82 8.97 -3.97
N GLU A 51 6.88 8.77 -3.21
CA GLU A 51 7.54 9.86 -2.50
C GLU A 51 8.42 10.66 -3.45
N PRO A 52 8.63 11.96 -3.15
CA PRO A 52 8.06 12.63 -1.98
C PRO A 52 6.73 13.29 -2.30
N ASP A 53 5.99 12.69 -3.23
CA ASP A 53 4.70 13.23 -3.66
C ASP A 53 3.80 13.51 -2.47
N GLU A 54 2.83 14.40 -2.67
CA GLU A 54 1.89 14.74 -1.62
C GLU A 54 1.08 13.52 -1.24
N ALA A 55 0.45 12.91 -2.23
CA ALA A 55 -0.35 11.71 -2.00
C ALA A 55 0.46 10.70 -1.20
N PHE A 56 1.73 10.57 -1.57
CA PHE A 56 2.62 9.65 -0.88
C PHE A 56 2.55 9.90 0.61
N ARG A 57 2.93 11.11 1.01
CA ARG A 57 2.90 11.49 2.43
C ARG A 57 1.59 11.05 3.06
N GLN A 58 0.53 11.07 2.25
CA GLN A 58 -0.79 10.67 2.73
C GLN A 58 -0.75 9.26 3.32
N ILE A 59 -0.19 8.32 2.55
CA ILE A 59 -0.09 6.95 3.01
C ILE A 59 1.13 6.76 3.89
N CYS A 60 1.91 7.83 4.07
CA CYS A 60 3.10 7.77 4.91
C CYS A 60 3.32 9.08 5.64
N PRO A 61 2.88 9.15 6.90
CA PRO A 61 3.02 10.34 7.73
C PRO A 61 4.39 10.39 8.40
N TYR A 62 4.98 9.21 8.59
CA TYR A 62 6.30 9.11 9.22
C TYR A 62 7.38 9.11 8.16
N GLY A 63 7.11 8.46 7.04
CA GLY A 63 8.07 8.39 5.94
C GLY A 63 7.75 7.24 4.99
N SER A 64 8.44 6.11 5.17
CA SER A 64 8.24 4.94 4.32
C SER A 64 7.36 3.90 5.00
N GLY A 65 6.09 4.23 5.20
CA GLY A 65 5.15 3.33 5.83
C GLY A 65 5.82 2.51 6.93
N ILE A 66 5.88 3.10 8.12
CA ILE A 66 6.47 2.42 9.29
C ILE A 66 6.38 0.92 9.14
N ILE A 67 5.18 0.40 9.39
CA ILE A 67 4.89 -1.02 9.29
C ILE A 67 3.56 -1.33 9.94
N VAL A 68 2.49 -0.81 9.36
CA VAL A 68 1.14 -1.03 9.89
C VAL A 68 0.85 -2.53 9.99
N GLY A 69 1.65 -3.33 9.28
CA GLY A 69 1.48 -4.77 9.28
C GLY A 69 0.91 -5.27 10.60
N PRO A 70 -0.23 -5.96 10.55
CA PRO A 70 -0.88 -6.49 11.76
C PRO A 70 -0.07 -7.61 12.39
N ASP A 71 0.56 -7.29 13.52
CA ASP A 71 1.38 -8.24 14.26
C ASP A 71 2.81 -8.23 13.73
N ASP A 72 2.95 -8.29 12.41
CA ASP A 72 4.27 -8.29 11.78
C ASP A 72 5.13 -9.38 12.38
N SER A 73 4.53 -10.54 12.62
CA SER A 73 5.26 -11.67 13.19
C SER A 73 5.84 -11.29 14.56
N ALA A 74 5.12 -11.66 15.62
CA ALA A 74 5.57 -11.37 16.98
C ALA A 74 5.76 -9.87 17.16
N SER A 1 -4.26 9.47 12.15
CA SER A 1 -3.29 8.37 12.43
C SER A 1 -2.88 7.69 11.14
N ALA A 2 -3.84 7.50 10.25
CA ALA A 2 -3.56 6.85 8.96
C ALA A 2 -4.87 6.63 8.19
N GLN A 3 -4.80 5.72 7.23
CA GLN A 3 -5.96 5.38 6.41
C GLN A 3 -7.17 5.11 7.30
N ASP A 4 -8.25 4.69 6.67
CA ASP A 4 -9.49 4.39 7.37
C ASP A 4 -9.50 2.94 7.82
N LEU A 5 -8.38 2.50 8.39
CA LEU A 5 -8.24 1.13 8.87
C LEU A 5 -8.75 0.13 7.85
N ARG A 6 -8.79 0.53 6.57
CA ARG A 6 -9.25 -0.35 5.52
C ARG A 6 -8.13 -1.30 5.17
N MET A 7 -8.45 -2.58 5.11
CA MET A 7 -7.47 -3.59 4.79
C MET A 7 -7.99 -4.50 3.68
N SER A 8 -7.45 -4.29 2.50
CA SER A 8 -7.83 -5.06 1.32
C SER A 8 -6.62 -5.79 0.78
N TYR A 9 -6.69 -6.22 -0.47
CA TYR A 9 -5.59 -6.93 -1.09
C TYR A 9 -4.59 -5.95 -1.69
N CYS A 10 -3.32 -6.14 -1.38
CA CYS A 10 -2.27 -5.28 -1.89
C CYS A 10 -1.74 -5.87 -3.19
N TYR A 11 -1.47 -5.03 -4.17
CA TYR A 11 -0.97 -5.51 -5.45
C TYR A 11 0.33 -4.81 -5.79
N ALA A 12 1.43 -5.52 -5.54
CA ALA A 12 2.76 -5.00 -5.80
C ALA A 12 2.82 -4.33 -7.17
N LYS A 13 1.91 -4.70 -8.06
CA LYS A 13 1.89 -4.13 -9.40
C LYS A 13 0.52 -3.60 -9.77
N PHE A 14 0.51 -2.70 -10.72
CA PHE A 14 -0.71 -2.09 -11.22
C PHE A 14 -0.49 -1.68 -12.67
N GLU A 15 -1.09 -2.42 -13.60
CA GLU A 15 -0.94 -2.12 -15.03
C GLU A 15 -1.90 -1.04 -15.49
N GLY A 16 -1.77 0.16 -14.90
CA GLY A 16 -2.61 1.30 -15.26
C GLY A 16 -3.98 0.86 -15.75
N GLY A 17 -4.51 -0.19 -15.14
CA GLY A 17 -5.81 -0.73 -15.51
C GLY A 17 -6.17 -1.90 -14.61
N LYS A 18 -5.15 -2.67 -14.22
CA LYS A 18 -5.35 -3.81 -13.35
C LYS A 18 -4.20 -3.90 -12.36
N CYS A 19 -4.13 -5.00 -11.63
CA CYS A 19 -3.08 -5.18 -10.64
C CYS A 19 -2.48 -6.57 -10.73
N SER A 20 -1.32 -6.75 -10.12
CA SER A 20 -0.64 -8.04 -10.11
C SER A 20 0.17 -8.20 -8.84
N SER A 21 0.62 -9.41 -8.56
CA SER A 21 1.40 -9.68 -7.36
C SER A 21 0.57 -9.35 -6.14
N PRO A 22 -0.59 -10.02 -6.00
CA PRO A 22 -1.50 -9.81 -4.87
C PRO A 22 -1.10 -10.59 -3.63
N LYS A 23 -1.05 -9.91 -2.49
CA LYS A 23 -0.69 -10.55 -1.24
C LYS A 23 -1.84 -11.41 -0.74
N SER A 24 -1.58 -12.71 -0.62
CA SER A 24 -2.60 -13.66 -0.17
C SER A 24 -3.53 -13.00 0.84
N ARG A 25 -2.96 -12.44 1.90
CA ARG A 25 -3.74 -11.78 2.95
C ARG A 25 -3.99 -10.33 2.58
N ASN A 26 -4.64 -9.59 3.48
CA ASN A 26 -4.94 -8.19 3.24
C ASN A 26 -4.21 -7.30 4.24
N HIS A 27 -3.88 -6.10 3.80
CA HIS A 27 -3.19 -5.13 4.64
C HIS A 27 -3.80 -3.75 4.41
N SER A 28 -3.43 -2.78 5.24
CA SER A 28 -3.98 -1.44 5.07
C SER A 28 -3.38 -0.81 3.83
N LYS A 29 -4.10 0.13 3.23
CA LYS A 29 -3.64 0.79 2.01
C LYS A 29 -2.32 1.51 2.25
N GLN A 30 -2.08 1.92 3.49
CA GLN A 30 -0.84 2.60 3.84
C GLN A 30 0.24 1.56 4.07
N GLU A 31 -0.18 0.34 4.42
CA GLU A 31 0.74 -0.76 4.68
C GLU A 31 1.23 -1.36 3.37
N CYS A 32 0.43 -1.21 2.32
CA CYS A 32 0.78 -1.76 1.01
C CYS A 32 1.69 -0.81 0.24
N CYS A 33 1.29 0.44 0.14
CA CYS A 33 2.06 1.44 -0.59
C CYS A 33 3.21 2.01 0.25
N CYS A 34 3.19 1.76 1.55
CA CYS A 34 4.24 2.30 2.42
C CYS A 34 5.12 1.19 3.01
N ALA A 35 4.51 0.16 3.57
CA ALA A 35 5.26 -0.93 4.17
C ALA A 35 5.54 -2.01 3.14
N LEU A 36 4.83 -1.96 2.01
CA LEU A 36 5.02 -2.93 0.95
C LEU A 36 5.28 -2.25 -0.38
N LYS A 37 5.21 -0.91 -0.39
CA LYS A 37 5.46 -0.13 -1.59
C LYS A 37 5.04 -0.90 -2.85
N GLY A 38 3.73 -1.07 -3.03
CA GLY A 38 3.22 -1.78 -4.19
C GLY A 38 2.95 -0.80 -5.32
N GLU A 39 2.16 -1.22 -6.29
CA GLU A 39 1.82 -0.36 -7.42
C GLU A 39 0.32 -0.07 -7.42
N GLY A 40 -0.45 -0.89 -6.72
CA GLY A 40 -1.89 -0.71 -6.64
C GLY A 40 -2.45 -1.42 -5.42
N TRP A 41 -3.08 -0.69 -4.51
CA TRP A 41 -3.63 -1.29 -3.30
C TRP A 41 -5.16 -1.44 -3.36
N GLY A 42 -5.68 -2.31 -2.50
CA GLY A 42 -7.12 -2.53 -2.41
C GLY A 42 -7.62 -3.45 -3.52
N ASP A 43 -8.80 -4.03 -3.33
CA ASP A 43 -9.39 -4.90 -4.33
C ASP A 43 -9.43 -4.13 -5.65
N PRO A 44 -9.87 -2.87 -5.60
CA PRO A 44 -9.89 -1.98 -6.76
C PRO A 44 -8.55 -1.28 -6.84
N CYS A 45 -7.51 -2.09 -7.06
CA CYS A 45 -6.13 -1.61 -7.10
C CYS A 45 -6.06 -0.15 -7.56
N GLU A 46 -5.68 0.71 -6.62
CA GLU A 46 -5.52 2.12 -6.88
C GLU A 46 -4.04 2.43 -6.95
N LEU A 47 -3.57 2.82 -8.13
CA LEU A 47 -2.17 3.11 -8.33
C LEU A 47 -1.54 3.76 -7.10
N CYS A 48 -0.92 2.92 -6.26
CA CYS A 48 -0.26 3.43 -5.07
C CYS A 48 0.68 4.55 -5.48
N PRO A 49 0.66 5.67 -4.75
CA PRO A 49 1.51 6.82 -5.08
C PRO A 49 2.97 6.60 -4.73
N THR A 50 3.82 7.43 -5.32
CA THR A 50 5.25 7.37 -5.10
C THR A 50 5.75 8.71 -4.56
N GLU A 51 6.92 8.70 -3.95
CA GLU A 51 7.49 9.91 -3.39
C GLU A 51 8.12 10.76 -4.49
N PRO A 52 8.13 12.09 -4.32
CA PRO A 52 7.58 12.77 -3.15
C PRO A 52 6.14 13.21 -3.36
N ASP A 53 5.42 12.44 -4.17
CA ASP A 53 4.02 12.74 -4.48
C ASP A 53 3.24 13.06 -3.22
N GLU A 54 2.49 14.15 -3.26
CA GLU A 54 1.67 14.57 -2.11
C GLU A 54 0.89 13.38 -1.58
N ALA A 55 0.42 12.53 -2.50
CA ALA A 55 -0.33 11.35 -2.14
C ALA A 55 0.56 10.37 -1.39
N PHE A 56 1.77 10.16 -1.91
CA PHE A 56 2.71 9.25 -1.29
C PHE A 56 2.83 9.56 0.20
N ARG A 57 3.10 10.82 0.52
CA ARG A 57 3.23 11.25 1.91
C ARG A 57 1.90 11.08 2.63
N GLN A 58 0.81 11.16 1.87
CA GLN A 58 -0.53 11.00 2.44
C GLN A 58 -0.65 9.64 3.12
N ILE A 59 0.22 8.72 2.73
CA ILE A 59 0.24 7.38 3.30
C ILE A 59 1.55 7.13 4.03
N CYS A 60 2.52 8.01 3.82
CA CYS A 60 3.83 7.88 4.44
C CYS A 60 4.26 9.21 5.05
N PRO A 61 4.03 9.40 6.35
CA PRO A 61 4.39 10.63 7.06
C PRO A 61 5.89 10.74 7.26
N TYR A 62 6.53 9.63 7.62
CA TYR A 62 7.97 9.61 7.84
C TYR A 62 8.68 9.03 6.63
N GLY A 63 8.03 8.08 5.96
CA GLY A 63 8.59 7.44 4.78
C GLY A 63 8.08 6.01 4.65
N SER A 64 8.79 5.20 3.89
CA SER A 64 8.42 3.80 3.68
C SER A 64 8.81 2.97 4.90
N GLY A 65 7.97 3.01 5.93
CA GLY A 65 8.22 2.27 7.16
C GLY A 65 6.95 2.16 7.99
N ILE A 66 6.81 3.05 8.96
CA ILE A 66 5.64 3.04 9.83
C ILE A 66 5.40 1.65 10.38
N ILE A 67 4.67 0.83 9.63
CA ILE A 67 4.38 -0.54 10.03
C ILE A 67 4.91 -1.51 8.98
N VAL A 68 6.22 -1.76 9.01
CA VAL A 68 6.87 -2.67 8.07
C VAL A 68 5.91 -3.75 7.60
N GLY A 69 5.06 -4.23 8.52
CA GLY A 69 4.08 -5.26 8.20
C GLY A 69 3.62 -5.96 9.46
N PRO A 70 2.77 -7.00 9.31
CA PRO A 70 2.25 -7.76 10.44
C PRO A 70 3.20 -8.86 10.89
N ASP A 71 4.48 -8.62 10.66
CA ASP A 71 5.52 -9.56 11.04
C ASP A 71 6.70 -8.81 11.66
N ASP A 72 6.57 -7.49 11.80
CA ASP A 72 7.63 -6.67 12.38
C ASP A 72 7.07 -5.77 13.47
N SER A 73 6.49 -6.38 14.50
CA SER A 73 5.91 -5.65 15.61
C SER A 73 5.62 -6.58 16.78
N ALA A 74 4.83 -7.61 16.51
CA ALA A 74 4.46 -8.58 17.53
C ALA A 74 4.30 -7.90 18.88
N SER A 1 -1.37 9.23 11.13
CA SER A 1 -1.59 8.08 12.03
C SER A 1 -2.47 7.03 11.35
N ALA A 2 -1.99 6.51 10.22
CA ALA A 2 -2.74 5.50 9.47
C ALA A 2 -4.01 6.11 8.90
N GLN A 3 -4.33 5.75 7.66
CA GLN A 3 -5.52 6.25 7.00
C GLN A 3 -6.27 5.10 6.36
N ASP A 4 -7.59 5.09 6.53
CA ASP A 4 -8.42 4.03 5.99
C ASP A 4 -7.94 2.70 6.55
N LEU A 5 -8.57 2.28 7.64
CA LEU A 5 -8.20 1.02 8.30
C LEU A 5 -8.57 -0.18 7.44
N ARG A 6 -9.16 0.07 6.27
CA ARG A 6 -9.54 -1.00 5.38
C ARG A 6 -8.31 -1.78 4.97
N MET A 7 -8.39 -3.08 5.10
CA MET A 7 -7.27 -3.94 4.73
C MET A 7 -7.72 -4.89 3.63
N SER A 8 -7.46 -4.48 2.40
CA SER A 8 -7.84 -5.26 1.24
C SER A 8 -6.60 -5.87 0.61
N TYR A 9 -6.72 -6.36 -0.61
CA TYR A 9 -5.58 -6.96 -1.30
C TYR A 9 -4.63 -5.89 -1.78
N CYS A 10 -3.35 -6.05 -1.46
CA CYS A 10 -2.33 -5.10 -1.84
C CYS A 10 -1.48 -5.69 -2.96
N TYR A 11 -1.55 -5.06 -4.14
CA TYR A 11 -0.82 -5.55 -5.30
C TYR A 11 0.48 -4.77 -5.45
N ALA A 12 1.53 -5.49 -5.78
CA ALA A 12 2.84 -4.89 -5.98
C ALA A 12 2.93 -4.32 -7.38
N LYS A 13 1.92 -4.61 -8.20
CA LYS A 13 1.89 -4.13 -9.57
C LYS A 13 0.49 -3.68 -9.96
N PHE A 14 0.43 -2.78 -10.93
CA PHE A 14 -0.82 -2.26 -11.45
C PHE A 14 -0.62 -1.82 -12.88
N GLU A 15 -1.12 -2.61 -13.83
CA GLU A 15 -0.95 -2.31 -15.25
C GLU A 15 -2.04 -1.36 -15.74
N GLY A 16 -2.00 -0.12 -15.23
CA GLY A 16 -2.97 0.91 -15.61
C GLY A 16 -4.28 0.30 -16.07
N GLY A 17 -4.80 -0.64 -15.30
CA GLY A 17 -6.06 -1.31 -15.63
C GLY A 17 -6.26 -2.53 -14.75
N LYS A 18 -5.16 -3.17 -14.36
CA LYS A 18 -5.23 -4.34 -13.51
C LYS A 18 -4.06 -4.33 -12.54
N CYS A 19 -3.88 -5.40 -11.79
CA CYS A 19 -2.80 -5.48 -10.84
C CYS A 19 -2.20 -6.87 -10.80
N SER A 20 -1.00 -6.96 -10.23
CA SER A 20 -0.30 -8.23 -10.11
C SER A 20 0.54 -8.24 -8.83
N SER A 21 0.88 -9.43 -8.37
CA SER A 21 1.68 -9.60 -7.16
C SER A 21 0.88 -9.21 -5.92
N PRO A 22 -0.30 -9.84 -5.74
CA PRO A 22 -1.17 -9.55 -4.59
C PRO A 22 -0.82 -10.37 -3.37
N LYS A 23 -0.73 -9.73 -2.22
CA LYS A 23 -0.40 -10.40 -0.97
C LYS A 23 -1.50 -11.40 -0.61
N SER A 24 -1.10 -12.66 -0.42
CA SER A 24 -2.05 -13.72 -0.08
C SER A 24 -3.11 -13.18 0.88
N ARG A 25 -2.69 -12.30 1.77
CA ARG A 25 -3.60 -11.70 2.75
C ARG A 25 -3.86 -10.24 2.41
N ASN A 26 -4.49 -9.52 3.33
CA ASN A 26 -4.79 -8.11 3.14
C ASN A 26 -3.95 -7.23 4.05
N HIS A 27 -3.82 -5.97 3.67
CA HIS A 27 -3.06 -4.98 4.42
C HIS A 27 -3.68 -3.61 4.19
N SER A 28 -3.63 -2.72 5.19
CA SER A 28 -4.20 -1.38 5.03
C SER A 28 -3.58 -0.72 3.81
N LYS A 29 -4.39 0.00 3.06
CA LYS A 29 -3.92 0.67 1.86
C LYS A 29 -2.66 1.47 2.16
N GLN A 30 -2.47 1.82 3.42
CA GLN A 30 -1.30 2.56 3.85
C GLN A 30 -0.13 1.60 4.00
N GLU A 31 -0.40 0.46 4.60
CA GLU A 31 0.62 -0.57 4.82
C GLU A 31 1.08 -1.16 3.50
N CYS A 32 0.24 -1.04 2.47
CA CYS A 32 0.55 -1.58 1.16
C CYS A 32 1.44 -0.65 0.35
N CYS A 33 1.02 0.60 0.19
CA CYS A 33 1.78 1.57 -0.58
C CYS A 33 2.83 2.28 0.27
N CYS A 34 2.96 1.90 1.53
CA CYS A 34 3.93 2.53 2.43
C CYS A 34 4.92 1.50 2.95
N ALA A 35 4.40 0.44 3.57
CA ALA A 35 5.25 -0.61 4.13
C ALA A 35 5.52 -1.68 3.07
N LEU A 36 4.71 -1.69 2.03
CA LEU A 36 4.86 -2.66 0.95
C LEU A 36 5.00 -1.97 -0.40
N LYS A 37 4.80 -0.64 -0.40
CA LYS A 37 4.90 0.16 -1.62
C LYS A 37 4.50 -0.66 -2.85
N GLY A 38 3.19 -0.85 -3.04
CA GLY A 38 2.70 -1.60 -4.17
C GLY A 38 2.31 -0.64 -5.28
N GLU A 39 1.88 -1.17 -6.41
CA GLU A 39 1.47 -0.34 -7.52
C GLU A 39 -0.02 -0.04 -7.44
N GLY A 40 -0.78 -0.95 -6.83
CA GLY A 40 -2.22 -0.76 -6.69
C GLY A 40 -2.70 -1.38 -5.40
N TRP A 41 -3.73 -0.79 -4.79
CA TRP A 41 -4.24 -1.33 -3.52
C TRP A 41 -5.71 -1.76 -3.63
N GLY A 42 -6.12 -2.58 -2.69
CA GLY A 42 -7.49 -3.07 -2.62
C GLY A 42 -7.79 -4.11 -3.70
N ASP A 43 -8.87 -4.86 -3.50
CA ASP A 43 -9.26 -5.86 -4.47
C ASP A 43 -9.36 -5.19 -5.83
N PRO A 44 -9.98 -3.99 -5.87
CA PRO A 44 -10.07 -3.19 -7.07
C PRO A 44 -8.85 -2.29 -7.15
N CYS A 45 -7.70 -2.93 -7.34
CA CYS A 45 -6.42 -2.24 -7.36
C CYS A 45 -6.58 -0.78 -7.81
N GLU A 46 -6.13 0.12 -6.94
CA GLU A 46 -6.19 1.54 -7.19
C GLU A 46 -4.77 2.08 -7.21
N LEU A 47 -4.29 2.45 -8.40
CA LEU A 47 -2.94 2.97 -8.55
C LEU A 47 -2.57 3.85 -7.35
N CYS A 48 -1.66 3.36 -6.52
CA CYS A 48 -1.23 4.11 -5.34
C CYS A 48 -0.17 5.14 -5.72
N PRO A 49 0.10 6.09 -4.82
CA PRO A 49 1.08 7.15 -5.05
C PRO A 49 2.51 6.69 -4.83
N THR A 50 3.45 7.55 -5.23
CA THR A 50 4.87 7.26 -5.10
C THR A 50 5.60 8.49 -4.56
N GLU A 51 6.80 8.28 -4.04
CA GLU A 51 7.59 9.37 -3.48
C GLU A 51 8.30 10.14 -4.59
N PRO A 52 8.50 11.45 -4.38
CA PRO A 52 8.08 12.16 -3.18
C PRO A 52 6.71 12.81 -3.36
N ASP A 53 5.86 12.20 -4.18
CA ASP A 53 4.53 12.72 -4.45
C ASP A 53 3.82 13.08 -3.15
N GLU A 54 3.02 14.14 -3.19
CA GLU A 54 2.28 14.58 -2.01
C GLU A 54 1.49 13.43 -1.42
N ALA A 55 0.60 12.84 -2.23
CA ALA A 55 -0.22 11.73 -1.78
C ALA A 55 0.66 10.66 -1.13
N PHE A 56 1.80 10.38 -1.75
CA PHE A 56 2.72 9.38 -1.21
C PHE A 56 3.04 9.72 0.24
N ARG A 57 3.45 10.95 0.48
CA ARG A 57 3.78 11.41 1.83
C ARG A 57 2.56 11.26 2.73
N GLN A 58 1.39 11.29 2.12
CA GLN A 58 0.12 11.17 2.85
C GLN A 58 0.07 9.84 3.60
N ILE A 59 0.65 8.81 3.00
CA ILE A 59 0.67 7.48 3.62
C ILE A 59 2.01 7.20 4.29
N CYS A 60 3.03 7.95 3.89
CA CYS A 60 4.36 7.77 4.45
C CYS A 60 4.91 9.08 4.98
N PRO A 61 4.69 9.36 6.27
CA PRO A 61 5.16 10.59 6.91
C PRO A 61 6.69 10.65 6.97
N TYR A 62 7.30 9.50 7.17
CA TYR A 62 8.76 9.41 7.25
C TYR A 62 9.30 8.74 5.98
N GLY A 63 8.44 8.00 5.30
CA GLY A 63 8.82 7.30 4.07
C GLY A 63 8.33 5.86 4.13
N SER A 64 8.38 5.18 2.99
CA SER A 64 7.95 3.79 2.91
C SER A 64 8.53 2.98 4.06
N GLY A 65 7.83 2.97 5.19
CA GLY A 65 8.28 2.24 6.37
C GLY A 65 7.14 2.06 7.36
N ILE A 66 7.24 2.74 8.50
CA ILE A 66 6.24 2.64 9.55
C ILE A 66 6.13 1.20 10.04
N ILE A 67 5.31 0.41 9.35
CA ILE A 67 5.12 -0.99 9.69
C ILE A 67 5.40 -1.86 8.48
N VAL A 68 6.67 -1.90 8.06
CA VAL A 68 7.09 -2.68 6.90
C VAL A 68 6.19 -3.90 6.70
N GLY A 69 5.90 -4.59 7.79
CA GLY A 69 5.05 -5.77 7.74
C GLY A 69 5.42 -6.75 8.84
N PRO A 70 4.44 -7.43 9.43
CA PRO A 70 4.66 -8.40 10.50
C PRO A 70 5.82 -9.33 10.18
N ASP A 71 7.03 -8.88 10.52
CA ASP A 71 8.24 -9.66 10.27
C ASP A 71 8.13 -10.37 8.93
N ASP A 72 7.56 -9.69 7.95
CA ASP A 72 7.39 -10.25 6.62
C ASP A 72 8.52 -9.81 5.70
N SER A 73 9.71 -10.36 5.92
CA SER A 73 10.88 -10.02 5.12
C SER A 73 10.61 -10.33 3.65
N ALA A 74 10.38 -11.61 3.36
CA ALA A 74 10.10 -12.05 2.00
C ALA A 74 8.64 -11.79 1.64
N SER A 1 -1.77 7.12 11.22
CA SER A 1 -3.23 7.09 11.50
C SER A 1 -3.93 6.16 10.52
N ALA A 2 -3.46 6.16 9.28
CA ALA A 2 -4.03 5.31 8.23
C ALA A 2 -5.42 5.81 7.86
N GLN A 3 -5.65 5.98 6.56
CA GLN A 3 -6.92 6.44 6.06
C GLN A 3 -8.02 5.44 6.40
N ASP A 4 -8.79 5.73 7.43
CA ASP A 4 -9.86 4.85 7.89
C ASP A 4 -9.35 3.42 7.98
N LEU A 5 -8.06 3.31 8.29
CA LEU A 5 -7.41 2.01 8.42
C LEU A 5 -8.01 0.98 7.49
N ARG A 6 -8.30 1.39 6.27
CA ARG A 6 -8.87 0.51 5.29
C ARG A 6 -7.84 -0.53 4.90
N MET A 7 -8.17 -1.78 5.16
CA MET A 7 -7.27 -2.88 4.86
C MET A 7 -7.89 -3.78 3.80
N SER A 8 -7.36 -3.65 2.59
CA SER A 8 -7.83 -4.44 1.46
C SER A 8 -6.66 -5.23 0.88
N TYR A 9 -6.87 -5.85 -0.26
CA TYR A 9 -5.83 -6.64 -0.89
C TYR A 9 -4.82 -5.72 -1.57
N CYS A 10 -3.53 -6.00 -1.34
CA CYS A 10 -2.46 -5.21 -1.93
C CYS A 10 -2.04 -5.84 -3.25
N TYR A 11 -1.44 -5.06 -4.13
CA TYR A 11 -1.01 -5.57 -5.42
C TYR A 11 0.33 -4.98 -5.80
N ALA A 12 1.36 -5.77 -5.59
CA ALA A 12 2.73 -5.38 -5.89
C ALA A 12 2.83 -4.79 -7.29
N LYS A 13 1.86 -5.09 -8.14
CA LYS A 13 1.86 -4.59 -9.51
C LYS A 13 0.53 -3.96 -9.86
N PHE A 14 0.57 -3.09 -10.85
CA PHE A 14 -0.61 -2.40 -11.36
C PHE A 14 -0.36 -1.98 -12.80
N GLU A 15 -0.95 -2.70 -13.75
CA GLU A 15 -0.75 -2.40 -15.16
C GLU A 15 -1.70 -1.30 -15.63
N GLY A 16 -1.50 -0.09 -15.11
CA GLY A 16 -2.32 1.07 -15.48
C GLY A 16 -3.71 0.65 -15.93
N GLY A 17 -4.29 -0.31 -15.22
CA GLY A 17 -5.62 -0.80 -15.56
C GLY A 17 -5.97 -2.01 -14.71
N LYS A 18 -4.97 -2.82 -14.39
CA LYS A 18 -5.17 -4.00 -13.56
C LYS A 18 -4.07 -4.09 -12.54
N CYS A 19 -4.00 -5.21 -11.82
CA CYS A 19 -2.99 -5.40 -10.81
C CYS A 19 -2.47 -6.83 -10.83
N SER A 20 -1.30 -7.03 -10.24
CA SER A 20 -0.68 -8.35 -10.17
C SER A 20 0.12 -8.52 -8.89
N SER A 21 0.46 -9.75 -8.55
CA SER A 21 1.21 -10.02 -7.33
C SER A 21 0.41 -9.57 -6.11
N PRO A 22 -0.80 -10.13 -5.95
CA PRO A 22 -1.68 -9.79 -4.84
C PRO A 22 -1.37 -10.60 -3.59
N LYS A 23 -1.26 -9.91 -2.46
CA LYS A 23 -0.95 -10.56 -1.19
C LYS A 23 -2.08 -11.51 -0.78
N SER A 24 -1.81 -12.36 0.19
CA SER A 24 -2.80 -13.32 0.66
C SER A 24 -3.82 -12.62 1.55
N ARG A 25 -3.35 -11.99 2.61
CA ARG A 25 -4.21 -11.27 3.54
C ARG A 25 -4.31 -9.81 3.12
N ASN A 26 -5.21 -9.07 3.76
CA ASN A 26 -5.39 -7.66 3.44
C ASN A 26 -4.63 -6.76 4.42
N HIS A 27 -4.08 -5.68 3.89
CA HIS A 27 -3.33 -4.71 4.67
C HIS A 27 -3.82 -3.32 4.34
N SER A 28 -3.39 -2.33 5.12
CA SER A 28 -3.79 -0.96 4.87
C SER A 28 -3.16 -0.49 3.57
N LYS A 29 -3.76 0.50 2.92
CA LYS A 29 -3.23 1.01 1.67
C LYS A 29 -1.89 1.69 1.91
N GLN A 30 -1.63 2.04 3.17
CA GLN A 30 -0.39 2.68 3.55
C GLN A 30 0.66 1.61 3.84
N GLU A 31 0.18 0.39 4.12
CA GLU A 31 1.06 -0.74 4.41
C GLU A 31 1.55 -1.37 3.12
N CYS A 32 0.73 -1.27 2.08
CA CYS A 32 1.06 -1.86 0.78
C CYS A 32 1.95 -0.92 -0.03
N CYS A 33 1.56 0.35 -0.09
CA CYS A 33 2.29 1.34 -0.85
C CYS A 33 3.50 1.90 -0.08
N CYS A 34 3.46 1.82 1.25
CA CYS A 34 4.55 2.34 2.07
C CYS A 34 5.46 1.24 2.60
N ALA A 35 4.87 0.22 3.22
CA ALA A 35 5.66 -0.87 3.79
C ALA A 35 5.90 -1.96 2.77
N LEU A 36 5.14 -1.92 1.67
CA LEU A 36 5.28 -2.91 0.63
C LEU A 36 5.50 -2.24 -0.73
N LYS A 37 5.43 -0.91 -0.75
CA LYS A 37 5.61 -0.12 -1.97
C LYS A 37 5.18 -0.92 -3.21
N GLY A 38 3.89 -1.18 -3.32
CA GLY A 38 3.36 -1.91 -4.46
C GLY A 38 3.05 -0.96 -5.59
N GLU A 39 2.29 -1.43 -6.57
CA GLU A 39 1.92 -0.61 -7.70
C GLU A 39 0.43 -0.27 -7.65
N GLY A 40 -0.32 -1.08 -6.90
CA GLY A 40 -1.77 -0.84 -6.76
C GLY A 40 -2.28 -1.49 -5.49
N TRP A 41 -3.13 -0.78 -4.75
CA TRP A 41 -3.66 -1.30 -3.49
C TRP A 41 -5.18 -1.52 -3.56
N GLY A 42 -5.70 -2.28 -2.61
CA GLY A 42 -7.13 -2.56 -2.52
C GLY A 42 -7.57 -3.57 -3.56
N ASP A 43 -8.70 -4.21 -3.32
CA ASP A 43 -9.24 -5.20 -4.25
C ASP A 43 -9.31 -4.53 -5.61
N PRO A 44 -9.86 -3.31 -5.66
CA PRO A 44 -9.93 -2.51 -6.87
C PRO A 44 -8.63 -1.72 -6.99
N CYS A 45 -7.55 -2.46 -7.22
CA CYS A 45 -6.21 -1.90 -7.31
C CYS A 45 -6.23 -0.45 -7.77
N GLU A 46 -5.63 0.40 -6.95
CA GLU A 46 -5.53 1.82 -7.23
C GLU A 46 -4.06 2.22 -7.18
N LEU A 47 -3.51 2.58 -8.32
CA LEU A 47 -2.11 2.96 -8.42
C LEU A 47 -1.63 3.64 -7.14
N CYS A 48 -0.67 3.00 -6.47
CA CYS A 48 -0.12 3.53 -5.23
C CYS A 48 0.74 4.76 -5.53
N PRO A 49 0.65 5.78 -4.68
CA PRO A 49 1.42 7.04 -4.86
C PRO A 49 2.91 6.84 -4.58
N THR A 50 3.69 7.86 -4.92
CA THR A 50 5.13 7.84 -4.72
C THR A 50 5.59 9.14 -4.07
N GLU A 51 6.70 9.09 -3.35
CA GLU A 51 7.23 10.27 -2.69
C GLU A 51 7.94 11.17 -3.70
N PRO A 52 7.93 12.49 -3.45
CA PRO A 52 7.30 13.09 -2.27
C PRO A 52 5.86 13.52 -2.55
N ASP A 53 5.22 12.85 -3.50
CA ASP A 53 3.85 13.17 -3.87
C ASP A 53 3.01 13.45 -2.64
N GLU A 54 2.10 14.41 -2.75
CA GLU A 54 1.21 14.76 -1.63
C GLU A 54 0.53 13.50 -1.12
N ALA A 55 0.01 12.70 -2.03
CA ALA A 55 -0.67 11.47 -1.68
C ALA A 55 0.28 10.54 -0.94
N PHE A 56 1.48 10.40 -1.49
CA PHE A 56 2.50 9.53 -0.88
C PHE A 56 2.56 9.81 0.62
N ARG A 57 2.83 11.07 0.97
CA ARG A 57 2.92 11.47 2.37
C ARG A 57 1.68 11.02 3.12
N GLN A 58 0.54 11.12 2.47
CA GLN A 58 -0.73 10.73 3.07
C GLN A 58 -0.65 9.35 3.69
N ILE A 59 0.02 8.43 3.00
CA ILE A 59 0.17 7.06 3.48
C ILE A 59 1.49 6.87 4.21
N CYS A 60 2.38 7.84 4.10
CA CYS A 60 3.68 7.76 4.74
C CYS A 60 4.00 9.03 5.51
N PRO A 61 3.65 9.06 6.81
CA PRO A 61 3.90 10.22 7.68
C PRO A 61 5.34 10.27 8.17
N TYR A 62 6.00 9.12 8.16
CA TYR A 62 7.40 9.02 8.60
C TYR A 62 8.30 8.73 7.42
N GLY A 63 7.80 7.93 6.47
CA GLY A 63 8.57 7.57 5.29
C GLY A 63 8.14 6.22 4.75
N SER A 64 8.77 5.78 3.68
CA SER A 64 8.45 4.49 3.06
C SER A 64 8.84 3.36 3.99
N GLY A 65 7.96 3.01 4.91
CA GLY A 65 8.22 1.93 5.86
C GLY A 65 7.49 2.16 7.18
N ILE A 66 6.23 2.58 7.09
CA ILE A 66 5.43 2.84 8.28
C ILE A 66 5.21 1.55 9.07
N ILE A 67 4.94 0.47 8.35
CA ILE A 67 4.71 -0.82 8.99
C ILE A 67 5.38 -1.95 8.19
N VAL A 68 6.68 -2.12 8.41
CA VAL A 68 7.44 -3.15 7.72
C VAL A 68 6.61 -4.42 7.54
N GLY A 69 5.75 -4.70 8.52
CA GLY A 69 4.89 -5.88 8.47
C GLY A 69 5.70 -7.16 8.55
N PRO A 70 5.36 -8.15 7.73
CA PRO A 70 6.05 -9.45 7.70
C PRO A 70 7.52 -9.30 7.33
N ASP A 71 8.35 -9.06 8.33
CA ASP A 71 9.79 -8.90 8.14
C ASP A 71 10.38 -8.28 9.39
N ASP A 72 9.57 -7.52 10.10
CA ASP A 72 10.00 -6.86 11.33
C ASP A 72 9.20 -7.36 12.52
N SER A 73 9.43 -8.62 12.91
CA SER A 73 8.73 -9.22 14.03
C SER A 73 8.47 -8.18 15.12
N ALA A 74 7.33 -8.30 15.78
CA ALA A 74 6.95 -7.38 16.85
C ALA A 74 6.86 -5.96 16.31
N SER A 1 -4.11 9.15 7.65
CA SER A 1 -5.60 9.21 7.67
C SER A 1 -6.19 8.08 6.82
N ALA A 2 -5.81 6.85 7.13
CA ALA A 2 -6.30 5.69 6.39
C ALA A 2 -7.82 5.62 6.44
N GLN A 3 -8.41 5.14 5.36
CA GLN A 3 -9.85 5.03 5.27
C GLN A 3 -10.34 3.84 6.09
N ASP A 4 -10.77 4.10 7.33
CA ASP A 4 -11.26 3.05 8.20
C ASP A 4 -10.25 1.92 8.26
N LEU A 5 -8.97 2.28 8.23
CA LEU A 5 -7.90 1.29 8.26
C LEU A 5 -8.29 0.06 7.49
N ARG A 6 -8.81 0.27 6.29
CA ARG A 6 -9.22 -0.83 5.44
C ARG A 6 -8.00 -1.62 5.02
N MET A 7 -8.16 -2.93 4.97
CA MET A 7 -7.06 -3.80 4.59
C MET A 7 -7.55 -4.89 3.65
N SER A 8 -7.27 -4.72 2.38
CA SER A 8 -7.64 -5.68 1.37
C SER A 8 -6.38 -6.30 0.79
N TYR A 9 -6.48 -6.90 -0.38
CA TYR A 9 -5.32 -7.51 -1.00
C TYR A 9 -4.43 -6.43 -1.62
N CYS A 10 -3.14 -6.51 -1.32
CA CYS A 10 -2.17 -5.56 -1.85
C CYS A 10 -1.65 -6.09 -3.18
N TYR A 11 -1.39 -5.21 -4.14
CA TYR A 11 -0.90 -5.63 -5.44
C TYR A 11 0.34 -4.85 -5.81
N ALA A 12 1.47 -5.49 -5.59
CA ALA A 12 2.77 -4.91 -5.88
C ALA A 12 2.76 -4.21 -7.23
N LYS A 13 1.87 -4.63 -8.13
CA LYS A 13 1.79 -4.02 -9.45
C LYS A 13 0.36 -3.64 -9.79
N PHE A 14 0.24 -2.66 -10.68
CA PHE A 14 -1.04 -2.18 -11.12
C PHE A 14 -0.92 -1.69 -12.56
N GLU A 15 -1.50 -2.44 -13.50
CA GLU A 15 -1.42 -2.10 -14.92
C GLU A 15 -2.47 -1.05 -15.31
N GLY A 16 -2.37 0.13 -14.72
CA GLY A 16 -3.30 1.23 -15.01
C GLY A 16 -4.66 0.71 -15.44
N GLY A 17 -5.10 -0.37 -14.80
CA GLY A 17 -6.38 -0.99 -15.11
C GLY A 17 -6.59 -2.23 -14.28
N LYS A 18 -5.50 -2.94 -14.00
CA LYS A 18 -5.57 -4.15 -13.20
C LYS A 18 -4.41 -4.18 -12.22
N CYS A 19 -4.25 -5.30 -11.53
CA CYS A 19 -3.19 -5.43 -10.56
C CYS A 19 -2.56 -6.82 -10.63
N SER A 20 -1.37 -6.95 -10.05
CA SER A 20 -0.67 -8.23 -10.02
C SER A 20 0.19 -8.33 -8.77
N SER A 21 0.61 -9.53 -8.42
CA SER A 21 1.41 -9.75 -7.22
C SER A 21 0.56 -9.47 -5.99
N PRO A 22 -0.54 -10.21 -5.84
CA PRO A 22 -1.46 -10.04 -4.71
C PRO A 22 -0.99 -10.76 -3.45
N LYS A 23 -0.83 -10.01 -2.37
CA LYS A 23 -0.38 -10.56 -1.09
C LYS A 23 -1.45 -11.47 -0.50
N SER A 24 -1.03 -12.65 -0.06
CA SER A 24 -1.95 -13.61 0.54
C SER A 24 -2.78 -12.93 1.62
N ARG A 25 -2.14 -12.03 2.35
CA ARG A 25 -2.82 -11.29 3.42
C ARG A 25 -3.19 -9.89 2.95
N ASN A 26 -3.89 -9.15 3.80
CA ASN A 26 -4.31 -7.79 3.46
C ASN A 26 -3.52 -6.75 4.25
N HIS A 27 -3.31 -5.60 3.61
CA HIS A 27 -2.60 -4.49 4.23
C HIS A 27 -3.11 -3.18 3.64
N SER A 28 -3.83 -2.40 4.43
CA SER A 28 -4.39 -1.12 3.97
C SER A 28 -3.48 -0.50 2.92
N LYS A 29 -4.07 0.25 1.98
CA LYS A 29 -3.29 0.88 0.93
C LYS A 29 -2.16 1.72 1.51
N GLN A 30 -2.35 2.25 2.71
CA GLN A 30 -1.30 3.03 3.33
C GLN A 30 -0.16 2.09 3.70
N GLU A 31 -0.57 0.90 4.09
CA GLU A 31 0.34 -0.17 4.48
C GLU A 31 1.14 -0.72 3.30
N CYS A 32 0.45 -1.19 2.28
CA CYS A 32 1.10 -1.77 1.10
C CYS A 32 1.77 -0.70 0.23
N CYS A 33 1.04 0.37 -0.05
CA CYS A 33 1.54 1.45 -0.90
C CYS A 33 2.72 2.22 -0.27
N CYS A 34 2.76 2.32 1.05
CA CYS A 34 3.83 3.08 1.71
C CYS A 34 4.84 2.17 2.42
N ALA A 35 4.36 1.15 3.10
CA ALA A 35 5.25 0.25 3.83
C ALA A 35 5.73 -0.88 2.93
N LEU A 36 4.95 -1.21 1.91
CA LEU A 36 5.33 -2.27 0.98
C LEU A 36 5.39 -1.72 -0.44
N LYS A 37 5.33 -0.40 -0.54
CA LYS A 37 5.40 0.32 -1.82
C LYS A 37 4.91 -0.55 -2.97
N GLY A 38 3.60 -0.75 -3.04
CA GLY A 38 3.01 -1.54 -4.12
C GLY A 38 2.62 -0.60 -5.25
N GLU A 39 1.94 -1.14 -6.25
CA GLU A 39 1.50 -0.31 -7.38
C GLU A 39 0.00 -0.11 -7.32
N GLY A 40 -0.69 -0.94 -6.56
CA GLY A 40 -2.14 -0.83 -6.42
C GLY A 40 -2.63 -1.66 -5.25
N TRP A 41 -3.32 -1.02 -4.29
CA TRP A 41 -3.82 -1.73 -3.11
C TRP A 41 -5.32 -1.94 -3.15
N GLY A 42 -5.80 -2.85 -2.31
CA GLY A 42 -7.23 -3.13 -2.20
C GLY A 42 -7.69 -4.09 -3.30
N ASP A 43 -8.83 -4.73 -3.07
CA ASP A 43 -9.38 -5.65 -4.07
C ASP A 43 -9.49 -4.86 -5.37
N PRO A 44 -9.99 -3.62 -5.29
CA PRO A 44 -10.09 -2.72 -6.43
C PRO A 44 -8.79 -1.94 -6.53
N CYS A 45 -7.72 -2.67 -6.83
CA CYS A 45 -6.38 -2.10 -6.91
C CYS A 45 -6.42 -0.62 -7.28
N GLU A 46 -5.89 0.20 -6.38
CA GLU A 46 -5.83 1.64 -6.56
C GLU A 46 -4.38 2.08 -6.54
N LEU A 47 -3.92 2.67 -7.63
CA LEU A 47 -2.54 3.10 -7.75
C LEU A 47 -1.98 3.54 -6.41
N CYS A 48 -0.79 3.04 -6.07
CA CYS A 48 -0.13 3.36 -4.82
C CYS A 48 0.90 4.46 -5.02
N PRO A 49 0.79 5.56 -4.26
CA PRO A 49 1.73 6.68 -4.37
C PRO A 49 3.13 6.32 -3.89
N THR A 50 4.08 7.18 -4.21
CA THR A 50 5.46 6.96 -3.83
C THR A 50 6.11 8.27 -3.42
N GLU A 51 7.10 8.20 -2.54
CA GLU A 51 7.80 9.38 -2.07
C GLU A 51 8.70 9.94 -3.16
N PRO A 52 9.00 11.25 -3.10
CA PRO A 52 8.50 12.15 -2.07
C PRO A 52 7.21 12.83 -2.50
N ASP A 53 6.40 12.12 -3.27
CA ASP A 53 5.14 12.65 -3.78
C ASP A 53 4.21 13.04 -2.63
N GLU A 54 3.50 14.15 -2.81
CA GLU A 54 2.57 14.62 -1.81
C GLU A 54 1.64 13.48 -1.39
N ALA A 55 1.28 12.65 -2.37
CA ALA A 55 0.42 11.51 -2.11
C ALA A 55 1.09 10.58 -1.12
N PHE A 56 2.38 10.32 -1.36
CA PHE A 56 3.15 9.45 -0.47
C PHE A 56 2.89 9.87 0.97
N ARG A 57 3.27 11.11 1.27
CA ARG A 57 3.07 11.66 2.62
C ARG A 57 1.68 11.32 3.13
N GLN A 58 0.71 11.38 2.22
CA GLN A 58 -0.68 11.09 2.56
C GLN A 58 -0.79 9.71 3.21
N ILE A 59 -0.19 8.71 2.58
CA ILE A 59 -0.22 7.35 3.10
C ILE A 59 1.02 7.06 3.92
N CYS A 60 1.79 8.10 4.23
CA CYS A 60 3.01 7.94 5.01
C CYS A 60 3.09 9.01 6.09
N PRO A 61 2.32 8.83 7.18
CA PRO A 61 2.29 9.78 8.29
C PRO A 61 3.51 9.63 9.18
N TYR A 62 4.11 8.44 9.16
CA TYR A 62 5.29 8.15 9.97
C TYR A 62 6.52 7.98 9.09
N GLY A 63 6.33 7.33 7.94
CA GLY A 63 7.42 7.09 7.01
C GLY A 63 7.08 5.93 6.07
N SER A 64 8.10 5.42 5.40
CA SER A 64 7.93 4.32 4.46
C SER A 64 7.80 2.98 5.18
N GLY A 65 6.62 2.73 5.74
CA GLY A 65 6.34 1.47 6.43
C GLY A 65 6.83 1.48 7.86
N ILE A 66 6.21 0.62 8.67
CA ILE A 66 6.54 0.50 10.08
C ILE A 66 6.34 -0.95 10.57
N ILE A 67 5.17 -1.51 10.25
CA ILE A 67 4.84 -2.88 10.66
C ILE A 67 4.34 -3.72 9.49
N VAL A 68 3.76 -3.04 8.51
CA VAL A 68 3.16 -3.68 7.35
C VAL A 68 3.67 -5.10 7.15
N GLY A 69 4.98 -5.25 7.23
CA GLY A 69 5.62 -6.54 7.09
C GLY A 69 4.74 -7.65 7.64
N PRO A 70 4.44 -8.65 6.80
CA PRO A 70 3.62 -9.80 7.20
C PRO A 70 4.00 -10.33 8.58
N ASP A 71 3.29 -9.87 9.61
CA ASP A 71 3.55 -10.28 10.98
C ASP A 71 4.63 -9.41 11.61
N ASP A 72 5.66 -9.11 10.83
CA ASP A 72 6.77 -8.28 11.30
C ASP A 72 7.76 -9.13 12.11
N SER A 73 7.99 -10.34 11.64
CA SER A 73 8.91 -11.26 12.32
C SER A 73 8.79 -12.65 11.72
N ALA A 74 9.77 -13.50 12.02
CA ALA A 74 9.78 -14.87 11.52
C ALA A 74 8.98 -15.78 12.44
N SER A 1 -1.29 9.22 9.98
CA SER A 1 -2.77 9.01 9.98
C SER A 1 -3.13 7.82 9.11
N ALA A 2 -4.27 7.20 9.41
CA ALA A 2 -4.74 6.05 8.66
C ALA A 2 -5.99 6.40 7.85
N GLN A 3 -5.92 6.16 6.54
CA GLN A 3 -7.03 6.46 5.64
C GLN A 3 -8.20 5.52 5.89
N ASP A 4 -9.03 5.86 6.88
CA ASP A 4 -10.20 5.06 7.21
C ASP A 4 -9.78 3.62 7.49
N LEU A 5 -8.59 3.46 8.03
CA LEU A 5 -8.03 2.15 8.36
C LEU A 5 -8.55 1.08 7.40
N ARG A 6 -8.57 1.41 6.11
CA ARG A 6 -9.02 0.47 5.11
C ARG A 6 -7.94 -0.55 4.85
N MET A 7 -8.32 -1.81 4.81
CA MET A 7 -7.38 -2.88 4.57
C MET A 7 -7.94 -3.88 3.56
N SER A 8 -7.33 -3.91 2.38
CA SER A 8 -7.75 -4.80 1.32
C SER A 8 -6.52 -5.48 0.73
N TYR A 9 -6.67 -6.07 -0.44
CA TYR A 9 -5.57 -6.76 -1.09
C TYR A 9 -4.59 -5.75 -1.67
N CYS A 10 -3.31 -5.93 -1.35
CA CYS A 10 -2.27 -5.04 -1.83
C CYS A 10 -1.63 -5.65 -3.06
N TYR A 11 -1.43 -4.86 -4.10
CA TYR A 11 -0.82 -5.38 -5.32
C TYR A 11 0.58 -4.82 -5.46
N ALA A 12 1.43 -5.59 -6.10
CA ALA A 12 2.81 -5.20 -6.29
C ALA A 12 3.05 -4.64 -7.70
N LYS A 13 2.14 -4.94 -8.63
CA LYS A 13 2.29 -4.45 -9.98
C LYS A 13 0.96 -4.05 -10.60
N PHE A 14 0.82 -2.77 -10.90
CA PHE A 14 -0.40 -2.24 -11.50
C PHE A 14 -0.16 -2.05 -13.00
N GLU A 15 -0.90 -2.78 -13.83
CA GLU A 15 -0.74 -2.69 -15.28
C GLU A 15 -1.59 -1.58 -15.87
N GLY A 16 -1.46 -0.38 -15.30
CA GLY A 16 -2.21 0.78 -15.77
C GLY A 16 -3.57 0.37 -16.30
N GLY A 17 -4.15 -0.65 -15.69
CA GLY A 17 -5.46 -1.14 -16.08
C GLY A 17 -5.92 -2.23 -15.13
N LYS A 18 -4.98 -3.03 -14.64
CA LYS A 18 -5.28 -4.11 -13.71
C LYS A 18 -4.20 -4.15 -12.65
N CYS A 19 -4.15 -5.23 -11.89
CA CYS A 19 -3.15 -5.37 -10.83
C CYS A 19 -2.70 -6.82 -10.69
N SER A 20 -1.52 -7.01 -10.12
CA SER A 20 -0.97 -8.35 -9.92
C SER A 20 -0.13 -8.41 -8.65
N SER A 21 0.13 -9.62 -8.17
CA SER A 21 0.92 -9.82 -6.96
C SER A 21 0.13 -9.33 -5.74
N PRO A 22 -1.04 -9.92 -5.51
CA PRO A 22 -1.92 -9.55 -4.39
C PRO A 22 -1.57 -10.27 -3.09
N LYS A 23 -1.00 -9.54 -2.14
CA LYS A 23 -0.63 -10.12 -0.85
C LYS A 23 -1.70 -11.08 -0.36
N SER A 24 -1.29 -12.31 -0.06
CA SER A 24 -2.22 -13.32 0.43
C SER A 24 -3.19 -12.70 1.41
N ARG A 25 -2.66 -11.85 2.29
CA ARG A 25 -3.48 -11.16 3.29
C ARG A 25 -3.66 -9.71 2.89
N ASN A 26 -4.51 -8.99 3.62
CA ASN A 26 -4.75 -7.59 3.33
C ASN A 26 -4.00 -6.70 4.30
N HIS A 27 -3.59 -5.54 3.80
CA HIS A 27 -2.85 -4.56 4.58
C HIS A 27 -3.39 -3.18 4.27
N SER A 28 -3.29 -2.25 5.21
CA SER A 28 -3.78 -0.90 4.96
C SER A 28 -3.18 -0.40 3.66
N LYS A 29 -3.93 0.42 2.93
CA LYS A 29 -3.44 0.95 1.67
C LYS A 29 -2.13 1.71 1.88
N GLN A 30 -1.91 2.14 3.11
CA GLN A 30 -0.68 2.84 3.46
C GLN A 30 0.42 1.81 3.68
N GLU A 31 0.07 0.74 4.39
CA GLU A 31 1.01 -0.34 4.67
C GLU A 31 1.40 -1.04 3.38
N CYS A 32 0.58 -0.89 2.36
CA CYS A 32 0.82 -1.51 1.07
C CYS A 32 1.85 -0.73 0.26
N CYS A 33 1.56 0.54 0.01
CA CYS A 33 2.46 1.39 -0.77
C CYS A 33 3.50 2.07 0.10
N CYS A 34 3.59 1.68 1.37
CA CYS A 34 4.57 2.28 2.27
C CYS A 34 5.45 1.23 2.93
N ALA A 35 4.85 0.34 3.72
CA ALA A 35 5.60 -0.69 4.43
C ALA A 35 5.73 -1.96 3.60
N LEU A 36 4.92 -2.08 2.55
CA LEU A 36 4.96 -3.26 1.70
C LEU A 36 5.39 -2.91 0.28
N LYS A 37 5.49 -1.61 0.00
CA LYS A 37 5.90 -1.14 -1.31
C LYS A 37 5.21 -1.90 -2.42
N GLY A 38 4.05 -1.40 -2.86
CA GLY A 38 3.28 -2.03 -3.92
C GLY A 38 3.00 -1.01 -5.02
N GLU A 39 2.54 -1.50 -6.17
CA GLU A 39 2.24 -0.62 -7.30
C GLU A 39 0.76 -0.26 -7.31
N GLY A 40 -0.03 -1.00 -6.55
CA GLY A 40 -1.46 -0.76 -6.47
C GLY A 40 -2.00 -1.27 -5.14
N TRP A 41 -3.26 -0.99 -4.84
CA TRP A 41 -3.84 -1.45 -3.57
C TRP A 41 -5.36 -1.56 -3.64
N GLY A 42 -5.90 -2.30 -2.67
CA GLY A 42 -7.34 -2.51 -2.56
C GLY A 42 -7.82 -3.56 -3.55
N ASP A 43 -8.97 -4.16 -3.26
CA ASP A 43 -9.54 -5.16 -4.15
C ASP A 43 -9.63 -4.53 -5.54
N PRO A 44 -10.14 -3.29 -5.60
CA PRO A 44 -10.23 -2.53 -6.83
C PRO A 44 -8.92 -1.76 -7.00
N CYS A 45 -7.86 -2.52 -7.21
CA CYS A 45 -6.51 -1.97 -7.32
C CYS A 45 -6.51 -0.53 -7.81
N GLU A 46 -5.85 0.31 -7.02
CA GLU A 46 -5.71 1.71 -7.33
C GLU A 46 -4.23 2.05 -7.29
N LEU A 47 -3.72 2.62 -8.37
CA LEU A 47 -2.31 2.97 -8.45
C LEU A 47 -1.86 3.65 -7.15
N CYS A 48 -0.79 3.13 -6.56
CA CYS A 48 -0.26 3.69 -5.32
C CYS A 48 0.65 4.87 -5.63
N PRO A 49 0.57 5.92 -4.81
CA PRO A 49 1.38 7.14 -4.99
C PRO A 49 2.84 6.93 -4.65
N THR A 50 3.66 7.92 -5.01
CA THR A 50 5.09 7.88 -4.76
C THR A 50 5.56 9.21 -4.17
N GLU A 51 6.67 9.18 -3.45
CA GLU A 51 7.20 10.39 -2.84
C GLU A 51 7.88 11.26 -3.88
N PRO A 52 7.92 12.58 -3.66
CA PRO A 52 7.35 13.20 -2.45
C PRO A 52 5.90 13.63 -2.66
N ASP A 53 5.21 12.92 -3.55
CA ASP A 53 3.81 13.23 -3.87
C ASP A 53 3.00 13.37 -2.59
N GLU A 54 2.04 14.30 -2.60
CA GLU A 54 1.19 14.53 -1.46
C GLU A 54 0.54 13.22 -1.03
N ALA A 55 -0.07 12.53 -1.99
CA ALA A 55 -0.71 11.26 -1.73
C ALA A 55 0.26 10.33 -1.03
N PHE A 56 1.49 10.28 -1.50
CA PHE A 56 2.51 9.42 -0.90
C PHE A 56 2.54 9.66 0.60
N ARG A 57 2.89 10.89 0.99
CA ARG A 57 2.95 11.26 2.39
C ARG A 57 1.78 10.68 3.15
N GLN A 58 0.61 10.68 2.53
CA GLN A 58 -0.59 10.15 3.16
C GLN A 58 -0.38 8.70 3.57
N ILE A 59 0.08 7.89 2.62
CA ILE A 59 0.35 6.47 2.89
C ILE A 59 1.71 6.32 3.58
N CYS A 60 2.40 7.43 3.77
CA CYS A 60 3.72 7.39 4.40
C CYS A 60 3.92 8.58 5.34
N PRO A 61 3.66 8.40 6.64
CA PRO A 61 3.83 9.45 7.64
C PRO A 61 5.28 9.59 8.09
N TYR A 62 5.93 8.45 8.29
CA TYR A 62 7.33 8.43 8.73
C TYR A 62 8.25 8.35 7.52
N GLY A 63 7.91 7.47 6.58
CA GLY A 63 8.70 7.29 5.38
C GLY A 63 8.19 6.11 4.56
N SER A 64 9.05 5.12 4.32
CA SER A 64 8.67 3.94 3.56
C SER A 64 8.01 2.91 4.46
N GLY A 65 7.12 3.37 5.33
CA GLY A 65 6.41 2.49 6.24
C GLY A 65 7.37 1.81 7.21
N ILE A 66 6.85 0.80 7.89
CA ILE A 66 7.60 0.02 8.86
C ILE A 66 6.96 -1.35 8.99
N ILE A 67 5.63 -1.34 8.96
CA ILE A 67 4.79 -2.54 9.06
C ILE A 67 3.73 -2.32 10.13
N VAL A 68 2.97 -1.24 9.96
CA VAL A 68 1.91 -0.90 10.91
C VAL A 68 0.75 -1.87 10.78
N GLY A 69 0.85 -2.79 9.82
CA GLY A 69 -0.20 -3.79 9.59
C GLY A 69 -0.59 -4.49 10.89
N PRO A 70 -1.38 -5.56 10.76
CA PRO A 70 -1.86 -6.34 11.92
C PRO A 70 -0.71 -6.93 12.73
N ASP A 71 -0.15 -6.13 13.64
CA ASP A 71 0.94 -6.56 14.48
C ASP A 71 1.85 -7.54 13.74
N ASP A 72 1.98 -7.34 12.43
CA ASP A 72 2.81 -8.22 11.60
C ASP A 72 4.23 -7.66 11.53
N SER A 73 4.71 -7.15 12.65
CA SER A 73 6.07 -6.59 12.72
C SER A 73 7.05 -7.63 13.24
N ALA A 74 6.76 -8.91 12.99
CA ALA A 74 7.62 -9.99 13.43
C ALA A 74 8.81 -10.15 12.49
N SER A 1 -2.90 9.44 11.21
CA SER A 1 -2.23 8.29 10.54
C SER A 1 -3.25 7.24 10.12
N ALA A 2 -2.85 6.38 9.19
CA ALA A 2 -3.74 5.33 8.69
C ALA A 2 -5.01 5.94 8.14
N GLN A 3 -5.17 5.90 6.82
CA GLN A 3 -6.32 6.45 6.16
C GLN A 3 -7.54 5.55 6.37
N ASP A 4 -8.51 6.05 7.12
CA ASP A 4 -9.72 5.29 7.40
C ASP A 4 -9.36 3.86 7.77
N LEU A 5 -8.17 3.70 8.34
CA LEU A 5 -7.67 2.39 8.76
C LEU A 5 -8.28 1.28 7.92
N ARG A 6 -8.29 1.45 6.61
CA ARG A 6 -8.85 0.47 5.72
C ARG A 6 -7.79 -0.55 5.35
N MET A 7 -8.20 -1.78 5.15
CA MET A 7 -7.28 -2.85 4.79
C MET A 7 -7.90 -3.74 3.73
N SER A 8 -7.51 -3.49 2.48
CA SER A 8 -8.02 -4.27 1.36
C SER A 8 -6.87 -5.00 0.69
N TYR A 9 -7.19 -5.80 -0.30
CA TYR A 9 -6.19 -6.57 -1.03
C TYR A 9 -5.17 -5.61 -1.64
N CYS A 10 -3.88 -5.87 -1.37
CA CYS A 10 -2.82 -5.04 -1.88
C CYS A 10 -2.11 -5.73 -3.03
N TYR A 11 -1.78 -4.98 -4.07
CA TYR A 11 -1.11 -5.55 -5.22
C TYR A 11 0.28 -4.95 -5.37
N ALA A 12 1.25 -5.82 -5.53
CA ALA A 12 2.63 -5.42 -5.67
C ALA A 12 2.88 -4.81 -7.05
N LYS A 13 1.94 -5.06 -7.99
CA LYS A 13 2.08 -4.54 -9.33
C LYS A 13 0.78 -3.98 -9.85
N PHE A 14 0.89 -3.15 -10.87
CA PHE A 14 -0.26 -2.55 -11.54
C PHE A 14 0.05 -2.38 -13.01
N GLU A 15 -0.55 -3.23 -13.84
CA GLU A 15 -0.34 -3.18 -15.28
C GLU A 15 -1.17 -2.07 -15.90
N GLY A 16 -1.26 -2.09 -17.22
CA GLY A 16 -2.02 -1.09 -17.96
C GLY A 16 -3.38 -0.84 -17.32
N GLY A 17 -3.95 -1.86 -16.68
CA GLY A 17 -5.24 -1.73 -16.05
C GLY A 17 -5.59 -2.95 -15.19
N LYS A 18 -4.57 -3.69 -14.74
CA LYS A 18 -4.81 -4.86 -13.92
C LYS A 18 -3.62 -5.17 -13.04
N CYS A 19 -3.83 -5.14 -11.74
CA CYS A 19 -2.78 -5.39 -10.77
C CYS A 19 -2.28 -6.83 -10.85
N SER A 20 -1.08 -7.04 -10.32
CA SER A 20 -0.46 -8.36 -10.29
C SER A 20 0.38 -8.53 -9.03
N SER A 21 0.44 -9.75 -8.52
CA SER A 21 1.20 -10.05 -7.31
C SER A 21 0.42 -9.64 -6.08
N PRO A 22 -0.76 -10.23 -5.89
CA PRO A 22 -1.63 -9.93 -4.75
C PRO A 22 -1.10 -10.54 -3.45
N LYS A 23 -1.09 -9.74 -2.39
CA LYS A 23 -0.62 -10.19 -1.10
C LYS A 23 -1.69 -10.96 -0.34
N SER A 24 -2.38 -11.87 -1.03
CA SER A 24 -3.44 -12.66 -0.42
C SER A 24 -4.18 -11.87 0.64
N ARG A 25 -3.69 -11.94 1.87
CA ARG A 25 -4.29 -11.21 2.98
C ARG A 25 -4.32 -9.72 2.67
N ASN A 26 -5.19 -8.99 3.33
CA ASN A 26 -5.31 -7.55 3.10
C ASN A 26 -4.34 -6.79 4.01
N HIS A 27 -4.02 -5.57 3.60
CA HIS A 27 -3.11 -4.71 4.35
C HIS A 27 -3.52 -3.26 4.14
N SER A 28 -3.27 -2.40 5.12
CA SER A 28 -3.65 -1.00 4.99
C SER A 28 -3.06 -0.41 3.73
N LYS A 29 -3.85 0.40 3.04
CA LYS A 29 -3.40 1.02 1.79
C LYS A 29 -2.05 1.70 1.96
N GLN A 30 -1.75 2.10 3.19
CA GLN A 30 -0.47 2.73 3.48
C GLN A 30 0.60 1.66 3.62
N GLU A 31 0.22 0.55 4.23
CA GLU A 31 1.12 -0.58 4.44
C GLU A 31 1.54 -1.19 3.11
N CYS A 32 0.66 -1.09 2.13
CA CYS A 32 0.89 -1.67 0.81
C CYS A 32 1.70 -0.73 -0.07
N CYS A 33 1.22 0.50 -0.21
CA CYS A 33 1.88 1.50 -1.04
C CYS A 33 3.19 1.99 -0.44
N CYS A 34 3.48 1.62 0.82
CA CYS A 34 4.71 2.09 1.45
C CYS A 34 5.48 0.98 2.16
N ALA A 35 4.78 0.10 2.86
CA ALA A 35 5.44 -0.99 3.59
C ALA A 35 5.62 -2.21 2.71
N LEU A 36 4.86 -2.28 1.63
CA LEU A 36 4.94 -3.41 0.72
C LEU A 36 5.24 -2.94 -0.70
N LYS A 37 5.58 -1.66 -0.82
CA LYS A 37 5.91 -1.05 -2.11
C LYS A 37 5.24 -1.78 -3.27
N GLY A 38 3.93 -1.61 -3.38
CA GLY A 38 3.19 -2.22 -4.47
C GLY A 38 2.87 -1.17 -5.51
N GLU A 39 2.23 -1.57 -6.59
CA GLU A 39 1.88 -0.63 -7.63
C GLU A 39 0.42 -0.25 -7.53
N GLY A 40 -0.37 -1.07 -6.86
CA GLY A 40 -1.80 -0.79 -6.69
C GLY A 40 -2.28 -1.28 -5.34
N TRP A 41 -3.38 -0.71 -4.86
CA TRP A 41 -3.93 -1.11 -3.56
C TRP A 41 -5.39 -1.53 -3.68
N GLY A 42 -5.86 -2.29 -2.70
CA GLY A 42 -7.23 -2.76 -2.64
C GLY A 42 -7.53 -3.81 -3.69
N ASP A 43 -8.61 -4.57 -3.48
CA ASP A 43 -9.02 -5.60 -4.42
C ASP A 43 -9.14 -4.95 -5.80
N PRO A 44 -9.81 -3.78 -5.85
CA PRO A 44 -9.93 -2.99 -7.06
C PRO A 44 -8.70 -2.12 -7.19
N CYS A 45 -7.58 -2.78 -7.45
CA CYS A 45 -6.27 -2.13 -7.51
C CYS A 45 -6.38 -0.66 -7.91
N GLU A 46 -5.79 0.19 -7.09
CA GLU A 46 -5.76 1.62 -7.30
C GLU A 46 -4.31 2.11 -7.24
N LEU A 47 -3.75 2.41 -8.42
CA LEU A 47 -2.36 2.86 -8.52
C LEU A 47 -1.96 3.67 -7.28
N CYS A 48 -1.10 3.09 -6.46
CA CYS A 48 -0.63 3.75 -5.25
C CYS A 48 0.08 5.04 -5.60
N PRO A 49 0.20 5.97 -4.64
CA PRO A 49 0.86 7.26 -4.86
C PRO A 49 2.37 7.14 -4.77
N THR A 50 3.05 8.20 -5.19
CA THR A 50 4.50 8.25 -5.17
C THR A 50 4.95 9.60 -4.64
N GLU A 51 6.13 9.64 -4.03
CA GLU A 51 6.65 10.88 -3.47
C GLU A 51 7.17 11.80 -4.57
N PRO A 52 7.19 13.11 -4.31
CA PRO A 52 6.73 13.68 -3.04
C PRO A 52 5.23 14.02 -3.08
N ASP A 53 4.50 13.31 -3.93
CA ASP A 53 3.06 13.53 -4.08
C ASP A 53 2.38 13.60 -2.72
N GLU A 54 1.50 14.57 -2.55
CA GLU A 54 0.77 14.75 -1.29
C GLU A 54 0.25 13.39 -0.82
N ALA A 55 -0.39 12.66 -1.73
CA ALA A 55 -0.93 11.35 -1.40
C ALA A 55 0.16 10.46 -0.81
N PHE A 56 1.33 10.46 -1.44
CA PHE A 56 2.45 9.67 -0.98
C PHE A 56 2.67 9.92 0.51
N ARG A 57 3.01 11.16 0.84
CA ARG A 57 3.24 11.54 2.23
C ARG A 57 2.20 10.93 3.14
N GLN A 58 0.95 10.95 2.68
CA GLN A 58 -0.16 10.39 3.44
C GLN A 58 0.10 8.94 3.81
N ILE A 59 0.49 8.15 2.82
CA ILE A 59 0.77 6.72 3.04
C ILE A 59 2.14 6.53 3.66
N CYS A 60 2.88 7.62 3.80
CA CYS A 60 4.22 7.55 4.37
C CYS A 60 4.53 8.81 5.18
N PRO A 61 4.29 8.75 6.49
CA PRO A 61 4.56 9.87 7.41
C PRO A 61 6.04 9.93 7.78
N TYR A 62 6.69 8.77 7.77
CA TYR A 62 8.11 8.69 8.10
C TYR A 62 8.92 8.38 6.85
N GLY A 63 8.27 7.76 5.87
CA GLY A 63 8.92 7.41 4.61
C GLY A 63 8.62 5.96 4.24
N SER A 64 8.97 5.58 3.01
CA SER A 64 8.74 4.23 2.52
C SER A 64 9.13 3.19 3.58
N GLY A 65 8.19 2.87 4.46
CA GLY A 65 8.44 1.88 5.51
C GLY A 65 7.74 2.27 6.81
N ILE A 66 6.45 2.58 6.72
CA ILE A 66 5.68 2.96 7.89
C ILE A 66 5.34 1.72 8.72
N ILE A 67 5.01 0.64 8.02
CA ILE A 67 4.66 -0.62 8.65
C ILE A 67 5.19 -1.78 7.84
N VAL A 68 6.50 -2.01 7.92
CA VAL A 68 7.15 -3.09 7.18
C VAL A 68 6.19 -4.28 7.04
N GLY A 69 5.37 -4.49 8.05
CA GLY A 69 4.40 -5.58 8.04
C GLY A 69 4.14 -6.09 9.45
N PRO A 70 3.29 -7.12 9.57
CA PRO A 70 2.93 -7.72 10.87
C PRO A 70 4.18 -8.02 11.71
N ASP A 71 4.66 -7.02 12.42
CA ASP A 71 5.84 -7.17 13.28
C ASP A 71 7.00 -7.77 12.49
N ASP A 72 6.94 -7.65 11.17
CA ASP A 72 7.97 -8.20 10.30
C ASP A 72 8.33 -9.60 10.74
N SER A 73 7.53 -10.56 10.30
CA SER A 73 7.73 -11.95 10.66
C SER A 73 9.23 -12.26 10.79
N ALA A 74 9.67 -12.46 12.02
CA ALA A 74 11.07 -12.76 12.29
C ALA A 74 11.22 -14.20 12.75
N SER A 1 -0.86 8.31 10.33
CA SER A 1 -2.29 8.71 10.42
C SER A 1 -3.18 7.53 10.06
N ALA A 2 -4.50 7.71 10.20
CA ALA A 2 -5.46 6.66 9.90
C ALA A 2 -6.30 7.04 8.69
N GLN A 3 -6.42 6.12 7.74
CA GLN A 3 -7.19 6.35 6.54
C GLN A 3 -8.42 5.45 6.53
N ASP A 4 -9.19 5.51 7.61
CA ASP A 4 -10.39 4.69 7.74
C ASP A 4 -9.99 3.24 7.92
N LEU A 5 -8.79 3.05 8.45
CA LEU A 5 -8.23 1.73 8.70
C LEU A 5 -8.77 0.71 7.70
N ARG A 6 -8.76 1.07 6.41
CA ARG A 6 -9.22 0.16 5.39
C ARG A 6 -8.13 -0.80 5.05
N MET A 7 -8.47 -2.06 5.02
CA MET A 7 -7.50 -3.09 4.72
C MET A 7 -8.05 -4.09 3.72
N SER A 8 -7.51 -4.05 2.51
CA SER A 8 -7.92 -4.94 1.45
C SER A 8 -6.70 -5.62 0.86
N TYR A 9 -6.85 -6.16 -0.34
CA TYR A 9 -5.76 -6.85 -1.00
C TYR A 9 -4.81 -5.88 -1.70
N CYS A 10 -3.52 -6.09 -1.47
CA CYS A 10 -2.47 -5.26 -2.06
C CYS A 10 -1.94 -5.93 -3.33
N TYR A 11 -1.54 -5.13 -4.31
CA TYR A 11 -1.00 -5.67 -5.55
C TYR A 11 0.27 -4.91 -5.93
N ALA A 12 1.37 -5.63 -5.83
CA ALA A 12 2.70 -5.09 -6.09
C ALA A 12 2.90 -4.60 -7.52
N LYS A 13 2.00 -4.95 -8.45
CA LYS A 13 2.19 -4.49 -9.83
C LYS A 13 0.89 -4.12 -10.49
N PHE A 14 0.75 -2.84 -10.81
CA PHE A 14 -0.43 -2.33 -11.48
C PHE A 14 -0.21 -2.42 -12.99
N GLU A 15 -1.02 -3.23 -13.68
CA GLU A 15 -0.87 -3.39 -15.12
C GLU A 15 -1.96 -2.63 -15.87
N GLY A 16 -1.65 -1.41 -16.25
CA GLY A 16 -2.60 -0.57 -16.98
C GLY A 16 -3.85 -0.32 -16.16
N GLY A 17 -4.79 -1.26 -16.22
CA GLY A 17 -6.04 -1.13 -15.48
C GLY A 17 -6.35 -2.40 -14.69
N LYS A 18 -5.31 -3.10 -14.22
CA LYS A 18 -5.52 -4.31 -13.45
C LYS A 18 -4.54 -4.33 -12.29
N CYS A 19 -4.32 -5.50 -11.71
CA CYS A 19 -3.43 -5.62 -10.59
C CYS A 19 -2.81 -7.01 -10.54
N SER A 20 -1.58 -7.09 -10.08
CA SER A 20 -0.88 -8.37 -9.96
C SER A 20 -0.02 -8.38 -8.71
N SER A 21 0.55 -9.54 -8.40
CA SER A 21 1.39 -9.69 -7.21
C SER A 21 0.54 -9.45 -5.98
N PRO A 22 -0.53 -10.25 -5.83
CA PRO A 22 -1.46 -10.13 -4.71
C PRO A 22 -0.91 -10.72 -3.42
N LYS A 23 -0.85 -9.88 -2.39
CA LYS A 23 -0.35 -10.30 -1.08
C LYS A 23 -1.04 -11.57 -0.62
N SER A 24 -0.85 -11.91 0.65
CA SER A 24 -1.46 -13.11 1.23
C SER A 24 -2.62 -12.70 2.13
N ARG A 25 -2.47 -11.56 2.79
CA ARG A 25 -3.50 -11.03 3.68
C ARG A 25 -3.80 -9.59 3.30
N ASN A 26 -4.92 -9.07 3.80
CA ASN A 26 -5.31 -7.69 3.49
C ASN A 26 -4.69 -6.70 4.46
N HIS A 27 -4.11 -5.64 3.90
CA HIS A 27 -3.47 -4.58 4.67
C HIS A 27 -4.09 -3.26 4.24
N SER A 28 -3.59 -2.15 4.76
CA SER A 28 -4.09 -0.83 4.36
C SER A 28 -3.23 -0.32 3.21
N LYS A 29 -3.79 0.54 2.36
CA LYS A 29 -3.01 1.05 1.24
C LYS A 29 -1.75 1.75 1.72
N GLN A 30 -1.68 2.04 3.02
CA GLN A 30 -0.52 2.68 3.59
C GLN A 30 0.57 1.63 3.82
N GLU A 31 0.13 0.44 4.23
CA GLU A 31 1.05 -0.67 4.48
C GLU A 31 1.58 -1.23 3.17
N CYS A 32 0.70 -1.33 2.17
CA CYS A 32 1.08 -1.86 0.86
C CYS A 32 1.87 -0.85 0.04
N CYS A 33 1.39 0.37 -0.04
CA CYS A 33 2.04 1.41 -0.83
C CYS A 33 3.25 2.03 -0.13
N CYS A 34 3.41 1.77 1.18
CA CYS A 34 4.54 2.36 1.90
C CYS A 34 5.30 1.34 2.74
N ALA A 35 4.60 0.37 3.32
CA ALA A 35 5.25 -0.63 4.16
C ALA A 35 5.66 -1.85 3.34
N LEU A 36 5.08 -1.99 2.15
CA LEU A 36 5.39 -3.12 1.30
C LEU A 36 5.90 -2.66 -0.06
N LYS A 37 5.78 -1.37 -0.32
CA LYS A 37 6.24 -0.79 -1.59
C LYS A 37 5.69 -1.56 -2.78
N GLY A 38 4.38 -1.44 -3.00
CA GLY A 38 3.73 -2.12 -4.11
C GLY A 38 3.41 -1.12 -5.21
N GLU A 39 2.60 -1.52 -6.17
CA GLU A 39 2.22 -0.65 -7.27
C GLU A 39 0.85 -0.05 -7.01
N GLY A 40 0.02 -0.74 -6.25
CA GLY A 40 -1.33 -0.26 -5.93
C GLY A 40 -1.90 -1.00 -4.73
N TRP A 41 -3.14 -0.67 -4.36
CA TRP A 41 -3.78 -1.31 -3.20
C TRP A 41 -5.30 -1.38 -3.32
N GLY A 42 -5.89 -2.26 -2.50
CA GLY A 42 -7.34 -2.44 -2.45
C GLY A 42 -7.83 -3.50 -3.42
N ASP A 43 -8.99 -4.08 -3.10
CA ASP A 43 -9.58 -5.10 -3.97
C ASP A 43 -9.68 -4.49 -5.35
N PRO A 44 -10.23 -3.27 -5.43
CA PRO A 44 -10.32 -2.51 -6.68
C PRO A 44 -8.99 -1.80 -6.86
N CYS A 45 -7.97 -2.60 -7.17
CA CYS A 45 -6.61 -2.12 -7.32
C CYS A 45 -6.55 -0.66 -7.73
N GLU A 46 -5.91 0.13 -6.89
CA GLU A 46 -5.71 1.55 -7.10
C GLU A 46 -4.23 1.83 -7.25
N LEU A 47 -3.88 2.86 -8.00
CA LEU A 47 -2.48 3.19 -8.22
C LEU A 47 -1.87 3.89 -7.01
N CYS A 48 -0.96 3.18 -6.34
CA CYS A 48 -0.27 3.67 -5.15
C CYS A 48 0.62 4.86 -5.53
N PRO A 49 0.53 5.95 -4.76
CA PRO A 49 1.32 7.16 -4.98
C PRO A 49 2.80 6.97 -4.66
N THR A 50 3.61 7.90 -5.13
CA THR A 50 5.05 7.86 -4.89
C THR A 50 5.53 9.20 -4.36
N GLU A 51 6.62 9.19 -3.61
CA GLU A 51 7.18 10.41 -3.03
C GLU A 51 7.80 11.28 -4.11
N PRO A 52 7.82 12.60 -3.89
CA PRO A 52 7.29 13.23 -2.67
C PRO A 52 5.84 13.66 -2.83
N ASP A 53 5.12 12.96 -3.69
CA ASP A 53 3.71 13.26 -3.96
C ASP A 53 2.94 13.46 -2.66
N GLU A 54 2.05 14.45 -2.66
CA GLU A 54 1.24 14.73 -1.48
C GLU A 54 0.52 13.47 -1.02
N ALA A 55 0.14 12.64 -1.99
CA ALA A 55 -0.54 11.39 -1.67
C ALA A 55 0.43 10.43 -1.02
N PHE A 56 1.64 10.35 -1.56
CA PHE A 56 2.67 9.48 -1.01
C PHE A 56 2.76 9.68 0.49
N ARG A 57 3.04 10.92 0.91
CA ARG A 57 3.16 11.24 2.32
C ARG A 57 1.86 10.94 3.06
N GLN A 58 0.73 11.10 2.36
CA GLN A 58 -0.57 10.83 2.95
C GLN A 58 -0.58 9.44 3.58
N ILE A 59 0.22 8.55 3.02
CA ILE A 59 0.31 7.18 3.52
C ILE A 59 1.62 7.00 4.28
N CYS A 60 2.55 7.92 4.08
CA CYS A 60 3.85 7.86 4.75
C CYS A 60 4.08 9.15 5.53
N PRO A 61 3.78 9.12 6.84
CA PRO A 61 3.95 10.29 7.72
C PRO A 61 5.41 10.55 8.05
N TYR A 62 6.20 9.47 8.10
CA TYR A 62 7.63 9.58 8.40
C TYR A 62 8.46 9.15 7.20
N GLY A 63 7.90 8.26 6.40
CA GLY A 63 8.59 7.76 5.22
C GLY A 63 8.35 6.27 5.03
N SER A 64 8.89 5.71 3.96
CA SER A 64 8.72 4.29 3.67
C SER A 64 9.10 3.46 4.89
N GLY A 65 8.14 3.24 5.77
CA GLY A 65 8.37 2.46 6.98
C GLY A 65 7.08 2.25 7.74
N ILE A 66 6.81 3.14 8.70
CA ILE A 66 5.60 3.05 9.51
C ILE A 66 5.49 1.67 10.13
N ILE A 67 4.90 0.74 9.40
CA ILE A 67 4.74 -0.64 9.88
C ILE A 67 5.22 -1.61 8.81
N VAL A 68 6.53 -1.79 8.73
CA VAL A 68 7.16 -2.69 7.76
C VAL A 68 6.18 -3.78 7.31
N GLY A 69 6.11 -4.86 8.08
CA GLY A 69 5.21 -5.96 7.75
C GLY A 69 5.38 -7.11 8.74
N PRO A 70 4.30 -7.86 8.99
CA PRO A 70 4.31 -8.99 9.93
C PRO A 70 4.83 -10.27 9.28
N ASP A 71 5.90 -10.13 8.52
CA ASP A 71 6.51 -11.26 7.83
C ASP A 71 7.61 -10.78 6.90
N ASP A 72 7.42 -9.56 6.37
CA ASP A 72 8.38 -8.97 5.47
C ASP A 72 9.18 -7.88 6.19
N SER A 73 10.49 -8.09 6.29
CA SER A 73 11.37 -7.13 6.96
C SER A 73 11.84 -6.08 5.97
N ALA A 74 12.93 -6.37 5.27
CA ALA A 74 13.50 -5.45 4.29
C ALA A 74 12.95 -5.75 2.91
N SER A 1 -0.88 8.45 10.66
CA SER A 1 -1.94 7.44 10.93
C SER A 1 -2.51 6.92 9.62
N ALA A 2 -3.32 5.86 9.71
CA ALA A 2 -3.94 5.27 8.53
C ALA A 2 -5.18 6.06 8.12
N GLN A 3 -5.36 6.27 6.83
CA GLN A 3 -6.51 7.01 6.33
C GLN A 3 -7.70 6.07 6.17
N ASP A 4 -8.73 6.31 6.97
CA ASP A 4 -9.94 5.50 6.93
C ASP A 4 -9.59 4.06 7.25
N LEU A 5 -8.50 3.89 8.00
CA LEU A 5 -8.02 2.57 8.42
C LEU A 5 -8.49 1.48 7.46
N ARG A 6 -8.28 1.69 6.16
CA ARG A 6 -8.68 0.72 5.17
C ARG A 6 -7.64 -0.39 5.07
N MET A 7 -8.11 -1.60 4.83
CA MET A 7 -7.22 -2.74 4.73
C MET A 7 -7.74 -3.71 3.67
N SER A 8 -7.22 -3.57 2.45
CA SER A 8 -7.63 -4.43 1.35
C SER A 8 -6.43 -5.11 0.74
N TYR A 9 -6.67 -5.91 -0.29
CA TYR A 9 -5.61 -6.63 -0.97
C TYR A 9 -4.62 -5.68 -1.61
N CYS A 10 -3.33 -5.90 -1.32
CA CYS A 10 -2.26 -5.09 -1.87
C CYS A 10 -1.75 -5.77 -3.13
N TYR A 11 -1.39 -4.98 -4.14
CA TYR A 11 -0.89 -5.58 -5.36
C TYR A 11 0.53 -5.11 -5.62
N ALA A 12 1.33 -6.03 -6.12
CA ALA A 12 2.73 -5.76 -6.39
C ALA A 12 2.95 -5.26 -7.81
N LYS A 13 1.95 -5.44 -8.68
CA LYS A 13 2.08 -4.99 -10.06
C LYS A 13 0.79 -4.38 -10.56
N PHE A 14 0.84 -3.11 -10.89
CA PHE A 14 -0.32 -2.40 -11.40
C PHE A 14 -0.06 -2.00 -12.86
N GLU A 15 -0.89 -2.49 -13.77
CA GLU A 15 -0.71 -2.18 -15.19
C GLU A 15 -1.52 -0.96 -15.61
N GLY A 16 -1.27 0.17 -14.94
CA GLY A 16 -1.97 1.42 -15.24
C GLY A 16 -3.38 1.16 -15.75
N GLY A 17 -4.01 0.11 -15.23
CA GLY A 17 -5.36 -0.25 -15.64
C GLY A 17 -5.86 -1.43 -14.82
N LYS A 18 -4.95 -2.35 -14.53
CA LYS A 18 -5.28 -3.53 -13.74
C LYS A 18 -4.20 -3.75 -12.69
N CYS A 19 -4.16 -4.95 -12.12
CA CYS A 19 -3.16 -5.25 -11.10
C CYS A 19 -2.93 -6.75 -10.99
N SER A 20 -1.90 -7.11 -10.24
CA SER A 20 -1.54 -8.51 -10.04
C SER A 20 -0.65 -8.66 -8.81
N SER A 21 -0.45 -9.90 -8.37
CA SER A 21 0.37 -10.18 -7.21
C SER A 21 -0.29 -9.65 -5.95
N PRO A 22 -1.52 -10.11 -5.67
CA PRO A 22 -2.29 -9.67 -4.50
C PRO A 22 -1.93 -10.47 -3.25
N LYS A 23 -1.51 -9.75 -2.21
CA LYS A 23 -1.14 -10.40 -0.95
C LYS A 23 -2.24 -11.36 -0.52
N SER A 24 -1.88 -12.33 0.31
CA SER A 24 -2.84 -13.32 0.80
C SER A 24 -3.99 -12.63 1.54
N ARG A 25 -3.68 -12.06 2.70
CA ARG A 25 -4.68 -11.37 3.51
C ARG A 25 -4.82 -9.93 3.04
N ASN A 26 -5.34 -9.07 3.92
CA ASN A 26 -5.52 -7.67 3.59
C ASN A 26 -4.69 -6.77 4.48
N HIS A 27 -4.20 -5.70 3.87
CA HIS A 27 -3.37 -4.70 4.53
C HIS A 27 -3.89 -3.33 4.14
N SER A 28 -3.34 -2.26 4.72
CA SER A 28 -3.76 -0.91 4.38
C SER A 28 -2.90 -0.38 3.23
N LYS A 29 -3.36 0.67 2.55
CA LYS A 29 -2.60 1.25 1.45
C LYS A 29 -1.32 1.88 1.98
N GLN A 30 -1.23 1.99 3.30
CA GLN A 30 -0.06 2.55 3.94
C GLN A 30 0.91 1.40 4.17
N GLU A 31 0.34 0.23 4.37
CA GLU A 31 1.10 -0.99 4.59
C GLU A 31 1.70 -1.49 3.28
N CYS A 32 0.99 -1.21 2.18
CA CYS A 32 1.41 -1.65 0.86
C CYS A 32 2.14 -0.55 0.10
N CYS A 33 1.57 0.66 0.13
CA CYS A 33 2.15 1.78 -0.59
C CYS A 33 3.26 2.48 0.21
N CYS A 34 3.40 2.17 1.49
CA CYS A 34 4.43 2.80 2.31
C CYS A 34 5.52 1.83 2.74
N ALA A 35 5.13 0.74 3.39
CA ALA A 35 6.08 -0.23 3.89
C ALA A 35 6.41 -1.28 2.81
N LEU A 36 5.55 -1.39 1.81
CA LEU A 36 5.79 -2.35 0.74
C LEU A 36 5.88 -1.66 -0.61
N LYS A 37 5.56 -0.37 -0.63
CA LYS A 37 5.62 0.44 -1.85
C LYS A 37 5.50 -0.41 -3.10
N GLY A 38 4.49 -1.28 -3.15
CA GLY A 38 4.28 -2.13 -4.31
C GLY A 38 3.98 -1.29 -5.53
N GLU A 39 3.01 -1.74 -6.32
CA GLU A 39 2.62 -1.00 -7.51
C GLU A 39 1.23 -0.41 -7.32
N GLY A 40 0.39 -1.11 -6.56
CA GLY A 40 -0.97 -0.63 -6.29
C GLY A 40 -1.49 -1.25 -5.00
N TRP A 41 -2.71 -0.87 -4.62
CA TRP A 41 -3.28 -1.39 -3.38
C TRP A 41 -4.80 -1.47 -3.44
N GLY A 42 -5.38 -2.21 -2.48
CA GLY A 42 -6.82 -2.38 -2.38
C GLY A 42 -7.32 -3.45 -3.34
N ASP A 43 -8.52 -3.99 -3.06
CA ASP A 43 -9.09 -5.01 -3.92
C ASP A 43 -9.11 -4.45 -5.33
N PRO A 44 -9.71 -3.26 -5.49
CA PRO A 44 -9.73 -2.55 -6.76
C PRO A 44 -8.43 -1.77 -6.87
N CYS A 45 -7.35 -2.52 -7.09
CA CYS A 45 -6.01 -1.96 -7.15
C CYS A 45 -6.01 -0.51 -7.62
N GLU A 46 -5.27 0.30 -6.88
CA GLU A 46 -5.13 1.72 -7.16
C GLU A 46 -3.65 2.09 -7.07
N LEU A 47 -3.09 2.51 -8.18
CA LEU A 47 -1.68 2.89 -8.24
C LEU A 47 -1.25 3.59 -6.95
N CYS A 48 -0.38 2.94 -6.19
CA CYS A 48 0.11 3.51 -4.92
C CYS A 48 0.90 4.78 -5.20
N PRO A 49 0.66 5.85 -4.42
CA PRO A 49 1.36 7.13 -4.59
C PRO A 49 2.86 7.00 -4.30
N THR A 50 3.59 8.07 -4.63
CA THR A 50 5.03 8.09 -4.42
C THR A 50 5.45 9.43 -3.80
N GLU A 51 6.56 9.41 -3.07
CA GLU A 51 7.05 10.62 -2.41
C GLU A 51 7.76 11.53 -3.41
N PRO A 52 7.74 12.84 -3.16
CA PRO A 52 7.09 13.43 -1.99
C PRO A 52 5.67 13.88 -2.30
N ASP A 53 5.02 13.18 -3.22
CA ASP A 53 3.65 13.52 -3.63
C ASP A 53 2.74 13.63 -2.42
N GLU A 54 1.75 14.51 -2.53
CA GLU A 54 0.79 14.72 -1.45
C GLU A 54 0.15 13.39 -1.06
N ALA A 55 -0.27 12.63 -2.07
CA ALA A 55 -0.88 11.33 -1.84
C ALA A 55 0.06 10.46 -1.02
N PHE A 56 1.33 10.51 -1.36
CA PHE A 56 2.35 9.74 -0.64
C PHE A 56 2.30 10.06 0.85
N ARG A 57 2.44 11.34 1.16
CA ARG A 57 2.40 11.80 2.54
C ARG A 57 1.20 11.21 3.27
N GLN A 58 0.11 11.03 2.52
CA GLN A 58 -1.12 10.48 3.09
C GLN A 58 -0.89 9.07 3.62
N ILE A 59 -0.27 8.23 2.78
CA ILE A 59 0.01 6.84 3.15
C ILE A 59 1.39 6.72 3.77
N CYS A 60 2.07 7.84 3.93
CA CYS A 60 3.41 7.83 4.50
C CYS A 60 3.65 9.05 5.38
N PRO A 61 3.17 9.00 6.63
CA PRO A 61 3.33 10.09 7.59
C PRO A 61 4.71 10.08 8.24
N TYR A 62 5.26 8.89 8.43
CA TYR A 62 6.58 8.74 9.04
C TYR A 62 7.63 8.57 7.95
N GLY A 63 7.28 7.83 6.91
CA GLY A 63 8.19 7.58 5.79
C GLY A 63 7.87 6.25 5.14
N SER A 64 8.54 5.97 4.02
CA SER A 64 8.34 4.74 3.27
C SER A 64 9.04 3.57 3.96
N GLY A 65 8.40 3.01 4.99
CA GLY A 65 8.97 1.89 5.73
C GLY A 65 8.28 1.72 7.07
N ILE A 66 9.06 1.67 8.13
CA ILE A 66 8.54 1.51 9.48
C ILE A 66 7.28 0.65 9.45
N ILE A 67 7.27 -0.32 8.54
CA ILE A 67 6.14 -1.21 8.36
C ILE A 67 4.83 -0.56 8.80
N VAL A 68 4.57 0.61 8.23
CA VAL A 68 3.34 1.34 8.54
C VAL A 68 2.17 0.38 8.72
N GLY A 69 2.24 -0.78 8.06
CA GLY A 69 1.19 -1.78 8.16
C GLY A 69 1.09 -2.33 9.57
N PRO A 70 0.25 -3.36 9.75
CA PRO A 70 0.04 -3.99 11.06
C PRO A 70 1.11 -5.03 11.36
N ASP A 71 2.37 -4.63 11.26
CA ASP A 71 3.48 -5.54 11.52
C ASP A 71 3.41 -6.72 10.57
N ASP A 72 3.05 -6.45 9.32
CA ASP A 72 2.94 -7.50 8.31
C ASP A 72 4.29 -7.72 7.63
N SER A 73 5.35 -7.70 8.42
CA SER A 73 6.69 -7.90 7.91
C SER A 73 7.32 -9.14 8.51
N ALA A 74 7.08 -10.29 7.88
CA ALA A 74 7.62 -11.56 8.36
C ALA A 74 7.37 -11.71 9.85
N SER A 1 -5.28 10.40 11.35
CA SER A 1 -4.16 10.04 10.45
C SER A 1 -4.25 8.56 10.08
N ALA A 2 -3.14 8.02 9.58
CA ALA A 2 -3.09 6.61 9.19
C ALA A 2 -4.14 6.29 8.14
N GLN A 3 -4.30 5.01 7.86
CA GLN A 3 -5.28 4.54 6.90
C GLN A 3 -6.67 4.61 7.50
N ASP A 4 -7.62 4.01 6.80
CA ASP A 4 -9.00 3.95 7.24
C ASP A 4 -9.24 2.56 7.80
N LEU A 5 -8.18 1.98 8.32
CA LEU A 5 -8.21 0.64 8.90
C LEU A 5 -8.88 -0.33 7.95
N ARG A 6 -8.87 -0.02 6.65
CA ARG A 6 -9.45 -0.88 5.66
C ARG A 6 -8.38 -1.80 5.14
N MET A 7 -8.67 -3.08 5.17
CA MET A 7 -7.71 -4.06 4.72
C MET A 7 -8.23 -4.81 3.52
N SER A 8 -7.50 -4.71 2.43
CA SER A 8 -7.86 -5.38 1.19
C SER A 8 -6.59 -5.82 0.48
N TYR A 9 -6.65 -7.01 -0.09
CA TYR A 9 -5.52 -7.59 -0.80
C TYR A 9 -4.68 -6.51 -1.48
N CYS A 10 -3.38 -6.57 -1.28
CA CYS A 10 -2.45 -5.61 -1.86
C CYS A 10 -1.95 -6.14 -3.19
N TYR A 11 -1.44 -5.24 -4.03
CA TYR A 11 -0.92 -5.63 -5.33
C TYR A 11 0.34 -4.84 -5.63
N ALA A 12 1.47 -5.48 -5.41
CA ALA A 12 2.77 -4.87 -5.63
C ALA A 12 2.82 -4.15 -6.97
N LYS A 13 1.93 -4.51 -7.89
CA LYS A 13 1.91 -3.89 -9.20
C LYS A 13 0.51 -3.46 -9.60
N PHE A 14 0.46 -2.54 -10.55
CA PHE A 14 -0.78 -2.02 -11.10
C PHE A 14 -0.53 -1.55 -12.52
N GLU A 15 -1.07 -2.29 -13.49
CA GLU A 15 -0.88 -1.95 -14.90
C GLU A 15 -1.91 -0.93 -15.35
N GLY A 16 -1.83 0.28 -14.78
CA GLY A 16 -2.73 1.37 -15.12
C GLY A 16 -4.08 0.86 -15.60
N GLY A 17 -4.56 -0.20 -14.96
CA GLY A 17 -5.84 -0.80 -15.32
C GLY A 17 -6.11 -2.03 -14.48
N LYS A 18 -5.05 -2.79 -14.18
CA LYS A 18 -5.17 -3.99 -13.38
C LYS A 18 -4.05 -4.02 -12.35
N CYS A 19 -3.87 -5.16 -11.70
CA CYS A 19 -2.84 -5.29 -10.69
C CYS A 19 -2.13 -6.63 -10.81
N SER A 20 -0.97 -6.73 -10.18
CA SER A 20 -0.18 -7.95 -10.20
C SER A 20 0.57 -8.12 -8.88
N SER A 21 0.93 -9.35 -8.55
CA SER A 21 1.65 -9.63 -7.31
C SER A 21 0.74 -9.38 -6.12
N PRO A 22 -0.35 -10.14 -6.04
CA PRO A 22 -1.33 -10.01 -4.94
C PRO A 22 -0.87 -10.71 -3.67
N LYS A 23 -0.68 -9.93 -2.61
CA LYS A 23 -0.23 -10.49 -1.33
C LYS A 23 -1.21 -11.54 -0.84
N SER A 24 -0.74 -12.39 0.08
CA SER A 24 -1.57 -13.45 0.64
C SER A 24 -2.55 -12.88 1.65
N ARG A 25 -2.03 -12.11 2.61
CA ARG A 25 -2.87 -11.51 3.63
C ARG A 25 -3.24 -10.09 3.24
N ASN A 26 -4.17 -9.49 3.97
CA ASN A 26 -4.63 -8.15 3.68
C ASN A 26 -3.95 -7.10 4.56
N HIS A 27 -3.91 -5.88 4.05
CA HIS A 27 -3.31 -4.74 4.73
C HIS A 27 -4.06 -3.50 4.28
N SER A 28 -3.63 -2.32 4.70
CA SER A 28 -4.28 -1.10 4.24
C SER A 28 -3.58 -0.60 3.00
N LYS A 29 -4.16 0.37 2.31
CA LYS A 29 -3.54 0.89 1.10
C LYS A 29 -2.27 1.64 1.40
N GLN A 30 -2.14 2.15 2.61
CA GLN A 30 -0.92 2.84 3.02
C GLN A 30 0.04 1.82 3.61
N GLU A 31 -0.50 0.64 3.94
CA GLU A 31 0.29 -0.46 4.49
C GLU A 31 1.02 -1.17 3.38
N CYS A 32 0.38 -1.24 2.22
CA CYS A 32 0.94 -1.92 1.05
C CYS A 32 1.74 -0.95 0.19
N CYS A 33 1.31 0.29 0.13
CA CYS A 33 1.98 1.30 -0.68
C CYS A 33 3.23 1.84 0.01
N CYS A 34 3.25 1.87 1.33
CA CYS A 34 4.40 2.40 2.06
C CYS A 34 5.22 1.34 2.76
N ALA A 35 4.56 0.35 3.37
CA ALA A 35 5.27 -0.70 4.09
C ALA A 35 5.65 -1.83 3.16
N LEU A 36 4.86 -2.02 2.10
CA LEU A 36 5.12 -3.07 1.14
C LEU A 36 5.51 -2.49 -0.23
N LYS A 37 5.22 -1.21 -0.42
CA LYS A 37 5.54 -0.53 -1.66
C LYS A 37 4.92 -1.24 -2.85
N GLY A 38 3.61 -1.14 -3.00
CA GLY A 38 2.91 -1.76 -4.12
C GLY A 38 2.46 -0.68 -5.10
N GLU A 39 1.85 -1.10 -6.20
CA GLU A 39 1.39 -0.15 -7.20
C GLU A 39 -0.13 -0.06 -7.21
N GLY A 40 -0.78 -0.99 -6.50
CA GLY A 40 -2.25 -0.99 -6.43
C GLY A 40 -2.72 -1.73 -5.18
N TRP A 41 -3.60 -1.11 -4.40
CA TRP A 41 -4.09 -1.73 -3.17
C TRP A 41 -5.51 -2.26 -3.30
N GLY A 42 -5.82 -3.25 -2.45
CA GLY A 42 -7.15 -3.86 -2.39
C GLY A 42 -7.43 -4.75 -3.59
N ASP A 43 -8.46 -5.59 -3.45
CA ASP A 43 -8.87 -6.48 -4.55
C ASP A 43 -9.07 -5.62 -5.78
N PRO A 44 -9.79 -4.50 -5.62
CA PRO A 44 -10.01 -3.53 -6.69
C PRO A 44 -8.82 -2.58 -6.70
N CYS A 45 -7.66 -3.14 -7.00
CA CYS A 45 -6.40 -2.41 -7.01
C CYS A 45 -6.60 -0.95 -7.32
N GLU A 46 -6.14 -0.11 -6.40
CA GLU A 46 -6.22 1.33 -6.53
C GLU A 46 -4.81 1.89 -6.60
N LEU A 47 -4.40 2.29 -7.80
CA LEU A 47 -3.06 2.82 -8.02
C LEU A 47 -2.59 3.62 -6.81
N CYS A 48 -1.56 3.14 -6.15
CA CYS A 48 -1.00 3.79 -4.97
C CYS A 48 -0.02 4.89 -5.40
N PRO A 49 0.18 5.90 -4.53
CA PRO A 49 1.09 7.01 -4.82
C PRO A 49 2.55 6.65 -4.60
N THR A 50 3.44 7.54 -5.02
CA THR A 50 4.88 7.32 -4.88
C THR A 50 5.56 8.61 -4.42
N GLU A 51 6.72 8.47 -3.80
CA GLU A 51 7.48 9.62 -3.31
C GLU A 51 8.14 10.35 -4.47
N PRO A 52 8.29 11.68 -4.35
CA PRO A 52 7.86 12.45 -3.18
C PRO A 52 6.45 13.03 -3.36
N ASP A 53 5.65 12.37 -4.18
CA ASP A 53 4.29 12.82 -4.46
C ASP A 53 3.55 13.17 -3.17
N GLU A 54 2.84 14.29 -3.19
CA GLU A 54 2.09 14.74 -2.03
C GLU A 54 1.34 13.56 -1.41
N ALA A 55 0.55 12.87 -2.23
CA ALA A 55 -0.22 11.72 -1.77
C ALA A 55 0.70 10.74 -1.07
N PHE A 56 1.84 10.44 -1.68
CA PHE A 56 2.80 9.51 -1.10
C PHE A 56 3.06 9.89 0.35
N ARG A 57 3.42 11.15 0.56
CA ARG A 57 3.70 11.66 1.90
C ARG A 57 2.53 11.40 2.82
N GLN A 58 1.31 11.52 2.28
CA GLN A 58 0.11 11.29 3.07
C GLN A 58 0.16 9.93 3.74
N ILE A 59 0.66 8.93 3.01
CA ILE A 59 0.77 7.58 3.54
C ILE A 59 2.19 7.33 4.04
N CYS A 60 3.07 8.29 3.81
CA CYS A 60 4.47 8.19 4.24
C CYS A 60 4.98 9.55 4.70
N PRO A 61 4.57 9.98 5.89
CA PRO A 61 4.98 11.27 6.44
C PRO A 61 6.48 11.32 6.71
N TYR A 62 7.06 10.15 6.96
CA TYR A 62 8.49 10.04 7.23
C TYR A 62 9.17 9.23 6.14
N GLY A 63 8.37 8.50 5.38
CA GLY A 63 8.88 7.66 4.29
C GLY A 63 8.40 6.23 4.43
N SER A 64 8.77 5.40 3.46
CA SER A 64 8.38 3.99 3.47
C SER A 64 8.75 3.35 4.80
N GLY A 65 7.83 3.41 5.76
CA GLY A 65 8.06 2.85 7.08
C GLY A 65 6.76 2.73 7.86
N ILE A 66 6.60 3.57 8.88
CA ILE A 66 5.39 3.55 9.71
C ILE A 66 5.18 2.16 10.30
N ILE A 67 4.53 1.29 9.55
CA ILE A 67 4.27 -0.08 10.00
C ILE A 67 4.92 -1.07 9.06
N VAL A 68 6.25 -1.15 9.12
CA VAL A 68 7.00 -2.07 8.26
C VAL A 68 6.21 -3.35 8.01
N GLY A 69 5.42 -3.76 8.99
CA GLY A 69 4.62 -4.96 8.87
C GLY A 69 5.33 -6.16 9.49
N PRO A 70 4.80 -7.37 9.25
CA PRO A 70 5.39 -8.62 9.78
C PRO A 70 6.74 -8.92 9.15
N ASP A 71 7.79 -8.27 9.67
CA ASP A 71 9.15 -8.48 9.17
C ASP A 71 9.23 -8.11 7.69
N ASP A 72 8.22 -7.41 7.19
CA ASP A 72 8.19 -6.99 5.80
C ASP A 72 8.66 -8.12 4.91
N SER A 73 8.29 -9.34 5.28
CA SER A 73 8.67 -10.54 4.54
C SER A 73 10.09 -10.39 3.99
N ALA A 74 11.06 -10.92 4.72
CA ALA A 74 12.45 -10.84 4.30
C ALA A 74 12.78 -9.44 3.81
N SER A 1 -6.82 8.56 12.27
CA SER A 1 -5.56 7.98 12.83
C SER A 1 -5.20 6.70 12.08
N ALA A 2 -3.96 6.26 12.25
CA ALA A 2 -3.48 5.04 11.59
C ALA A 2 -3.76 5.09 10.11
N GLN A 3 -3.52 3.97 9.44
CA GLN A 3 -3.75 3.85 8.02
C GLN A 3 -5.18 3.41 7.77
N ASP A 4 -5.66 3.63 6.55
CA ASP A 4 -7.01 3.25 6.18
C ASP A 4 -7.33 1.88 6.75
N LEU A 5 -7.90 1.87 7.94
CA LEU A 5 -8.25 0.64 8.63
C LEU A 5 -8.73 -0.43 7.67
N ARG A 6 -9.29 -0.03 6.53
CA ARG A 6 -9.77 -0.98 5.57
C ARG A 6 -8.61 -1.80 5.04
N MET A 7 -8.62 -3.08 5.37
CA MET A 7 -7.57 -3.97 4.93
C MET A 7 -8.02 -4.76 3.73
N SER A 8 -7.43 -4.45 2.61
CA SER A 8 -7.74 -5.11 1.35
C SER A 8 -6.46 -5.69 0.77
N TYR A 9 -6.61 -6.49 -0.27
CA TYR A 9 -5.46 -7.12 -0.91
C TYR A 9 -4.50 -6.05 -1.44
N CYS A 10 -3.23 -6.21 -1.11
CA CYS A 10 -2.21 -5.27 -1.56
C CYS A 10 -1.62 -5.78 -2.86
N TYR A 11 -1.31 -4.89 -3.78
CA TYR A 11 -0.74 -5.32 -5.05
C TYR A 11 0.61 -4.68 -5.25
N ALA A 12 1.48 -5.38 -5.94
CA ALA A 12 2.81 -4.91 -6.19
C ALA A 12 2.95 -4.31 -7.58
N LYS A 13 2.00 -4.60 -8.47
CA LYS A 13 2.07 -4.06 -9.82
C LYS A 13 0.70 -3.69 -10.34
N PHE A 14 0.50 -2.41 -10.59
CA PHE A 14 -0.75 -1.91 -11.12
C PHE A 14 -0.56 -1.45 -12.56
N GLU A 15 -1.28 -2.06 -13.50
CA GLU A 15 -1.15 -1.70 -14.91
C GLU A 15 -2.22 -0.70 -15.34
N GLY A 16 -2.16 0.50 -14.76
CA GLY A 16 -3.11 1.58 -15.07
C GLY A 16 -4.41 1.03 -15.63
N GLY A 17 -4.93 -0.02 -15.01
CA GLY A 17 -6.17 -0.64 -15.45
C GLY A 17 -6.41 -1.95 -14.71
N LYS A 18 -5.33 -2.61 -14.32
CA LYS A 18 -5.43 -3.86 -13.60
C LYS A 18 -4.35 -3.89 -12.52
N CYS A 19 -4.08 -5.08 -11.98
CA CYS A 19 -3.07 -5.22 -10.94
C CYS A 19 -2.59 -6.64 -10.84
N SER A 20 -1.50 -6.84 -10.10
CA SER A 20 -0.93 -8.17 -9.92
C SER A 20 -0.08 -8.23 -8.66
N SER A 21 0.34 -9.42 -8.28
CA SER A 21 1.14 -9.61 -7.09
C SER A 21 0.35 -9.24 -5.84
N PRO A 22 -0.81 -9.89 -5.66
CA PRO A 22 -1.70 -9.64 -4.52
C PRO A 22 -1.29 -10.41 -3.27
N LYS A 23 -0.74 -9.71 -2.29
CA LYS A 23 -0.32 -10.33 -1.04
C LYS A 23 -1.42 -11.22 -0.47
N SER A 24 -1.07 -12.45 -0.14
CA SER A 24 -2.04 -13.39 0.43
C SER A 24 -2.83 -12.72 1.54
N ARG A 25 -2.13 -11.99 2.40
CA ARG A 25 -2.76 -11.29 3.51
C ARG A 25 -3.07 -9.86 3.10
N ASN A 26 -4.09 -9.27 3.73
CA ASN A 26 -4.47 -7.90 3.41
C ASN A 26 -3.80 -6.91 4.36
N HIS A 27 -3.53 -5.72 3.83
CA HIS A 27 -2.89 -4.65 4.59
C HIS A 27 -3.39 -3.32 4.05
N SER A 28 -3.75 -2.39 4.93
CA SER A 28 -4.25 -1.11 4.47
C SER A 28 -3.40 -0.61 3.32
N LYS A 29 -3.87 0.41 2.65
CA LYS A 29 -3.16 0.97 1.51
C LYS A 29 -1.86 1.62 1.96
N GLN A 30 -1.84 2.11 3.19
CA GLN A 30 -0.63 2.73 3.71
C GLN A 30 0.41 1.67 3.98
N GLU A 31 -0.05 0.45 4.28
CA GLU A 31 0.85 -0.66 4.53
C GLU A 31 1.27 -1.26 3.21
N CYS A 32 0.40 -1.16 2.21
CA CYS A 32 0.66 -1.70 0.89
C CYS A 32 1.75 -0.91 0.18
N CYS A 33 1.48 0.36 -0.05
CA CYS A 33 2.40 1.24 -0.75
C CYS A 33 3.53 1.76 0.15
N CYS A 34 3.34 1.70 1.46
CA CYS A 34 4.36 2.22 2.38
C CYS A 34 5.08 1.12 3.16
N ALA A 35 4.34 0.23 3.82
CA ALA A 35 4.96 -0.84 4.61
C ALA A 35 5.23 -2.06 3.77
N LEU A 36 4.72 -2.07 2.54
CA LEU A 36 4.93 -3.22 1.67
C LEU A 36 5.37 -2.79 0.27
N LYS A 37 5.62 -1.50 0.11
CA LYS A 37 6.08 -0.94 -1.17
C LYS A 37 5.52 -1.72 -2.34
N GLY A 38 4.30 -1.37 -2.75
CA GLY A 38 3.64 -2.01 -3.88
C GLY A 38 3.36 -0.99 -4.98
N GLU A 39 2.47 -1.33 -5.90
CA GLU A 39 2.13 -0.43 -6.99
C GLU A 39 0.64 -0.08 -6.98
N GLY A 40 -0.12 -0.81 -6.16
CA GLY A 40 -1.56 -0.57 -6.05
C GLY A 40 -2.10 -1.16 -4.76
N TRP A 41 -3.36 -0.83 -4.44
CA TRP A 41 -3.96 -1.35 -3.21
C TRP A 41 -5.44 -1.70 -3.40
N GLY A 42 -5.93 -2.58 -2.54
CA GLY A 42 -7.33 -3.01 -2.54
C GLY A 42 -7.63 -3.96 -3.68
N ASP A 43 -8.71 -4.73 -3.52
CA ASP A 43 -9.12 -5.68 -4.55
C ASP A 43 -9.24 -4.91 -5.86
N PRO A 44 -9.87 -3.73 -5.81
CA PRO A 44 -10.00 -2.83 -6.96
C PRO A 44 -8.77 -1.96 -7.01
N CYS A 45 -7.63 -2.63 -7.19
CA CYS A 45 -6.33 -1.98 -7.17
C CYS A 45 -6.39 -0.53 -7.61
N GLU A 46 -5.86 0.32 -6.74
CA GLU A 46 -5.78 1.75 -6.96
C GLU A 46 -4.32 2.15 -6.93
N LEU A 47 -3.83 2.68 -8.05
CA LEU A 47 -2.44 3.07 -8.18
C LEU A 47 -1.95 3.79 -6.92
N CYS A 48 -0.82 3.34 -6.39
CA CYS A 48 -0.23 3.92 -5.20
C CYS A 48 0.82 4.96 -5.57
N PRO A 49 0.96 6.01 -4.76
CA PRO A 49 1.92 7.10 -5.01
C PRO A 49 3.33 6.76 -4.54
N THR A 50 4.28 7.60 -4.91
CA THR A 50 5.68 7.42 -4.53
C THR A 50 6.19 8.68 -3.84
N GLU A 51 7.16 8.51 -2.95
CA GLU A 51 7.72 9.64 -2.22
C GLU A 51 8.64 10.45 -3.11
N PRO A 52 8.78 11.76 -2.82
CA PRO A 52 8.11 12.42 -1.71
C PRO A 52 6.81 13.08 -2.14
N ASP A 53 6.14 12.47 -3.11
CA ASP A 53 4.90 13.01 -3.65
C ASP A 53 3.86 13.20 -2.55
N GLU A 54 3.09 14.27 -2.66
CA GLU A 54 2.05 14.57 -1.68
C GLU A 54 1.20 13.33 -1.43
N ALA A 55 0.94 12.59 -2.51
CA ALA A 55 0.14 11.37 -2.40
C ALA A 55 0.87 10.37 -1.52
N PHE A 56 2.18 10.24 -1.71
CA PHE A 56 3.00 9.33 -0.93
C PHE A 56 2.76 9.57 0.56
N ARG A 57 2.89 10.83 0.97
CA ARG A 57 2.70 11.18 2.37
C ARG A 57 1.27 10.88 2.81
N GLN A 58 0.35 10.89 1.85
CA GLN A 58 -1.05 10.60 2.13
C GLN A 58 -1.17 9.20 2.72
N ILE A 59 -0.25 8.34 2.32
CA ILE A 59 -0.21 6.96 2.81
C ILE A 59 1.09 6.69 3.55
N CYS A 60 1.94 7.71 3.64
CA CYS A 60 3.22 7.57 4.32
C CYS A 60 3.45 8.72 5.29
N PRO A 61 2.85 8.62 6.49
CA PRO A 61 2.99 9.65 7.53
C PRO A 61 4.33 9.56 8.24
N TYR A 62 4.74 8.34 8.57
CA TYR A 62 6.02 8.11 9.25
C TYR A 62 7.15 8.11 8.23
N GLY A 63 6.94 7.47 7.10
CA GLY A 63 7.94 7.39 6.05
C GLY A 63 7.67 6.21 5.12
N SER A 64 8.32 5.09 5.40
CA SER A 64 8.16 3.89 4.59
C SER A 64 7.20 2.91 5.27
N GLY A 65 6.16 3.45 5.88
CA GLY A 65 5.16 2.64 6.56
C GLY A 65 5.82 1.55 7.38
N ILE A 66 6.16 1.89 8.62
CA ILE A 66 6.80 0.96 9.56
C ILE A 66 6.55 -0.48 9.14
N ILE A 67 5.41 -1.01 9.54
CA ILE A 67 5.02 -2.37 9.18
C ILE A 67 3.73 -2.75 9.87
N VAL A 68 2.77 -1.82 9.89
CA VAL A 68 1.48 -2.11 10.51
C VAL A 68 1.06 -3.51 10.12
N GLY A 69 1.47 -3.90 8.90
CA GLY A 69 1.19 -5.22 8.35
C GLY A 69 -0.19 -5.74 8.74
N PRO A 70 -0.46 -7.00 8.41
CA PRO A 70 -1.74 -7.65 8.69
C PRO A 70 -1.85 -8.16 10.11
N ASP A 71 -0.94 -7.70 10.95
CA ASP A 71 -0.88 -8.09 12.34
C ASP A 71 -0.18 -7.01 13.14
N ASP A 72 0.90 -6.49 12.57
CA ASP A 72 1.68 -5.44 13.23
C ASP A 72 2.42 -6.01 14.42
N SER A 73 3.25 -7.03 14.18
CA SER A 73 4.01 -7.66 15.24
C SER A 73 5.31 -6.91 15.49
N ALA A 74 5.98 -7.23 16.59
CA ALA A 74 7.24 -6.58 16.96
C ALA A 74 8.25 -6.73 15.82
N SER A 1 -4.68 11.19 8.09
CA SER A 1 -3.56 10.28 7.75
C SER A 1 -4.00 8.82 7.92
N ALA A 2 -5.29 8.57 7.72
CA ALA A 2 -5.83 7.23 7.85
C ALA A 2 -6.98 7.02 6.87
N GLN A 3 -6.79 6.12 5.92
CA GLN A 3 -7.79 5.83 4.91
C GLN A 3 -8.81 4.82 5.44
N ASP A 4 -9.54 5.22 6.48
CA ASP A 4 -10.55 4.36 7.08
C ASP A 4 -9.92 3.06 7.55
N LEU A 5 -8.68 3.14 8.02
CA LEU A 5 -7.95 1.98 8.50
C LEU A 5 -8.38 0.73 7.77
N ARG A 6 -8.67 0.86 6.48
CA ARG A 6 -9.08 -0.25 5.67
C ARG A 6 -7.88 -1.05 5.20
N MET A 7 -8.04 -2.36 5.14
CA MET A 7 -6.97 -3.25 4.70
C MET A 7 -7.51 -4.23 3.68
N SER A 8 -7.25 -3.95 2.41
CA SER A 8 -7.70 -4.81 1.34
C SER A 8 -6.51 -5.44 0.65
N TYR A 9 -6.79 -6.29 -0.32
CA TYR A 9 -5.74 -7.00 -1.04
C TYR A 9 -4.73 -6.03 -1.64
N CYS A 10 -3.46 -6.25 -1.30
CA CYS A 10 -2.37 -5.44 -1.80
C CYS A 10 -1.86 -6.05 -3.09
N TYR A 11 -1.41 -5.20 -4.01
CA TYR A 11 -0.88 -5.69 -5.28
C TYR A 11 0.49 -5.09 -5.48
N ALA A 12 1.35 -5.87 -6.10
CA ALA A 12 2.72 -5.46 -6.34
C ALA A 12 2.92 -4.95 -7.76
N LYS A 13 2.00 -5.27 -8.67
CA LYS A 13 2.12 -4.82 -10.05
C LYS A 13 0.80 -4.32 -10.60
N PHE A 14 0.77 -3.05 -10.94
CA PHE A 14 -0.43 -2.45 -11.51
C PHE A 14 -0.24 -2.21 -13.00
N GLU A 15 -1.00 -2.93 -13.82
CA GLU A 15 -0.90 -2.81 -15.27
C GLU A 15 -1.77 -1.66 -15.77
N GLY A 16 -1.64 -0.50 -15.13
CA GLY A 16 -2.40 0.68 -15.51
C GLY A 16 -3.81 0.29 -15.93
N GLY A 17 -4.35 -0.75 -15.30
CA GLY A 17 -5.70 -1.21 -15.61
C GLY A 17 -6.07 -2.41 -14.75
N LYS A 18 -5.08 -3.23 -14.43
CA LYS A 18 -5.33 -4.41 -13.61
C LYS A 18 -4.10 -4.78 -12.80
N CYS A 19 -4.26 -4.84 -11.49
CA CYS A 19 -3.16 -5.17 -10.60
C CYS A 19 -2.83 -6.66 -10.68
N SER A 20 -1.70 -7.02 -10.08
CA SER A 20 -1.25 -8.42 -10.05
C SER A 20 -0.29 -8.63 -8.88
N SER A 21 0.19 -9.85 -8.73
CA SER A 21 1.10 -10.18 -7.63
C SER A 21 0.45 -9.77 -6.33
N PRO A 22 -0.72 -10.34 -6.04
CA PRO A 22 -1.49 -10.04 -4.84
C PRO A 22 -0.99 -10.78 -3.60
N LYS A 23 -0.91 -10.05 -2.50
CA LYS A 23 -0.46 -10.59 -1.22
C LYS A 23 -1.26 -11.82 -0.83
N SER A 24 -1.14 -12.21 0.44
CA SER A 24 -1.87 -13.36 0.98
C SER A 24 -2.99 -12.83 1.88
N ARG A 25 -2.70 -11.72 2.54
CA ARG A 25 -3.66 -11.07 3.44
C ARG A 25 -3.77 -9.59 3.08
N ASN A 26 -4.80 -8.93 3.58
CA ASN A 26 -5.01 -7.51 3.29
C ASN A 26 -4.14 -6.61 4.16
N HIS A 27 -3.71 -5.49 3.59
CA HIS A 27 -2.89 -4.49 4.28
C HIS A 27 -3.25 -3.11 3.74
N SER A 28 -3.78 -2.25 4.61
CA SER A 28 -4.17 -0.90 4.22
C SER A 28 -3.20 -0.38 3.16
N LYS A 29 -3.66 0.56 2.34
CA LYS A 29 -2.81 1.11 1.29
C LYS A 29 -1.61 1.83 1.88
N GLN A 30 -1.74 2.30 3.11
CA GLN A 30 -0.61 2.96 3.76
C GLN A 30 0.44 1.90 4.00
N GLU A 31 -0.04 0.68 4.18
CA GLU A 31 0.78 -0.49 4.42
C GLU A 31 1.42 -1.03 3.14
N CYS A 32 0.59 -1.26 2.13
CA CYS A 32 1.06 -1.81 0.86
C CYS A 32 1.78 -0.76 0.04
N CYS A 33 1.14 0.38 -0.09
CA CYS A 33 1.67 1.49 -0.86
C CYS A 33 2.78 2.25 -0.13
N CYS A 34 2.72 2.34 1.19
CA CYS A 34 3.71 3.10 1.93
C CYS A 34 4.74 2.21 2.66
N ALA A 35 4.29 1.16 3.36
CA ALA A 35 5.23 0.31 4.09
C ALA A 35 5.73 -0.82 3.21
N LEU A 36 5.04 -1.08 2.11
CA LEU A 36 5.44 -2.14 1.19
C LEU A 36 5.65 -1.59 -0.21
N LYS A 37 5.30 -0.32 -0.41
CA LYS A 37 5.46 0.35 -1.69
C LYS A 37 5.31 -0.63 -2.85
N GLY A 38 4.07 -0.99 -3.17
CA GLY A 38 3.80 -1.90 -4.27
C GLY A 38 3.45 -1.10 -5.52
N GLU A 39 2.46 -1.56 -6.26
CA GLU A 39 2.02 -0.86 -7.46
C GLU A 39 0.60 -0.37 -7.28
N GLY A 40 -0.19 -1.16 -6.56
CA GLY A 40 -1.59 -0.81 -6.29
C GLY A 40 -2.04 -1.43 -4.98
N TRP A 41 -3.15 -0.97 -4.44
CA TRP A 41 -3.66 -1.52 -3.18
C TRP A 41 -5.15 -1.87 -3.28
N GLY A 42 -5.56 -2.77 -2.39
CA GLY A 42 -6.95 -3.21 -2.30
C GLY A 42 -7.40 -4.02 -3.51
N ASP A 43 -8.48 -4.77 -3.33
CA ASP A 43 -9.04 -5.58 -4.41
C ASP A 43 -9.25 -4.68 -5.61
N PRO A 44 -9.79 -3.46 -5.38
CA PRO A 44 -9.99 -2.46 -6.43
C PRO A 44 -8.70 -1.67 -6.55
N CYS A 45 -7.65 -2.37 -6.94
CA CYS A 45 -6.30 -1.81 -7.04
C CYS A 45 -6.35 -0.31 -7.31
N GLU A 46 -5.74 0.43 -6.38
CA GLU A 46 -5.65 1.88 -6.48
C GLU A 46 -4.17 2.25 -6.48
N LEU A 47 -3.69 2.75 -7.61
CA LEU A 47 -2.28 3.12 -7.75
C LEU A 47 -1.70 3.61 -6.43
N CYS A 48 -0.61 2.98 -6.01
CA CYS A 48 0.06 3.32 -4.76
C CYS A 48 1.09 4.42 -5.00
N PRO A 49 0.99 5.51 -4.24
CA PRO A 49 1.91 6.65 -4.36
C PRO A 49 3.28 6.37 -3.76
N THR A 50 4.23 7.25 -4.05
CA THR A 50 5.59 7.13 -3.55
C THR A 50 6.12 8.50 -3.13
N GLU A 51 7.04 8.51 -2.19
CA GLU A 51 7.63 9.75 -1.69
C GLU A 51 8.47 10.42 -2.77
N PRO A 52 8.57 11.75 -2.74
CA PRO A 52 7.92 12.59 -1.73
C PRO A 52 6.56 13.10 -2.21
N ASP A 53 5.92 12.32 -3.08
CA ASP A 53 4.62 12.69 -3.64
C ASP A 53 3.64 13.06 -2.53
N GLU A 54 2.88 14.12 -2.75
CA GLU A 54 1.89 14.57 -1.78
C GLU A 54 1.04 13.39 -1.33
N ALA A 55 0.71 12.51 -2.27
CA ALA A 55 -0.10 11.34 -1.99
C ALA A 55 0.66 10.43 -1.02
N PHE A 56 1.94 10.23 -1.28
CA PHE A 56 2.77 9.39 -0.42
C PHE A 56 2.58 9.76 1.03
N ARG A 57 2.89 11.01 1.35
CA ARG A 57 2.77 11.50 2.72
C ARG A 57 1.32 11.35 3.19
N GLN A 58 0.39 11.39 2.24
CA GLN A 58 -1.03 11.24 2.57
C GLN A 58 -1.23 9.96 3.38
N ILE A 59 -0.49 8.93 3.01
CA ILE A 59 -0.56 7.65 3.69
C ILE A 59 0.70 7.41 4.51
N CYS A 60 1.64 8.35 4.47
CA CYS A 60 2.88 8.21 5.20
C CYS A 60 3.09 9.39 6.16
N PRO A 61 2.38 9.37 7.30
CA PRO A 61 2.49 10.44 8.30
C PRO A 61 3.77 10.28 9.13
N TYR A 62 4.20 9.04 9.30
CA TYR A 62 5.40 8.74 10.07
C TYR A 62 6.48 8.17 9.14
N GLY A 63 6.05 7.71 7.98
CA GLY A 63 6.96 7.13 6.99
C GLY A 63 6.31 5.95 6.30
N SER A 64 7.10 5.23 5.49
CA SER A 64 6.61 4.06 4.74
C SER A 64 5.78 3.13 5.62
N GLY A 65 4.50 3.49 5.81
CA GLY A 65 3.59 2.68 6.61
C GLY A 65 3.92 2.77 8.10
N ILE A 66 4.71 1.82 8.58
CA ILE A 66 5.11 1.78 9.98
C ILE A 66 3.90 1.44 10.87
N ILE A 67 2.77 1.18 10.23
CA ILE A 67 1.55 0.84 10.96
C ILE A 67 1.41 -0.67 11.08
N VAL A 68 1.00 -1.32 9.98
CA VAL A 68 0.83 -2.76 9.97
C VAL A 68 2.02 -3.42 9.29
N GLY A 69 2.83 -2.63 8.61
CA GLY A 69 4.01 -3.12 7.89
C GLY A 69 4.78 -4.12 8.74
N PRO A 70 5.85 -4.70 8.16
CA PRO A 70 6.70 -5.68 8.86
C PRO A 70 7.14 -5.19 10.23
N ASP A 71 6.90 -6.01 11.25
CA ASP A 71 7.27 -5.67 12.62
C ASP A 71 7.16 -4.18 12.88
N ASP A 72 6.20 -3.54 12.20
CA ASP A 72 5.99 -2.11 12.37
C ASP A 72 4.83 -1.85 13.31
N SER A 73 4.76 -2.64 14.38
CA SER A 73 3.70 -2.52 15.37
C SER A 73 4.28 -2.43 16.78
N ALA A 74 4.44 -1.22 17.28
CA ALA A 74 4.98 -1.00 18.62
C ALA A 74 4.10 -0.03 19.40
N SER A 1 -7.19 -0.41 15.65
CA SER A 1 -7.90 0.79 15.13
C SER A 1 -7.34 1.18 13.77
N ALA A 2 -8.22 1.63 12.88
CA ALA A 2 -7.81 2.05 11.54
C ALA A 2 -8.21 3.50 11.29
N GLN A 3 -7.45 4.18 10.44
CA GLN A 3 -7.72 5.56 10.12
C GLN A 3 -8.13 5.68 8.66
N ASP A 4 -9.21 5.00 8.30
CA ASP A 4 -9.68 4.98 6.92
C ASP A 4 -8.59 4.41 6.04
N LEU A 5 -7.65 3.76 6.69
CA LEU A 5 -6.55 3.11 6.02
C LEU A 5 -6.90 1.65 5.83
N ARG A 6 -8.18 1.42 5.51
CA ARG A 6 -8.70 0.08 5.32
C ARG A 6 -7.62 -0.88 4.87
N MET A 7 -7.79 -2.14 5.26
CA MET A 7 -6.82 -3.18 4.91
C MET A 7 -7.46 -4.17 3.95
N SER A 8 -7.28 -3.92 2.66
CA SER A 8 -7.81 -4.77 1.62
C SER A 8 -6.66 -5.54 0.98
N TYR A 9 -6.88 -6.07 -0.21
CA TYR A 9 -5.85 -6.81 -0.90
C TYR A 9 -4.85 -5.85 -1.53
N CYS A 10 -3.57 -6.13 -1.34
CA CYS A 10 -2.51 -5.29 -1.88
C CYS A 10 -1.99 -5.89 -3.18
N TYR A 11 -1.43 -5.05 -4.03
CA TYR A 11 -0.88 -5.50 -5.30
C TYR A 11 0.51 -4.92 -5.47
N ALA A 12 1.38 -5.71 -6.06
CA ALA A 12 2.76 -5.31 -6.23
C ALA A 12 3.06 -4.79 -7.62
N LYS A 13 2.18 -5.05 -8.58
CA LYS A 13 2.41 -4.58 -9.95
C LYS A 13 1.14 -4.13 -10.64
N PHE A 14 1.13 -2.87 -11.05
CA PHE A 14 -0.01 -2.32 -11.75
C PHE A 14 0.33 -2.21 -13.23
N GLU A 15 -0.42 -2.93 -14.06
CA GLU A 15 -0.17 -2.92 -15.50
C GLU A 15 -0.86 -1.74 -16.17
N GLY A 16 -0.42 -0.53 -15.82
CA GLY A 16 -0.98 0.70 -16.38
C GLY A 16 -2.43 0.52 -16.79
N GLY A 17 -3.20 -0.18 -15.96
CA GLY A 17 -4.60 -0.42 -16.24
C GLY A 17 -5.20 -1.39 -15.22
N LYS A 18 -4.39 -2.34 -14.76
CA LYS A 18 -4.85 -3.31 -13.78
C LYS A 18 -3.76 -3.54 -12.73
N CYS A 19 -3.91 -4.57 -11.94
CA CYS A 19 -2.94 -4.88 -10.91
C CYS A 19 -2.57 -6.35 -10.95
N SER A 20 -1.50 -6.70 -10.24
CA SER A 20 -1.03 -8.07 -10.18
C SER A 20 -0.22 -8.28 -8.91
N SER A 21 0.11 -9.53 -8.61
CA SER A 21 0.88 -9.85 -7.41
C SER A 21 0.07 -9.47 -6.19
N PRO A 22 -1.13 -10.04 -6.07
CA PRO A 22 -2.04 -9.78 -4.95
C PRO A 22 -1.67 -10.59 -3.71
N LYS A 23 -1.36 -9.90 -2.63
CA LYS A 23 -0.98 -10.55 -1.38
C LYS A 23 -2.12 -11.43 -0.86
N SER A 24 -1.77 -12.61 -0.40
CA SER A 24 -2.76 -13.55 0.13
C SER A 24 -3.76 -12.83 1.02
N ARG A 25 -3.26 -12.22 2.09
CA ARG A 25 -4.11 -11.49 3.02
C ARG A 25 -4.21 -10.03 2.62
N ASN A 26 -4.65 -9.19 3.56
CA ASN A 26 -4.80 -7.76 3.30
C ASN A 26 -3.92 -6.94 4.24
N HIS A 27 -3.70 -5.68 3.86
CA HIS A 27 -2.89 -4.76 4.65
C HIS A 27 -3.38 -3.34 4.41
N SER A 28 -3.40 -2.51 5.43
CA SER A 28 -3.86 -1.14 5.26
C SER A 28 -3.23 -0.56 4.01
N LYS A 29 -3.94 0.32 3.32
CA LYS A 29 -3.44 0.90 2.09
C LYS A 29 -2.10 1.60 2.33
N GLN A 30 -1.89 2.09 3.54
CA GLN A 30 -0.64 2.75 3.88
C GLN A 30 0.43 1.70 4.12
N GLU A 31 -0.01 0.53 4.58
CA GLU A 31 0.88 -0.58 4.86
C GLU A 31 1.31 -1.27 3.57
N CYS A 32 0.49 -1.19 2.54
CA CYS A 32 0.78 -1.83 1.27
C CYS A 32 1.63 -0.92 0.37
N CYS A 33 1.17 0.31 0.20
CA CYS A 33 1.87 1.26 -0.66
C CYS A 33 3.05 1.93 0.03
N CYS A 34 3.15 1.80 1.35
CA CYS A 34 4.25 2.44 2.06
C CYS A 34 5.03 1.49 2.96
N ALA A 35 4.35 0.56 3.64
CA ALA A 35 5.04 -0.38 4.52
C ALA A 35 5.48 -1.62 3.77
N LEU A 36 4.87 -1.84 2.61
CA LEU A 36 5.21 -3.01 1.79
C LEU A 36 5.60 -2.60 0.38
N LYS A 37 5.22 -1.38 -0.01
CA LYS A 37 5.54 -0.87 -1.34
C LYS A 37 4.96 -1.75 -2.43
N GLY A 38 3.81 -1.35 -2.95
CA GLY A 38 3.16 -2.09 -4.03
C GLY A 38 2.89 -1.13 -5.19
N GLU A 39 2.34 -1.65 -6.26
CA GLU A 39 2.03 -0.84 -7.43
C GLU A 39 0.60 -0.36 -7.39
N GLY A 40 -0.23 -1.10 -6.67
CA GLY A 40 -1.66 -0.77 -6.54
C GLY A 40 -2.23 -1.42 -5.29
N TRP A 41 -3.03 -0.69 -4.53
CA TRP A 41 -3.61 -1.24 -3.30
C TRP A 41 -5.11 -1.40 -3.37
N GLY A 42 -5.65 -2.19 -2.44
CA GLY A 42 -7.10 -2.42 -2.35
C GLY A 42 -7.57 -3.38 -3.42
N ASP A 43 -8.71 -4.02 -3.17
CA ASP A 43 -9.28 -4.95 -4.13
C ASP A 43 -9.40 -4.22 -5.46
N PRO A 44 -9.87 -2.96 -5.43
CA PRO A 44 -9.96 -2.12 -6.61
C PRO A 44 -8.64 -1.39 -6.76
N CYS A 45 -7.58 -2.16 -7.00
CA CYS A 45 -6.23 -1.64 -7.10
C CYS A 45 -6.21 -0.19 -7.56
N GLU A 46 -5.62 0.65 -6.72
CA GLU A 46 -5.47 2.07 -6.99
C GLU A 46 -3.98 2.38 -7.05
N LEU A 47 -3.51 2.77 -8.22
CA LEU A 47 -2.11 3.08 -8.41
C LEU A 47 -1.49 3.67 -7.15
N CYS A 48 -0.78 2.82 -6.41
CA CYS A 48 -0.12 3.23 -5.18
C CYS A 48 0.80 4.40 -5.44
N PRO A 49 0.59 5.51 -4.72
CA PRO A 49 1.41 6.72 -4.88
C PRO A 49 2.87 6.47 -4.54
N THR A 50 3.73 7.41 -4.94
CA THR A 50 5.16 7.30 -4.68
C THR A 50 5.69 8.60 -4.07
N GLU A 51 6.81 8.50 -3.35
CA GLU A 51 7.41 9.66 -2.71
C GLU A 51 8.19 10.49 -3.73
N PRO A 52 8.27 11.81 -3.51
CA PRO A 52 7.65 12.49 -2.38
C PRO A 52 6.26 13.03 -2.73
N ASP A 53 5.59 12.35 -3.65
CA ASP A 53 4.26 12.76 -4.09
C ASP A 53 3.37 13.08 -2.90
N GLU A 54 2.44 14.01 -3.10
CA GLU A 54 1.51 14.42 -2.05
C GLU A 54 0.74 13.21 -1.55
N ALA A 55 0.18 12.45 -2.47
CA ALA A 55 -0.58 11.25 -2.14
C ALA A 55 0.29 10.32 -1.29
N PHE A 56 1.55 10.17 -1.70
CA PHE A 56 2.49 9.33 -0.96
C PHE A 56 2.50 9.72 0.50
N ARG A 57 2.78 11.00 0.76
CA ARG A 57 2.81 11.51 2.13
C ARG A 57 1.53 11.14 2.86
N GLN A 58 0.43 11.07 2.11
CA GLN A 58 -0.87 10.73 2.68
C GLN A 58 -0.81 9.38 3.38
N ILE A 59 -0.18 8.40 2.74
CA ILE A 59 -0.06 7.06 3.31
C ILE A 59 1.28 6.89 4.00
N CYS A 60 2.11 7.93 3.95
CA CYS A 60 3.43 7.88 4.56
C CYS A 60 3.65 9.10 5.44
N PRO A 61 3.21 9.04 6.69
CA PRO A 61 3.35 10.14 7.66
C PRO A 61 4.75 10.20 8.23
N TYR A 62 5.45 9.07 8.23
CA TYR A 62 6.81 9.01 8.74
C TYR A 62 7.78 8.56 7.64
N GLY A 63 7.31 7.66 6.78
CA GLY A 63 8.12 7.16 5.68
C GLY A 63 7.70 5.75 5.29
N SER A 64 8.61 5.03 4.62
CA SER A 64 8.33 3.67 4.19
C SER A 64 7.58 2.90 5.26
N GLY A 65 6.25 3.00 5.17
CA GLY A 65 5.31 2.34 6.10
C GLY A 65 6.02 1.48 7.13
N ILE A 66 6.42 2.11 8.24
CA ILE A 66 7.08 1.41 9.36
C ILE A 66 6.95 -0.09 9.23
N ILE A 67 5.71 -0.56 9.35
CA ILE A 67 5.35 -1.97 9.25
C ILE A 67 4.20 -2.26 10.21
N VAL A 68 3.14 -1.48 10.10
CA VAL A 68 1.97 -1.63 10.96
C VAL A 68 1.44 -3.06 10.89
N GLY A 69 1.82 -3.79 9.83
CA GLY A 69 1.41 -5.18 9.60
C GLY A 69 0.60 -5.73 10.78
N PRO A 70 -0.73 -5.78 10.64
CA PRO A 70 -1.63 -6.27 11.69
C PRO A 70 -1.40 -7.74 12.01
N ASP A 71 -1.23 -8.04 13.30
CA ASP A 71 -1.02 -9.40 13.74
C ASP A 71 -0.19 -10.18 12.73
N ASP A 72 0.80 -9.51 12.14
CA ASP A 72 1.67 -10.13 11.15
C ASP A 72 3.11 -10.10 11.63
N SER A 73 3.40 -10.89 12.65
CA SER A 73 4.75 -10.97 13.22
C SER A 73 5.76 -11.24 12.12
N ALA A 74 5.35 -11.98 11.11
CA ALA A 74 6.24 -12.31 9.98
C ALA A 74 7.54 -12.90 10.50
N SER A 1 -3.56 10.49 6.34
CA SER A 1 -3.23 9.41 7.32
C SER A 1 -3.72 8.07 6.79
N ALA A 2 -5.03 7.85 6.86
CA ALA A 2 -5.63 6.61 6.38
C ALA A 2 -7.15 6.66 6.52
N GLN A 3 -7.83 5.80 5.77
CA GLN A 3 -9.28 5.75 5.81
C GLN A 3 -9.74 4.60 6.69
N ASP A 4 -9.78 4.84 8.00
CA ASP A 4 -10.19 3.82 8.95
C ASP A 4 -9.28 2.62 8.83
N LEU A 5 -8.00 2.88 8.60
CA LEU A 5 -7.01 1.83 8.45
C LEU A 5 -7.61 0.63 7.73
N ARG A 6 -8.35 0.89 6.66
CA ARG A 6 -8.98 -0.15 5.89
C ARG A 6 -7.96 -0.86 5.05
N MET A 7 -7.92 -2.17 5.17
CA MET A 7 -6.98 -2.98 4.43
C MET A 7 -7.68 -4.06 3.64
N SER A 8 -7.24 -4.21 2.40
CA SER A 8 -7.77 -5.22 1.50
C SER A 8 -6.60 -5.85 0.78
N TYR A 9 -6.88 -6.46 -0.36
CA TYR A 9 -5.83 -7.11 -1.12
C TYR A 9 -4.85 -6.09 -1.69
N CYS A 10 -3.57 -6.26 -1.36
CA CYS A 10 -2.51 -5.38 -1.84
C CYS A 10 -1.98 -5.94 -3.14
N TYR A 11 -1.56 -5.06 -4.05
CA TYR A 11 -1.02 -5.50 -5.32
C TYR A 11 0.28 -4.79 -5.61
N ALA A 12 1.36 -5.46 -5.26
CA ALA A 12 2.70 -4.96 -5.42
C ALA A 12 2.82 -4.09 -6.67
N LYS A 13 2.02 -4.39 -7.70
CA LYS A 13 2.08 -3.60 -8.92
C LYS A 13 0.69 -3.31 -9.47
N PHE A 14 0.61 -2.27 -10.29
CA PHE A 14 -0.65 -1.87 -10.90
C PHE A 14 -0.38 -1.45 -12.34
N GLU A 15 -1.05 -2.11 -13.29
CA GLU A 15 -0.84 -1.79 -14.70
C GLU A 15 -1.84 -0.74 -15.18
N GLY A 16 -1.82 0.42 -14.52
CA GLY A 16 -2.71 1.53 -14.87
C GLY A 16 -4.02 1.02 -15.46
N GLY A 17 -4.50 -0.09 -14.92
CA GLY A 17 -5.75 -0.68 -15.39
C GLY A 17 -6.09 -1.88 -14.52
N LYS A 18 -5.07 -2.62 -14.12
CA LYS A 18 -5.25 -3.79 -13.28
C LYS A 18 -4.14 -3.83 -12.23
N CYS A 19 -3.95 -4.99 -11.62
CA CYS A 19 -2.93 -5.15 -10.61
C CYS A 19 -2.22 -6.49 -10.76
N SER A 20 -1.12 -6.67 -10.03
CA SER A 20 -0.38 -7.92 -10.07
C SER A 20 0.38 -8.13 -8.77
N SER A 21 0.74 -9.39 -8.50
CA SER A 21 1.46 -9.72 -7.27
C SER A 21 0.60 -9.38 -6.07
N PRO A 22 -0.57 -10.03 -5.97
CA PRO A 22 -1.51 -9.80 -4.87
C PRO A 22 -1.15 -10.59 -3.62
N LYS A 23 -1.03 -9.90 -2.49
CA LYS A 23 -0.68 -10.54 -1.24
C LYS A 23 -1.90 -11.25 -0.64
N SER A 24 -1.80 -12.57 -0.51
CA SER A 24 -2.89 -13.36 0.04
C SER A 24 -3.58 -12.59 1.17
N ARG A 25 -2.78 -11.88 1.96
CA ARG A 25 -3.30 -11.10 3.07
C ARG A 25 -3.59 -9.67 2.61
N ASN A 26 -4.36 -8.93 3.41
CA ASN A 26 -4.71 -7.56 3.06
C ASN A 26 -3.99 -6.58 3.98
N HIS A 27 -3.45 -5.52 3.37
CA HIS A 27 -2.74 -4.48 4.11
C HIS A 27 -3.18 -3.12 3.59
N SER A 28 -3.73 -2.29 4.47
CA SER A 28 -4.21 -0.96 4.08
C SER A 28 -3.36 -0.40 2.95
N LYS A 29 -3.99 0.32 2.03
CA LYS A 29 -3.28 0.88 0.89
C LYS A 29 -2.04 1.66 1.33
N GLN A 30 -2.01 2.09 2.58
CA GLN A 30 -0.84 2.81 3.09
C GLN A 30 0.19 1.79 3.53
N GLU A 31 -0.30 0.70 4.09
CA GLU A 31 0.54 -0.40 4.57
C GLU A 31 1.23 -1.10 3.40
N CYS A 32 0.54 -1.20 2.28
CA CYS A 32 1.05 -1.88 1.09
C CYS A 32 1.93 -0.96 0.25
N CYS A 33 1.46 0.26 0.00
CA CYS A 33 2.22 1.21 -0.82
C CYS A 33 3.40 1.82 -0.08
N CYS A 34 3.35 1.83 1.25
CA CYS A 34 4.42 2.43 2.04
C CYS A 34 5.34 1.41 2.69
N ALA A 35 4.77 0.50 3.48
CA ALA A 35 5.54 -0.49 4.21
C ALA A 35 5.79 -1.73 3.36
N LEU A 36 5.11 -1.82 2.23
CA LEU A 36 5.28 -2.96 1.35
C LEU A 36 5.60 -2.51 -0.08
N LYS A 37 5.86 -1.21 -0.23
CA LYS A 37 6.20 -0.63 -1.53
C LYS A 37 5.51 -1.37 -2.68
N GLY A 38 4.21 -1.15 -2.83
CA GLY A 38 3.45 -1.76 -3.90
C GLY A 38 3.04 -0.68 -4.89
N GLU A 39 2.17 -1.01 -5.83
CA GLU A 39 1.72 -0.03 -6.82
C GLU A 39 0.20 0.07 -6.82
N GLY A 40 -0.46 -0.80 -6.07
CA GLY A 40 -1.91 -0.79 -6.00
C GLY A 40 -2.39 -1.40 -4.69
N TRP A 41 -3.65 -1.18 -4.34
CA TRP A 41 -4.18 -1.72 -3.09
C TRP A 41 -5.70 -1.85 -3.12
N GLY A 42 -6.21 -2.64 -2.18
CA GLY A 42 -7.63 -2.85 -2.03
C GLY A 42 -8.13 -3.96 -2.94
N ASP A 43 -9.30 -4.52 -2.61
CA ASP A 43 -9.87 -5.57 -3.44
C ASP A 43 -9.94 -5.04 -4.86
N PRO A 44 -10.45 -3.80 -5.01
CA PRO A 44 -10.51 -3.11 -6.28
C PRO A 44 -9.24 -2.31 -6.45
N CYS A 45 -8.15 -3.02 -6.75
CA CYS A 45 -6.83 -2.42 -6.87
C CYS A 45 -6.92 -0.97 -7.31
N GLU A 46 -6.33 -0.11 -6.49
CA GLU A 46 -6.28 1.33 -6.73
C GLU A 46 -4.83 1.75 -6.81
N LEU A 47 -4.47 2.38 -7.92
CA LEU A 47 -3.10 2.82 -8.13
C LEU A 47 -2.62 3.71 -7.00
N CYS A 48 -1.73 3.16 -6.17
CA CYS A 48 -1.18 3.89 -5.03
C CYS A 48 -0.13 4.91 -5.50
N PRO A 49 0.16 5.90 -4.66
CA PRO A 49 1.14 6.95 -4.97
C PRO A 49 2.58 6.55 -4.64
N THR A 50 3.53 7.35 -5.08
CA THR A 50 4.94 7.09 -4.84
C THR A 50 5.63 8.36 -4.37
N GLU A 51 6.69 8.20 -3.59
CA GLU A 51 7.43 9.35 -3.06
C GLU A 51 8.14 10.08 -4.18
N PRO A 52 8.39 11.39 -4.01
CA PRO A 52 8.03 12.14 -2.80
C PRO A 52 6.72 12.90 -2.98
N ASP A 53 5.81 12.32 -3.76
CA ASP A 53 4.53 12.95 -4.04
C ASP A 53 3.72 13.16 -2.76
N GLU A 54 2.83 14.16 -2.79
CA GLU A 54 1.98 14.47 -1.65
C GLU A 54 1.15 13.25 -1.27
N ALA A 55 0.70 12.51 -2.28
CA ALA A 55 -0.09 11.31 -2.04
C ALA A 55 0.74 10.28 -1.30
N PHE A 56 1.99 10.12 -1.74
CA PHE A 56 2.92 9.18 -1.13
C PHE A 56 2.89 9.34 0.38
N ARG A 57 3.24 10.54 0.85
CA ARG A 57 3.26 10.82 2.28
C ARG A 57 1.87 10.70 2.87
N GLN A 58 0.85 10.84 2.02
CA GLN A 58 -0.53 10.72 2.47
C GLN A 58 -0.77 9.37 3.10
N ILE A 59 0.08 8.41 2.75
CA ILE A 59 -0.01 7.06 3.28
C ILE A 59 1.25 6.70 4.05
N CYS A 60 2.33 7.44 3.80
CA CYS A 60 3.61 7.18 4.47
C CYS A 60 4.13 8.46 5.10
N PRO A 61 3.75 8.72 6.36
CA PRO A 61 4.17 9.92 7.09
C PRO A 61 5.58 9.77 7.67
N TYR A 62 6.07 8.54 7.76
CA TYR A 62 7.39 8.27 8.30
C TYR A 62 8.39 7.96 7.19
N GLY A 63 7.86 7.64 6.01
CA GLY A 63 8.71 7.34 4.86
C GLY A 63 8.14 6.18 4.06
N SER A 64 8.75 5.00 4.21
CA SER A 64 8.30 3.81 3.50
C SER A 64 7.49 2.90 4.41
N GLY A 65 6.35 3.40 4.89
CA GLY A 65 5.48 2.63 5.77
C GLY A 65 5.94 2.75 7.21
N ILE A 66 6.55 1.69 7.72
CA ILE A 66 7.05 1.67 9.08
C ILE A 66 5.90 1.78 10.07
N ILE A 67 4.68 1.63 9.57
CA ILE A 67 3.49 1.71 10.41
C ILE A 67 3.12 0.31 10.91
N VAL A 68 2.60 -0.51 10.01
CA VAL A 68 2.21 -1.88 10.36
C VAL A 68 3.27 -2.86 9.88
N GLY A 69 3.86 -2.57 8.74
CA GLY A 69 4.89 -3.43 8.14
C GLY A 69 5.85 -3.94 9.20
N PRO A 70 6.73 -4.87 8.80
CA PRO A 70 7.72 -5.47 9.70
C PRO A 70 8.30 -4.44 10.66
N ASP A 71 7.70 -4.36 11.83
CA ASP A 71 8.12 -3.43 12.87
C ASP A 71 6.97 -3.21 13.84
N ASP A 72 5.76 -3.41 13.36
CA ASP A 72 4.56 -3.23 14.18
C ASP A 72 3.49 -4.24 13.78
N SER A 73 3.81 -5.53 13.89
CA SER A 73 2.88 -6.60 13.55
C SER A 73 3.51 -7.95 13.79
N ALA A 74 4.78 -8.09 13.41
CA ALA A 74 5.51 -9.34 13.58
C ALA A 74 6.98 -9.15 13.24
N SER A 1 -8.64 9.56 9.59
CA SER A 1 -7.15 9.61 9.47
C SER A 1 -6.65 8.36 8.76
N ALA A 2 -7.23 8.06 7.61
CA ALA A 2 -6.85 6.90 6.82
C ALA A 2 -7.97 6.51 5.87
N GLN A 3 -7.81 5.36 5.22
CA GLN A 3 -8.80 4.87 4.28
C GLN A 3 -9.87 4.07 5.03
N ASP A 4 -10.42 4.67 6.07
CA ASP A 4 -11.44 4.01 6.87
C ASP A 4 -10.87 2.72 7.45
N LEU A 5 -9.59 2.78 7.81
CA LEU A 5 -8.91 1.62 8.38
C LEU A 5 -9.21 0.38 7.55
N ARG A 6 -9.34 0.54 6.25
CA ARG A 6 -9.61 -0.54 5.35
C ARG A 6 -8.35 -1.34 5.09
N MET A 7 -8.45 -2.64 5.20
CA MET A 7 -7.32 -3.53 4.96
C MET A 7 -7.68 -4.49 3.84
N SER A 8 -7.32 -4.12 2.63
CA SER A 8 -7.62 -4.93 1.46
C SER A 8 -6.34 -5.50 0.86
N TYR A 9 -6.51 -6.44 -0.04
CA TYR A 9 -5.38 -7.08 -0.70
C TYR A 9 -4.56 -6.07 -1.49
N CYS A 10 -3.25 -6.09 -1.27
CA CYS A 10 -2.35 -5.18 -1.97
C CYS A 10 -1.88 -5.84 -3.27
N TYR A 11 -1.44 -5.04 -4.22
CA TYR A 11 -0.97 -5.57 -5.50
C TYR A 11 0.35 -4.93 -5.87
N ALA A 12 1.42 -5.68 -5.68
CA ALA A 12 2.77 -5.23 -5.98
C ALA A 12 2.83 -4.62 -7.37
N LYS A 13 1.87 -4.96 -8.21
CA LYS A 13 1.83 -4.45 -9.57
C LYS A 13 0.47 -3.86 -9.91
N PHE A 14 0.50 -2.94 -10.85
CA PHE A 14 -0.71 -2.27 -11.33
C PHE A 14 -0.48 -1.83 -12.77
N GLU A 15 -1.06 -2.56 -13.72
CA GLU A 15 -0.89 -2.24 -15.14
C GLU A 15 -1.87 -1.15 -15.58
N GLY A 16 -1.70 0.05 -15.03
CA GLY A 16 -2.55 1.19 -15.37
C GLY A 16 -3.94 0.75 -15.81
N GLY A 17 -4.46 -0.28 -15.15
CA GLY A 17 -5.79 -0.80 -15.46
C GLY A 17 -6.08 -2.05 -14.64
N LYS A 18 -5.04 -2.82 -14.35
CA LYS A 18 -5.18 -4.02 -13.56
C LYS A 18 -4.07 -4.11 -12.53
N CYS A 19 -3.95 -5.25 -11.87
CA CYS A 19 -2.93 -5.43 -10.86
C CYS A 19 -2.33 -6.82 -10.97
N SER A 20 -1.14 -6.99 -10.39
CA SER A 20 -0.47 -8.28 -10.42
C SER A 20 0.47 -8.41 -9.23
N SER A 21 0.56 -9.62 -8.68
CA SER A 21 1.42 -9.88 -7.53
C SER A 21 0.71 -9.49 -6.24
N PRO A 22 -0.44 -10.10 -5.96
CA PRO A 22 -1.22 -9.83 -4.76
C PRO A 22 -0.63 -10.51 -3.53
N LYS A 23 -0.42 -9.73 -2.46
CA LYS A 23 0.14 -10.28 -1.23
C LYS A 23 -0.73 -11.40 -0.71
N SER A 24 -0.26 -12.08 0.34
CA SER A 24 -1.00 -13.18 0.94
C SER A 24 -2.22 -12.66 1.68
N ARG A 25 -1.99 -11.82 2.68
CA ARG A 25 -3.07 -11.24 3.46
C ARG A 25 -3.30 -9.79 3.07
N ASN A 26 -4.31 -9.17 3.68
CA ASN A 26 -4.63 -7.78 3.39
C ASN A 26 -3.75 -6.84 4.23
N HIS A 27 -3.59 -5.62 3.75
CA HIS A 27 -2.78 -4.61 4.42
C HIS A 27 -3.33 -3.23 4.09
N SER A 28 -3.69 -2.46 5.11
CA SER A 28 -4.23 -1.12 4.90
C SER A 28 -3.58 -0.51 3.68
N LYS A 29 -4.35 0.24 2.90
CA LYS A 29 -3.81 0.86 1.69
C LYS A 29 -2.60 1.72 2.02
N GLN A 30 -2.49 2.10 3.28
CA GLN A 30 -1.36 2.91 3.73
C GLN A 30 -0.10 2.05 3.77
N GLU A 31 -0.26 0.80 4.20
CA GLU A 31 0.84 -0.13 4.30
C GLU A 31 1.22 -0.68 2.93
N CYS A 32 0.23 -0.93 2.09
CA CYS A 32 0.45 -1.47 0.75
C CYS A 32 1.33 -0.54 -0.06
N CYS A 33 1.05 0.76 0.01
CA CYS A 33 1.80 1.74 -0.74
C CYS A 33 3.03 2.24 0.04
N CYS A 34 2.98 2.20 1.37
CA CYS A 34 4.08 2.70 2.17
C CYS A 34 4.92 1.59 2.79
N ALA A 35 4.29 0.66 3.51
CA ALA A 35 5.03 -0.40 4.17
C ALA A 35 5.22 -1.59 3.26
N LEU A 36 4.69 -1.50 2.04
CA LEU A 36 4.83 -2.59 1.09
C LEU A 36 5.23 -2.07 -0.30
N LYS A 37 5.27 -0.75 -0.45
CA LYS A 37 5.65 -0.12 -1.72
C LYS A 37 5.31 -1.00 -2.91
N GLY A 38 4.05 -0.94 -3.33
CA GLY A 38 3.59 -1.73 -4.46
C GLY A 38 3.21 -0.82 -5.62
N GLU A 39 2.29 -1.28 -6.45
CA GLU A 39 1.84 -0.52 -7.60
C GLU A 39 0.38 -0.14 -7.44
N GLY A 40 -0.35 -0.97 -6.72
CA GLY A 40 -1.77 -0.73 -6.47
C GLY A 40 -2.16 -1.34 -5.13
N TRP A 41 -3.37 -1.02 -4.64
CA TRP A 41 -3.82 -1.56 -3.35
C TRP A 41 -5.26 -2.05 -3.40
N GLY A 42 -5.58 -2.93 -2.46
CA GLY A 42 -6.92 -3.47 -2.32
C GLY A 42 -7.32 -4.34 -3.50
N ASP A 43 -8.43 -5.07 -3.32
CA ASP A 43 -8.94 -5.94 -4.37
C ASP A 43 -9.11 -5.11 -5.63
N PRO A 44 -9.68 -3.89 -5.49
CA PRO A 44 -9.84 -2.96 -6.59
C PRO A 44 -8.56 -2.13 -6.71
N CYS A 45 -7.48 -2.83 -7.01
CA CYS A 45 -6.16 -2.23 -7.11
C CYS A 45 -6.23 -0.77 -7.52
N GLU A 46 -5.94 0.10 -6.56
CA GLU A 46 -5.92 1.54 -6.79
C GLU A 46 -4.47 2.01 -6.76
N LEU A 47 -4.01 2.53 -7.88
CA LEU A 47 -2.63 2.99 -7.99
C LEU A 47 -2.13 3.60 -6.68
N CYS A 48 -1.10 2.99 -6.12
CA CYS A 48 -0.50 3.46 -4.87
C CYS A 48 0.48 4.59 -5.16
N PRO A 49 0.36 5.71 -4.45
CA PRO A 49 1.26 6.85 -4.65
C PRO A 49 2.71 6.49 -4.42
N THR A 50 3.61 7.36 -4.87
CA THR A 50 5.04 7.15 -4.71
C THR A 50 5.71 8.42 -4.21
N GLU A 51 6.83 8.27 -3.53
CA GLU A 51 7.54 9.42 -2.98
C GLU A 51 8.34 10.12 -4.08
N PRO A 52 8.62 11.42 -3.89
CA PRO A 52 8.18 12.17 -2.72
C PRO A 52 6.82 12.83 -2.93
N ASP A 53 5.99 12.18 -3.74
CA ASP A 53 4.66 12.70 -4.06
C ASP A 53 3.88 13.04 -2.80
N GLU A 54 2.95 13.97 -2.94
CA GLU A 54 2.12 14.40 -1.82
C GLU A 54 1.33 13.21 -1.28
N ALA A 55 0.54 12.60 -2.15
CA ALA A 55 -0.27 11.44 -1.78
C ALA A 55 0.60 10.40 -1.08
N PHE A 56 1.81 10.20 -1.61
CA PHE A 56 2.73 9.23 -1.03
C PHE A 56 2.86 9.44 0.47
N ARG A 57 3.38 10.61 0.84
CA ARG A 57 3.55 10.93 2.25
C ARG A 57 2.20 10.98 2.96
N GLN A 58 1.14 11.13 2.17
CA GLN A 58 -0.21 11.18 2.73
C GLN A 58 -0.49 9.90 3.50
N ILE A 59 0.15 8.83 3.07
CA ILE A 59 -0.01 7.53 3.72
C ILE A 59 1.27 7.14 4.46
N CYS A 60 2.35 7.87 4.21
CA CYS A 60 3.62 7.61 4.86
C CYS A 60 4.33 8.91 5.20
N PRO A 61 3.86 9.60 6.24
CA PRO A 61 4.45 10.88 6.68
C PRO A 61 5.80 10.68 7.35
N TYR A 62 6.16 9.43 7.60
CA TYR A 62 7.43 9.11 8.24
C TYR A 62 8.40 8.55 7.22
N GLY A 63 7.87 8.10 6.09
CA GLY A 63 8.69 7.52 5.03
C GLY A 63 8.09 6.22 4.55
N SER A 64 8.93 5.34 3.98
CA SER A 64 8.47 4.05 3.48
C SER A 64 7.72 3.32 4.57
N GLY A 65 6.41 3.59 4.61
CA GLY A 65 5.49 2.99 5.58
C GLY A 65 6.18 2.01 6.51
N ILE A 66 6.96 2.55 7.46
CA ILE A 66 7.70 1.75 8.44
C ILE A 66 7.28 0.29 8.39
N ILE A 67 6.05 0.05 8.85
CA ILE A 67 5.46 -1.28 8.87
C ILE A 67 4.43 -1.37 10.00
N VAL A 68 3.42 -0.51 9.93
CA VAL A 68 2.37 -0.49 10.93
C VAL A 68 1.46 -1.70 10.80
N GLY A 69 1.70 -2.50 9.77
CA GLY A 69 0.90 -3.70 9.52
C GLY A 69 1.29 -4.80 10.49
N PRO A 70 0.67 -5.99 10.35
CA PRO A 70 0.96 -7.14 11.22
C PRO A 70 2.33 -7.71 10.94
N ASP A 71 3.36 -7.08 11.49
CA ASP A 71 4.74 -7.52 11.29
C ASP A 71 5.01 -7.73 9.81
N ASP A 72 4.22 -7.06 8.98
CA ASP A 72 4.35 -7.16 7.53
C ASP A 72 4.08 -8.59 7.07
N SER A 73 2.98 -9.15 7.54
CA SER A 73 2.59 -10.52 7.19
C SER A 73 3.82 -11.40 7.04
N ALA A 74 4.49 -11.67 8.16
CA ALA A 74 5.69 -12.51 8.14
C ALA A 74 5.30 -13.98 8.07
N SER A 1 -2.69 3.41 11.75
CA SER A 1 -2.40 4.73 11.12
C SER A 1 -2.78 4.71 9.66
N ALA A 2 -3.99 4.23 9.38
CA ALA A 2 -4.49 4.16 8.01
C ALA A 2 -5.87 4.80 7.90
N GLN A 3 -6.30 5.07 6.68
CA GLN A 3 -7.60 5.66 6.44
C GLN A 3 -8.69 4.62 6.59
N ASP A 4 -9.67 4.92 7.43
CA ASP A 4 -10.78 4.00 7.67
C ASP A 4 -10.23 2.60 7.90
N LEU A 5 -9.03 2.54 8.46
CA LEU A 5 -8.35 1.28 8.77
C LEU A 5 -8.77 0.18 7.81
N ARG A 6 -8.96 0.54 6.53
CA ARG A 6 -9.35 -0.42 5.53
C ARG A 6 -8.19 -1.33 5.21
N MET A 7 -8.46 -2.63 5.15
CA MET A 7 -7.43 -3.61 4.85
C MET A 7 -7.88 -4.50 3.70
N SER A 8 -7.51 -4.11 2.48
CA SER A 8 -7.87 -4.86 1.30
C SER A 8 -6.64 -5.40 0.60
N TYR A 9 -6.85 -6.24 -0.41
CA TYR A 9 -5.75 -6.83 -1.15
C TYR A 9 -4.82 -5.75 -1.68
N CYS A 10 -3.52 -5.93 -1.47
CA CYS A 10 -2.53 -4.96 -1.91
C CYS A 10 -1.66 -5.55 -3.02
N TYR A 11 -1.68 -4.90 -4.19
CA TYR A 11 -0.89 -5.39 -5.33
C TYR A 11 0.47 -4.73 -5.36
N ALA A 12 1.40 -5.40 -6.01
CA ALA A 12 2.77 -4.91 -6.13
C ALA A 12 3.03 -4.28 -7.49
N LYS A 13 2.18 -4.58 -8.48
CA LYS A 13 2.36 -4.04 -9.82
C LYS A 13 1.03 -3.73 -10.49
N PHE A 14 0.84 -2.47 -10.85
CA PHE A 14 -0.38 -2.03 -11.52
C PHE A 14 -0.06 -1.68 -12.97
N GLU A 15 -0.63 -2.43 -13.91
CA GLU A 15 -0.36 -2.21 -15.33
C GLU A 15 -1.28 -1.13 -15.90
N GLY A 16 -1.25 0.05 -15.29
CA GLY A 16 -2.07 1.17 -15.74
C GLY A 16 -3.39 0.69 -16.33
N GLY A 17 -3.91 -0.40 -15.78
CA GLY A 17 -5.17 -0.97 -16.25
C GLY A 17 -5.59 -2.12 -15.36
N LYS A 18 -4.61 -2.88 -14.89
CA LYS A 18 -4.86 -4.02 -14.01
C LYS A 18 -3.82 -4.06 -12.91
N CYS A 19 -3.79 -5.15 -12.15
CA CYS A 19 -2.83 -5.27 -11.07
C CYS A 19 -2.27 -6.69 -11.01
N SER A 20 -1.19 -6.85 -10.27
CA SER A 20 -0.55 -8.16 -10.12
C SER A 20 0.26 -8.23 -8.83
N SER A 21 0.54 -9.44 -8.38
CA SER A 21 1.31 -9.65 -7.16
C SER A 21 0.51 -9.21 -5.93
N PRO A 22 -0.65 -9.84 -5.72
CA PRO A 22 -1.52 -9.52 -4.58
C PRO A 22 -1.11 -10.27 -3.33
N LYS A 23 -0.74 -9.52 -2.29
CA LYS A 23 -0.31 -10.13 -1.03
C LYS A 23 -1.23 -11.27 -0.65
N SER A 24 -0.63 -12.34 -0.12
CA SER A 24 -1.39 -13.52 0.29
C SER A 24 -2.70 -13.11 0.95
N ARG A 25 -2.64 -12.04 1.75
CA ARG A 25 -3.83 -11.53 2.43
C ARG A 25 -3.96 -10.03 2.20
N ASN A 26 -4.78 -9.39 3.01
CA ASN A 26 -5.00 -7.95 2.89
C ASN A 26 -4.10 -7.18 3.86
N HIS A 27 -3.90 -5.91 3.54
CA HIS A 27 -3.08 -5.02 4.36
C HIS A 27 -3.60 -3.61 4.21
N SER A 28 -3.57 -2.83 5.29
CA SER A 28 -4.04 -1.46 5.21
C SER A 28 -3.31 -0.76 4.11
N LYS A 29 -4.02 0.11 3.43
CA LYS A 29 -3.47 0.84 2.31
C LYS A 29 -2.10 1.40 2.61
N GLN A 30 -2.01 2.24 3.63
CA GLN A 30 -0.73 2.84 3.99
C GLN A 30 0.31 1.75 4.23
N GLU A 31 -0.16 0.56 4.63
CA GLU A 31 0.73 -0.56 4.88
C GLU A 31 1.22 -1.15 3.58
N CYS A 32 0.38 -1.09 2.56
CA CYS A 32 0.69 -1.65 1.25
C CYS A 32 1.63 -0.75 0.46
N CYS A 33 1.25 0.50 0.25
CA CYS A 33 2.04 1.43 -0.54
C CYS A 33 3.17 2.07 0.26
N CYS A 34 3.19 1.86 1.58
CA CYS A 34 4.25 2.44 2.41
C CYS A 34 5.22 1.39 2.94
N ALA A 35 4.70 0.41 3.66
CA ALA A 35 5.54 -0.64 4.24
C ALA A 35 5.70 -1.81 3.28
N LEU A 36 4.83 -1.88 2.29
CA LEU A 36 4.91 -2.96 1.31
C LEU A 36 5.22 -2.41 -0.08
N LYS A 37 5.29 -1.09 -0.18
CA LYS A 37 5.58 -0.42 -1.44
C LYS A 37 5.02 -1.20 -2.62
N GLY A 38 3.70 -1.17 -2.77
CA GLY A 38 3.04 -1.86 -3.87
C GLY A 38 2.73 -0.88 -4.98
N GLU A 39 2.14 -1.36 -6.06
CA GLU A 39 1.80 -0.52 -7.19
C GLU A 39 0.30 -0.26 -7.23
N GLY A 40 -0.45 -1.05 -6.47
CA GLY A 40 -1.90 -0.90 -6.43
C GLY A 40 -2.45 -1.36 -5.09
N TRP A 41 -3.73 -1.08 -4.85
CA TRP A 41 -4.35 -1.47 -3.59
C TRP A 41 -5.81 -1.83 -3.75
N GLY A 42 -6.35 -2.53 -2.76
CA GLY A 42 -7.74 -2.94 -2.74
C GLY A 42 -7.99 -4.11 -3.67
N ASP A 43 -9.07 -4.85 -3.41
CA ASP A 43 -9.42 -5.99 -4.26
C ASP A 43 -9.49 -5.47 -5.68
N PRO A 44 -10.18 -4.34 -5.89
CA PRO A 44 -10.28 -3.66 -7.16
C PRO A 44 -9.09 -2.72 -7.27
N CYS A 45 -7.92 -3.29 -7.47
CA CYS A 45 -6.67 -2.55 -7.51
C CYS A 45 -6.87 -1.11 -7.94
N GLU A 46 -6.23 -0.23 -7.18
CA GLU A 46 -6.25 1.20 -7.42
C GLU A 46 -4.82 1.73 -7.31
N LEU A 47 -4.28 2.19 -8.43
CA LEU A 47 -2.91 2.69 -8.47
C LEU A 47 -2.60 3.54 -7.24
N CYS A 48 -1.48 3.24 -6.58
CA CYS A 48 -1.05 3.98 -5.39
C CYS A 48 0.02 5.00 -5.77
N PRO A 49 0.26 5.98 -4.89
CA PRO A 49 1.25 7.04 -5.12
C PRO A 49 2.66 6.62 -4.73
N THR A 50 3.63 7.46 -5.09
CA THR A 50 5.03 7.20 -4.80
C THR A 50 5.69 8.49 -4.30
N GLU A 51 6.82 8.35 -3.63
CA GLU A 51 7.56 9.50 -3.10
C GLU A 51 8.24 10.27 -4.22
N PRO A 52 8.36 11.60 -4.07
CA PRO A 52 7.86 12.33 -2.89
C PRO A 52 6.45 12.88 -3.13
N ASP A 53 5.70 12.23 -4.01
CA ASP A 53 4.35 12.65 -4.34
C ASP A 53 3.59 13.04 -3.08
N GLU A 54 2.70 14.03 -3.22
CA GLU A 54 1.90 14.51 -2.10
C GLU A 54 1.11 13.35 -1.50
N ALA A 55 0.41 12.62 -2.36
CA ALA A 55 -0.38 11.47 -1.93
C ALA A 55 0.51 10.45 -1.23
N PHE A 56 1.71 10.26 -1.77
CA PHE A 56 2.67 9.31 -1.19
C PHE A 56 2.87 9.59 0.29
N ARG A 57 3.31 10.81 0.58
CA ARG A 57 3.55 11.21 1.97
C ARG A 57 2.29 11.05 2.80
N GLN A 58 1.13 11.17 2.14
CA GLN A 58 -0.16 11.03 2.82
C GLN A 58 -0.21 9.67 3.51
N ILE A 59 0.35 8.66 2.86
CA ILE A 59 0.38 7.32 3.41
C ILE A 59 1.74 7.05 4.05
N CYS A 60 2.70 7.93 3.80
CA CYS A 60 4.05 7.79 4.36
C CYS A 60 4.48 9.07 5.05
N PRO A 61 4.11 9.22 6.33
CA PRO A 61 4.46 10.40 7.13
C PRO A 61 5.92 10.39 7.56
N TYR A 62 6.43 9.20 7.86
CA TYR A 62 7.81 9.04 8.29
C TYR A 62 8.65 8.48 7.15
N GLY A 63 7.99 7.86 6.20
CA GLY A 63 8.66 7.27 5.04
C GLY A 63 8.01 5.95 4.65
N SER A 64 8.64 5.24 3.73
CA SER A 64 8.13 3.95 3.26
C SER A 64 8.57 2.83 4.18
N GLY A 65 7.93 2.70 5.33
CA GLY A 65 8.26 1.65 6.29
C GLY A 65 7.75 1.98 7.68
N ILE A 66 6.50 2.43 7.76
CA ILE A 66 5.90 2.77 9.04
C ILE A 66 5.36 1.51 9.72
N ILE A 67 4.76 0.63 8.92
CA ILE A 67 4.20 -0.61 9.43
C ILE A 67 4.75 -1.80 8.64
N VAL A 68 6.06 -2.01 8.76
CA VAL A 68 6.74 -3.10 8.07
C VAL A 68 5.81 -4.28 7.87
N GLY A 69 4.95 -4.54 8.86
CA GLY A 69 4.00 -5.65 8.78
C GLY A 69 3.96 -6.43 10.09
N PRO A 70 2.91 -7.23 10.28
CA PRO A 70 2.73 -8.06 11.49
C PRO A 70 4.00 -8.82 11.81
N ASP A 71 4.41 -8.78 13.09
CA ASP A 71 5.60 -9.46 13.56
C ASP A 71 6.82 -8.57 13.36
N ASP A 72 6.85 -7.81 12.27
CA ASP A 72 7.95 -6.92 11.96
C ASP A 72 9.27 -7.65 12.22
N SER A 73 9.44 -8.77 11.53
CA SER A 73 10.65 -9.58 11.67
C SER A 73 11.86 -8.70 11.91
N ALA A 74 12.33 -8.06 10.85
CA ALA A 74 13.49 -7.18 10.94
C ALA A 74 13.16 -5.95 11.76
N SER A 1 -4.70 9.73 11.73
CA SER A 1 -3.74 9.31 10.68
C SER A 1 -4.11 7.92 10.16
N ALA A 2 -5.01 7.89 9.18
CA ALA A 2 -5.46 6.63 8.60
C ALA A 2 -6.68 6.86 7.72
N GLN A 3 -6.69 6.24 6.55
CA GLN A 3 -7.80 6.37 5.62
C GLN A 3 -8.84 5.30 5.89
N ASP A 4 -9.91 5.67 6.58
CA ASP A 4 -10.98 4.73 6.91
C ASP A 4 -10.39 3.39 7.32
N LEU A 5 -9.19 3.44 7.90
CA LEU A 5 -8.49 2.24 8.35
C LEU A 5 -8.88 1.04 7.51
N ARG A 6 -8.92 1.22 6.19
CA ARG A 6 -9.28 0.17 5.28
C ARG A 6 -8.10 -0.75 5.04
N MET A 7 -8.36 -2.05 5.09
CA MET A 7 -7.33 -3.05 4.87
C MET A 7 -7.83 -4.08 3.87
N SER A 8 -7.41 -3.92 2.62
CA SER A 8 -7.82 -4.82 1.56
C SER A 8 -6.61 -5.53 0.98
N TYR A 9 -6.75 -6.04 -0.24
CA TYR A 9 -5.66 -6.76 -0.87
C TYR A 9 -4.64 -5.80 -1.49
N CYS A 10 -3.36 -6.12 -1.28
CA CYS A 10 -2.26 -5.32 -1.81
C CYS A 10 -1.78 -5.92 -3.11
N TYR A 11 -1.48 -5.08 -4.11
CA TYR A 11 -1.00 -5.58 -5.38
C TYR A 11 0.39 -5.03 -5.64
N ALA A 12 1.27 -5.87 -6.15
CA ALA A 12 2.64 -5.48 -6.41
C ALA A 12 2.92 -5.16 -7.88
N LYS A 13 1.95 -5.38 -8.78
CA LYS A 13 2.20 -5.10 -10.18
C LYS A 13 1.02 -4.56 -10.96
N PHE A 14 1.11 -3.31 -11.34
CA PHE A 14 0.08 -2.69 -12.14
C PHE A 14 0.31 -3.08 -13.59
N GLU A 15 -0.42 -4.08 -14.07
CA GLU A 15 -0.28 -4.57 -15.44
C GLU A 15 -0.85 -3.57 -16.44
N GLY A 16 -0.07 -2.54 -16.74
CA GLY A 16 -0.45 -1.50 -17.69
C GLY A 16 -1.96 -1.40 -17.86
N GLY A 17 -2.69 -1.45 -16.75
CA GLY A 17 -4.14 -1.36 -16.80
C GLY A 17 -4.81 -2.12 -15.67
N LYS A 18 -4.10 -3.05 -15.04
CA LYS A 18 -4.68 -3.81 -13.96
C LYS A 18 -3.68 -3.96 -12.83
N CYS A 19 -3.98 -4.84 -11.89
CA CYS A 19 -3.10 -5.06 -10.76
C CYS A 19 -2.66 -6.53 -10.72
N SER A 20 -1.48 -6.78 -10.16
CA SER A 20 -0.97 -8.14 -10.07
C SER A 20 -0.20 -8.34 -8.78
N SER A 21 0.25 -9.56 -8.54
CA SER A 21 0.99 -9.88 -7.33
C SER A 21 0.19 -9.48 -6.10
N PRO A 22 -0.99 -10.10 -5.93
CA PRO A 22 -1.89 -9.82 -4.81
C PRO A 22 -1.56 -10.65 -3.58
N LYS A 23 -1.18 -9.96 -2.50
CA LYS A 23 -0.83 -10.62 -1.25
C LYS A 23 -1.95 -11.54 -0.78
N SER A 24 -1.59 -12.56 0.00
CA SER A 24 -2.57 -13.51 0.52
C SER A 24 -3.58 -12.80 1.43
N ARG A 25 -3.06 -12.17 2.49
CA ARG A 25 -3.90 -11.45 3.43
C ARG A 25 -4.02 -9.99 2.99
N ASN A 26 -4.66 -9.17 3.82
CA ASN A 26 -4.82 -7.76 3.49
C ASN A 26 -4.03 -6.87 4.42
N HIS A 27 -3.92 -5.61 4.02
CA HIS A 27 -3.17 -4.61 4.76
C HIS A 27 -3.78 -3.24 4.48
N SER A 28 -3.32 -2.21 5.18
CA SER A 28 -3.84 -0.87 4.93
C SER A 28 -3.21 -0.36 3.64
N LYS A 29 -3.89 0.54 2.96
CA LYS A 29 -3.39 1.07 1.71
C LYS A 29 -2.08 1.80 1.91
N GLN A 30 -1.80 2.16 3.16
CA GLN A 30 -0.56 2.85 3.50
C GLN A 30 0.51 1.81 3.80
N GLU A 31 0.08 0.65 4.29
CA GLU A 31 0.99 -0.43 4.64
C GLU A 31 1.53 -1.10 3.38
N CYS A 32 0.71 -1.15 2.35
CA CYS A 32 1.08 -1.78 1.09
C CYS A 32 1.84 -0.83 0.18
N CYS A 33 1.28 0.37 -0.02
CA CYS A 33 1.90 1.36 -0.90
C CYS A 33 3.11 2.05 -0.25
N CYS A 34 3.28 1.90 1.06
CA CYS A 34 4.39 2.56 1.73
C CYS A 34 5.27 1.58 2.51
N ALA A 35 4.65 0.59 3.16
CA ALA A 35 5.42 -0.38 3.94
C ALA A 35 5.85 -1.55 3.07
N LEU A 36 5.17 -1.73 1.95
CA LEU A 36 5.48 -2.83 1.04
C LEU A 36 5.79 -2.31 -0.36
N LYS A 37 5.47 -1.05 -0.62
CA LYS A 37 5.74 -0.43 -1.90
C LYS A 37 5.46 -1.40 -3.05
N GLY A 38 4.20 -1.45 -3.47
CA GLY A 38 3.79 -2.33 -4.58
C GLY A 38 3.41 -1.50 -5.79
N GLU A 39 2.51 -2.04 -6.60
CA GLU A 39 2.04 -1.35 -7.80
C GLU A 39 0.85 -0.49 -7.44
N GLY A 40 -0.03 -1.07 -6.65
CA GLY A 40 -1.25 -0.41 -6.20
C GLY A 40 -1.77 -1.07 -4.94
N TRP A 41 -2.99 -0.72 -4.53
CA TRP A 41 -3.56 -1.31 -3.31
C TRP A 41 -5.08 -1.42 -3.38
N GLY A 42 -5.63 -2.21 -2.46
CA GLY A 42 -7.07 -2.41 -2.36
C GLY A 42 -7.57 -3.42 -3.38
N ASP A 43 -8.72 -4.02 -3.09
CA ASP A 43 -9.31 -4.99 -4.01
C ASP A 43 -9.42 -4.30 -5.36
N PRO A 44 -9.97 -3.07 -5.36
CA PRO A 44 -10.08 -2.25 -6.55
C PRO A 44 -8.77 -1.50 -6.73
N CYS A 45 -7.72 -2.26 -7.00
CA CYS A 45 -6.37 -1.73 -7.14
C CYS A 45 -6.37 -0.27 -7.58
N GLU A 46 -5.70 0.54 -6.78
CA GLU A 46 -5.56 1.96 -7.04
C GLU A 46 -4.08 2.29 -7.06
N LEU A 47 -3.60 2.77 -8.20
CA LEU A 47 -2.19 3.10 -8.36
C LEU A 47 -1.59 3.64 -7.07
N CYS A 48 -0.63 2.89 -6.54
CA CYS A 48 0.07 3.25 -5.32
C CYS A 48 0.90 4.52 -5.53
N PRO A 49 0.54 5.61 -4.83
CA PRO A 49 1.26 6.89 -4.95
C PRO A 49 2.73 6.77 -4.57
N THR A 50 3.52 7.76 -4.95
CA THR A 50 4.95 7.77 -4.64
C THR A 50 5.40 9.15 -4.20
N GLU A 51 6.47 9.18 -3.41
CA GLU A 51 7.01 10.45 -2.91
C GLU A 51 7.68 11.22 -4.04
N PRO A 52 7.79 12.55 -3.89
CA PRO A 52 7.27 13.26 -2.73
C PRO A 52 5.82 13.69 -2.91
N ASP A 53 5.10 12.92 -3.72
CA ASP A 53 3.69 13.21 -4.00
C ASP A 53 2.92 13.46 -2.72
N GLU A 54 1.91 14.33 -2.80
CA GLU A 54 1.08 14.68 -1.65
C GLU A 54 0.42 13.42 -1.09
N ALA A 55 -0.18 12.63 -1.97
CA ALA A 55 -0.84 11.39 -1.56
C ALA A 55 0.17 10.47 -0.91
N PHE A 56 1.34 10.32 -1.53
CA PHE A 56 2.39 9.46 -1.02
C PHE A 56 2.54 9.66 0.49
N ARG A 57 2.91 10.87 0.88
CA ARG A 57 3.11 11.18 2.30
C ARG A 57 1.83 10.94 3.09
N GLN A 58 0.68 11.08 2.42
CA GLN A 58 -0.60 10.86 3.08
C GLN A 58 -0.61 9.50 3.76
N ILE A 59 0.08 8.54 3.16
CA ILE A 59 0.17 7.19 3.70
C ILE A 59 1.47 7.01 4.47
N CYS A 60 2.41 7.93 4.27
CA CYS A 60 3.70 7.86 4.94
C CYS A 60 3.95 9.11 5.77
N PRO A 61 3.33 9.18 6.96
CA PRO A 61 3.49 10.33 7.87
C PRO A 61 4.93 10.46 8.35
N TYR A 62 5.71 9.40 8.16
CA TYR A 62 7.11 9.38 8.57
C TYR A 62 8.01 9.12 7.37
N GLY A 63 7.57 8.21 6.50
CA GLY A 63 8.32 7.86 5.30
C GLY A 63 8.14 6.39 4.96
N SER A 64 8.73 5.98 3.84
CA SER A 64 8.64 4.59 3.40
C SER A 64 9.04 3.64 4.52
N GLY A 65 8.07 3.25 5.34
CA GLY A 65 8.32 2.34 6.45
C GLY A 65 7.03 1.99 7.16
N ILE A 66 6.39 3.00 7.74
CA ILE A 66 5.14 2.85 8.48
C ILE A 66 5.00 1.44 9.06
N ILE A 67 4.56 0.50 8.23
CA ILE A 67 4.38 -0.88 8.66
C ILE A 67 5.40 -1.79 7.99
N VAL A 68 6.64 -1.73 8.45
CA VAL A 68 7.71 -2.56 7.89
C VAL A 68 7.19 -3.98 7.69
N GLY A 69 6.39 -4.46 8.63
CA GLY A 69 5.83 -5.80 8.55
C GLY A 69 6.92 -6.82 8.26
N PRO A 70 6.55 -7.93 7.59
CA PRO A 70 7.50 -9.01 7.25
C PRO A 70 8.82 -8.46 6.71
N ASP A 71 9.73 -8.11 7.62
CA ASP A 71 11.03 -7.57 7.25
C ASP A 71 10.91 -6.61 6.07
N ASP A 72 9.74 -5.98 5.93
CA ASP A 72 9.50 -5.05 4.84
C ASP A 72 9.84 -5.70 3.51
N SER A 73 8.96 -6.58 3.07
CA SER A 73 9.16 -7.30 1.81
C SER A 73 9.62 -6.34 0.72
N ALA A 74 10.03 -6.89 -0.42
CA ALA A 74 10.50 -6.08 -1.54
C ALA A 74 10.43 -6.89 -2.83
N SER A 1 -4.05 8.50 11.53
CA SER A 1 -2.93 7.77 10.89
C SER A 1 -3.31 7.37 9.47
N ALA A 2 -4.00 6.24 9.34
CA ALA A 2 -4.44 5.75 8.03
C ALA A 2 -5.85 6.23 7.73
N GLN A 3 -6.34 5.90 6.54
CA GLN A 3 -7.68 6.29 6.14
C GLN A 3 -8.67 5.19 6.48
N ASP A 4 -9.68 5.52 7.27
CA ASP A 4 -10.70 4.55 7.67
C ASP A 4 -10.08 3.18 7.85
N LEU A 5 -8.82 3.18 8.29
CA LEU A 5 -8.06 1.95 8.52
C LEU A 5 -8.56 0.82 7.63
N ARG A 6 -8.70 1.09 6.33
CA ARG A 6 -9.14 0.09 5.39
C ARG A 6 -8.01 -0.88 5.13
N MET A 7 -8.36 -2.13 4.88
CA MET A 7 -7.35 -3.14 4.61
C MET A 7 -7.86 -4.15 3.60
N SER A 8 -7.27 -4.11 2.42
CA SER A 8 -7.65 -5.02 1.34
C SER A 8 -6.41 -5.71 0.79
N TYR A 9 -6.52 -6.27 -0.39
CA TYR A 9 -5.40 -6.96 -1.02
C TYR A 9 -4.41 -5.96 -1.58
N CYS A 10 -3.13 -6.18 -1.32
CA CYS A 10 -2.08 -5.30 -1.80
C CYS A 10 -1.46 -5.90 -3.05
N TYR A 11 -1.32 -5.10 -4.09
CA TYR A 11 -0.74 -5.57 -5.34
C TYR A 11 0.56 -4.86 -5.59
N ALA A 12 1.59 -5.67 -5.79
CA ALA A 12 2.93 -5.17 -6.04
C ALA A 12 2.99 -4.44 -7.37
N LYS A 13 2.04 -4.71 -8.25
CA LYS A 13 2.02 -4.07 -9.56
C LYS A 13 0.60 -3.70 -9.96
N PHE A 14 0.51 -2.77 -10.90
CA PHE A 14 -0.78 -2.31 -11.41
C PHE A 14 -0.64 -1.92 -12.87
N GLU A 15 -1.28 -2.67 -13.75
CA GLU A 15 -1.22 -2.41 -15.17
C GLU A 15 -2.21 -1.32 -15.56
N GLY A 16 -2.56 -1.27 -16.84
CA GLY A 16 -3.49 -0.28 -17.35
C GLY A 16 -4.80 -0.30 -16.56
N GLY A 17 -5.15 -1.47 -16.02
CA GLY A 17 -6.38 -1.59 -15.25
C GLY A 17 -6.49 -2.94 -14.56
N LYS A 18 -5.35 -3.56 -14.26
CA LYS A 18 -5.34 -4.85 -13.59
C LYS A 18 -4.06 -5.05 -12.81
N CYS A 19 -4.20 -5.19 -11.51
CA CYS A 19 -3.06 -5.36 -10.62
C CYS A 19 -2.52 -6.79 -10.67
N SER A 20 -1.31 -6.96 -10.16
CA SER A 20 -0.66 -8.26 -10.12
C SER A 20 0.20 -8.38 -8.88
N SER A 21 0.46 -9.61 -8.45
CA SER A 21 1.26 -9.86 -7.25
C SER A 21 0.47 -9.49 -6.00
N PRO A 22 -0.69 -10.12 -5.82
CA PRO A 22 -1.57 -9.88 -4.67
C PRO A 22 -1.11 -10.64 -3.43
N LYS A 23 -1.04 -9.94 -2.30
CA LYS A 23 -0.62 -10.58 -1.05
C LYS A 23 -1.72 -11.48 -0.51
N SER A 24 -1.35 -12.72 -0.18
CA SER A 24 -2.31 -13.68 0.35
C SER A 24 -3.32 -12.99 1.27
N ARG A 25 -2.81 -12.25 2.24
CA ARG A 25 -3.66 -11.52 3.19
C ARG A 25 -3.83 -10.09 2.70
N ASN A 26 -4.43 -9.26 3.55
CA ASN A 26 -4.64 -7.87 3.18
C ASN A 26 -4.04 -6.94 4.24
N HIS A 27 -3.66 -5.75 3.81
CA HIS A 27 -3.06 -4.75 4.68
C HIS A 27 -3.72 -3.41 4.43
N SER A 28 -3.30 -2.39 5.16
CA SER A 28 -3.87 -1.06 4.96
C SER A 28 -3.36 -0.50 3.65
N LYS A 29 -4.18 0.30 2.97
CA LYS A 29 -3.78 0.88 1.70
C LYS A 29 -2.46 1.62 1.87
N GLN A 30 -2.19 2.06 3.09
CA GLN A 30 -0.96 2.75 3.41
C GLN A 30 0.15 1.73 3.63
N GLU A 31 -0.19 0.62 4.30
CA GLU A 31 0.76 -0.45 4.59
C GLU A 31 1.25 -1.09 3.30
N CYS A 32 0.47 -0.98 2.25
CA CYS A 32 0.80 -1.57 0.96
C CYS A 32 1.72 -0.64 0.17
N CYS A 33 1.28 0.59 -0.03
CA CYS A 33 2.05 1.56 -0.80
C CYS A 33 3.23 2.13 0.01
N CYS A 34 3.27 1.83 1.31
CA CYS A 34 4.35 2.34 2.15
C CYS A 34 5.30 1.24 2.61
N ALA A 35 4.77 0.23 3.30
CA ALA A 35 5.58 -0.86 3.82
C ALA A 35 5.73 -1.98 2.81
N LEU A 36 4.89 -1.96 1.79
CA LEU A 36 4.93 -3.00 0.76
C LEU A 36 5.18 -2.39 -0.61
N LYS A 37 5.22 -1.06 -0.66
CA LYS A 37 5.46 -0.34 -1.91
C LYS A 37 4.90 -1.10 -3.10
N GLY A 38 3.57 -1.16 -3.19
CA GLY A 38 2.91 -1.82 -4.30
C GLY A 38 2.49 -0.80 -5.34
N GLU A 39 2.11 -1.27 -6.51
CA GLU A 39 1.69 -0.36 -7.57
C GLU A 39 0.19 -0.14 -7.54
N GLY A 40 -0.54 -1.03 -6.86
CA GLY A 40 -1.99 -0.89 -6.76
C GLY A 40 -2.51 -1.60 -5.53
N TRP A 41 -3.28 -0.89 -4.70
CA TRP A 41 -3.81 -1.47 -3.47
C TRP A 41 -5.33 -1.57 -3.51
N GLY A 42 -5.88 -2.40 -2.62
CA GLY A 42 -7.33 -2.60 -2.53
C GLY A 42 -7.79 -3.68 -3.49
N ASP A 43 -8.93 -4.29 -3.20
CA ASP A 43 -9.47 -5.32 -4.08
C ASP A 43 -9.53 -4.73 -5.48
N PRO A 44 -10.07 -3.51 -5.58
CA PRO A 44 -10.14 -2.77 -6.84
C PRO A 44 -8.86 -1.96 -6.96
N CYS A 45 -7.77 -2.66 -7.27
CA CYS A 45 -6.45 -2.04 -7.34
C CYS A 45 -6.53 -0.55 -7.68
N GLU A 46 -5.84 0.25 -6.86
CA GLU A 46 -5.80 1.68 -7.03
C GLU A 46 -4.35 2.14 -7.06
N LEU A 47 -3.89 2.54 -8.24
CA LEU A 47 -2.51 2.99 -8.43
C LEU A 47 -2.02 3.77 -7.22
N CYS A 48 -1.15 3.14 -6.44
CA CYS A 48 -0.57 3.76 -5.25
C CYS A 48 0.32 4.92 -5.66
N PRO A 49 0.34 6.01 -4.86
CA PRO A 49 1.15 7.19 -5.15
C PRO A 49 2.63 6.93 -4.96
N THR A 50 3.46 7.89 -5.39
CA THR A 50 4.90 7.78 -5.28
C THR A 50 5.48 9.01 -4.61
N GLU A 51 6.61 8.84 -3.93
CA GLU A 51 7.26 9.95 -3.25
C GLU A 51 8.02 10.82 -4.24
N PRO A 52 8.20 12.11 -3.92
CA PRO A 52 7.70 12.71 -2.67
C PRO A 52 6.30 13.28 -2.83
N ASP A 53 5.52 12.71 -3.74
CA ASP A 53 4.17 13.17 -4.00
C ASP A 53 3.39 13.33 -2.71
N GLU A 54 2.61 14.40 -2.62
CA GLU A 54 1.81 14.69 -1.44
C GLU A 54 1.04 13.44 -1.03
N ALA A 55 0.44 12.78 -2.01
CA ALA A 55 -0.33 11.56 -1.76
C ALA A 55 0.56 10.51 -1.11
N PHE A 56 1.74 10.31 -1.69
CA PHE A 56 2.69 9.33 -1.17
C PHE A 56 2.81 9.48 0.35
N ARG A 57 3.21 10.67 0.78
CA ARG A 57 3.37 10.95 2.20
C ARG A 57 2.04 10.79 2.91
N GLN A 58 0.96 11.01 2.18
CA GLN A 58 -0.39 10.90 2.75
C GLN A 58 -0.61 9.53 3.38
N ILE A 59 0.15 8.53 2.93
CA ILE A 59 0.03 7.18 3.48
C ILE A 59 1.19 6.87 4.41
N CYS A 60 2.37 7.35 4.05
CA CYS A 60 3.57 7.11 4.86
C CYS A 60 4.02 8.41 5.51
N PRO A 61 3.40 8.79 6.64
CA PRO A 61 3.75 10.03 7.36
C PRO A 61 5.24 10.12 7.62
N TYR A 62 5.88 8.98 7.80
CA TYR A 62 7.31 8.92 8.06
C TYR A 62 8.07 8.57 6.78
N GLY A 63 7.44 7.75 5.95
CA GLY A 63 8.04 7.33 4.69
C GLY A 63 7.62 5.91 4.33
N SER A 64 7.80 5.54 3.06
CA SER A 64 7.43 4.22 2.59
C SER A 64 7.98 3.14 3.53
N GLY A 65 7.22 2.82 4.56
CA GLY A 65 7.63 1.80 5.52
C GLY A 65 7.02 2.06 6.89
N ILE A 66 5.78 2.55 6.92
CA ILE A 66 5.10 2.81 8.18
C ILE A 66 5.09 1.55 9.03
N ILE A 67 4.77 0.43 8.38
CA ILE A 67 4.72 -0.86 9.05
C ILE A 67 5.49 -1.91 8.24
N VAL A 68 6.79 -2.00 8.48
CA VAL A 68 7.65 -2.95 7.77
C VAL A 68 6.87 -4.21 7.40
N GLY A 69 5.99 -4.64 8.29
CA GLY A 69 5.18 -5.82 8.05
C GLY A 69 5.85 -7.07 8.61
N PRO A 70 5.25 -8.24 8.37
CA PRO A 70 5.77 -9.52 8.84
C PRO A 70 7.00 -9.98 8.05
N ASP A 71 8.19 -9.66 8.57
CA ASP A 71 9.43 -10.04 7.93
C ASP A 71 9.64 -9.28 6.62
N ASP A 72 8.73 -8.37 6.32
CA ASP A 72 8.82 -7.59 5.09
C ASP A 72 9.24 -8.50 3.94
N SER A 73 8.59 -9.64 3.84
CA SER A 73 8.90 -10.61 2.80
C SER A 73 9.28 -9.91 1.51
N ALA A 74 8.29 -9.37 0.82
CA ALA A 74 8.51 -8.65 -0.43
C ALA A 74 9.11 -9.59 -1.48
N SER A 1 -1.87 10.15 8.83
CA SER A 1 -3.20 9.83 9.43
C SER A 1 -3.82 8.65 8.68
N ALA A 2 -3.68 8.66 7.35
CA ALA A 2 -4.23 7.60 6.53
C ALA A 2 -5.76 7.59 6.63
N GLN A 3 -6.38 6.65 5.92
CA GLN A 3 -7.80 6.51 5.92
C GLN A 3 -8.29 5.96 7.25
N ASP A 4 -9.40 5.25 7.21
CA ASP A 4 -9.98 4.65 8.41
C ASP A 4 -9.33 3.30 8.68
N LEU A 5 -8.00 3.28 8.69
CA LEU A 5 -7.24 2.06 8.94
C LEU A 5 -7.83 0.90 8.16
N ARG A 6 -8.02 1.10 6.85
CA ARG A 6 -8.57 0.07 6.00
C ARG A 6 -7.44 -0.82 5.50
N MET A 7 -7.76 -2.09 5.30
CA MET A 7 -6.77 -3.06 4.83
C MET A 7 -7.42 -3.97 3.80
N SER A 8 -7.21 -3.64 2.54
CA SER A 8 -7.76 -4.41 1.44
C SER A 8 -6.64 -5.15 0.73
N TYR A 9 -7.02 -5.99 -0.19
CA TYR A 9 -6.05 -6.78 -0.94
C TYR A 9 -5.06 -5.86 -1.65
N CYS A 10 -3.79 -6.01 -1.29
CA CYS A 10 -2.72 -5.21 -1.88
C CYS A 10 -2.20 -5.92 -3.12
N TYR A 11 -1.77 -5.15 -4.12
CA TYR A 11 -1.24 -5.72 -5.34
C TYR A 11 0.19 -5.23 -5.53
N ALA A 12 1.04 -6.11 -6.04
CA ALA A 12 2.44 -5.79 -6.23
C ALA A 12 2.82 -5.44 -7.66
N LYS A 13 1.89 -5.50 -8.61
CA LYS A 13 2.26 -5.18 -9.98
C LYS A 13 1.14 -4.59 -10.80
N PHE A 14 1.30 -3.34 -11.16
CA PHE A 14 0.30 -2.69 -11.97
C PHE A 14 0.53 -3.10 -13.42
N GLU A 15 -0.24 -4.09 -13.87
CA GLU A 15 -0.11 -4.58 -15.24
C GLU A 15 -0.73 -3.61 -16.23
N GLY A 16 0.02 -2.55 -16.54
CA GLY A 16 -0.40 -1.53 -17.50
C GLY A 16 -1.92 -1.43 -17.62
N GLY A 17 -2.64 -1.53 -16.51
CA GLY A 17 -4.09 -1.42 -16.54
C GLY A 17 -4.79 -2.33 -15.53
N LYS A 18 -4.03 -3.19 -14.87
CA LYS A 18 -4.63 -4.07 -13.89
C LYS A 18 -3.68 -4.26 -12.72
N CYS A 19 -4.02 -5.15 -11.81
CA CYS A 19 -3.20 -5.38 -10.66
C CYS A 19 -2.88 -6.86 -10.50
N SER A 20 -1.59 -7.17 -10.37
CA SER A 20 -1.14 -8.55 -10.21
C SER A 20 -0.26 -8.70 -8.98
N SER A 21 -0.10 -9.93 -8.50
CA SER A 21 0.72 -10.22 -7.33
C SER A 21 0.04 -9.71 -6.07
N PRO A 22 -1.17 -10.20 -5.78
CA PRO A 22 -1.95 -9.78 -4.61
C PRO A 22 -1.57 -10.55 -3.34
N LYS A 23 -1.33 -9.81 -2.26
CA LYS A 23 -0.96 -10.41 -0.98
C LYS A 23 -2.15 -11.14 -0.38
N SER A 24 -1.94 -12.39 0.01
CA SER A 24 -3.01 -13.21 0.61
C SER A 24 -3.76 -12.41 1.65
N ARG A 25 -3.03 -11.66 2.47
CA ARG A 25 -3.64 -10.85 3.51
C ARG A 25 -3.80 -9.41 3.03
N ASN A 26 -4.72 -8.68 3.65
CA ASN A 26 -4.99 -7.30 3.28
C ASN A 26 -4.10 -6.36 4.09
N HIS A 27 -3.71 -5.26 3.47
CA HIS A 27 -2.86 -4.26 4.12
C HIS A 27 -3.17 -2.88 3.56
N SER A 28 -3.63 -1.98 4.43
CA SER A 28 -3.99 -0.62 4.03
C SER A 28 -3.12 -0.14 2.89
N LYS A 29 -3.63 0.79 2.10
CA LYS A 29 -2.88 1.31 0.96
C LYS A 29 -1.60 1.97 1.44
N GLN A 30 -1.50 2.25 2.73
CA GLN A 30 -0.29 2.84 3.28
C GLN A 30 0.66 1.73 3.70
N GLU A 31 0.06 0.59 4.04
CA GLU A 31 0.80 -0.58 4.46
C GLU A 31 1.43 -1.28 3.25
N CYS A 32 0.74 -1.25 2.13
CA CYS A 32 1.21 -1.89 0.90
C CYS A 32 2.06 -0.97 0.04
N CYS A 33 1.64 0.28 -0.11
CA CYS A 33 2.37 1.25 -0.94
C CYS A 33 3.57 1.83 -0.20
N CYS A 34 3.54 1.83 1.13
CA CYS A 34 4.64 2.40 1.90
C CYS A 34 5.40 1.32 2.68
N ALA A 35 4.70 0.34 3.21
CA ALA A 35 5.33 -0.72 3.98
C ALA A 35 5.73 -1.88 3.08
N LEU A 36 5.10 -1.97 1.92
CA LEU A 36 5.40 -3.06 0.99
C LEU A 36 5.70 -2.52 -0.41
N LYS A 37 5.57 -1.21 -0.58
CA LYS A 37 5.84 -0.58 -1.87
C LYS A 37 5.44 -1.50 -3.02
N GLY A 38 4.13 -1.62 -3.25
CA GLY A 38 3.62 -2.46 -4.32
C GLY A 38 3.27 -1.62 -5.54
N GLU A 39 2.40 -2.16 -6.38
CA GLU A 39 1.97 -1.46 -7.58
C GLU A 39 0.76 -0.61 -7.27
N GLY A 40 -0.13 -1.21 -6.51
CA GLY A 40 -1.38 -0.57 -6.11
C GLY A 40 -1.93 -1.20 -4.85
N TRP A 41 -3.05 -0.68 -4.33
CA TRP A 41 -3.65 -1.24 -3.11
C TRP A 41 -5.16 -1.45 -3.28
N GLY A 42 -5.68 -2.37 -2.47
CA GLY A 42 -7.11 -2.66 -2.46
C GLY A 42 -7.53 -3.55 -3.62
N ASP A 43 -8.66 -4.22 -3.44
CA ASP A 43 -9.21 -5.09 -4.47
C ASP A 43 -9.33 -4.26 -5.74
N PRO A 44 -9.83 -3.01 -5.60
CA PRO A 44 -9.91 -2.07 -6.71
C PRO A 44 -8.58 -1.36 -6.80
N CYS A 45 -7.55 -2.12 -7.15
CA CYS A 45 -6.18 -1.63 -7.22
C CYS A 45 -6.13 -0.14 -7.49
N GLU A 46 -5.50 0.59 -6.57
CA GLU A 46 -5.32 2.02 -6.68
C GLU A 46 -3.83 2.34 -6.68
N LEU A 47 -3.34 2.70 -7.84
CA LEU A 47 -1.92 3.01 -8.02
C LEU A 47 -1.32 3.63 -6.76
N CYS A 48 -0.22 3.05 -6.30
CA CYS A 48 0.48 3.53 -5.11
C CYS A 48 1.14 4.87 -5.40
N PRO A 49 0.80 5.91 -4.63
CA PRO A 49 1.37 7.26 -4.82
C PRO A 49 2.87 7.27 -4.64
N THR A 50 3.50 8.36 -5.08
CA THR A 50 4.94 8.53 -4.96
C THR A 50 5.26 9.84 -4.25
N GLU A 51 6.42 9.91 -3.61
CA GLU A 51 6.82 11.11 -2.89
C GLU A 51 7.38 12.15 -3.85
N PRO A 52 7.28 13.44 -3.48
CA PRO A 52 6.66 13.87 -2.22
C PRO A 52 5.18 14.16 -2.39
N ASP A 53 4.56 13.50 -3.37
CA ASP A 53 3.14 13.69 -3.65
C ASP A 53 2.33 13.78 -2.36
N GLU A 54 1.35 14.69 -2.35
CA GLU A 54 0.50 14.88 -1.19
C GLU A 54 -0.05 13.53 -0.73
N ALA A 55 -0.39 12.69 -1.69
CA ALA A 55 -0.91 11.36 -1.40
C ALA A 55 0.16 10.50 -0.75
N PHE A 56 1.35 10.50 -1.33
CA PHE A 56 2.46 9.72 -0.81
C PHE A 56 2.54 9.88 0.71
N ARG A 57 2.81 11.10 1.15
CA ARG A 57 2.91 11.39 2.58
C ARG A 57 1.63 11.01 3.29
N GLN A 58 0.51 11.20 2.60
CA GLN A 58 -0.80 10.88 3.15
C GLN A 58 -0.78 9.52 3.83
N ILE A 59 0.00 8.60 3.26
CA ILE A 59 0.11 7.25 3.81
C ILE A 59 1.35 7.13 4.69
N CYS A 60 2.40 7.84 4.32
CA CYS A 60 3.64 7.81 5.08
C CYS A 60 3.84 9.12 5.84
N PRO A 61 3.68 9.08 7.17
CA PRO A 61 3.83 10.26 8.03
C PRO A 61 5.29 10.63 8.25
N TYR A 62 6.14 9.61 8.35
CA TYR A 62 7.57 9.82 8.56
C TYR A 62 8.34 9.54 7.27
N GLY A 63 7.90 8.51 6.54
CA GLY A 63 8.54 8.14 5.29
C GLY A 63 8.28 6.67 4.97
N SER A 64 8.72 6.24 3.79
CA SER A 64 8.52 4.85 3.37
C SER A 64 9.07 3.90 4.42
N GLY A 65 8.22 3.54 5.39
CA GLY A 65 8.64 2.61 6.45
C GLY A 65 7.88 2.89 7.74
N ILE A 66 6.56 2.71 7.69
CA ILE A 66 5.71 2.92 8.86
C ILE A 66 5.62 1.63 9.66
N ILE A 67 5.48 0.53 8.95
CA ILE A 67 5.39 -0.79 9.57
C ILE A 67 5.82 -1.86 8.58
N VAL A 68 7.13 -1.95 8.36
CA VAL A 68 7.71 -2.93 7.43
C VAL A 68 6.80 -4.14 7.25
N GLY A 69 6.64 -4.93 8.31
CA GLY A 69 5.80 -6.10 8.26
C GLY A 69 6.63 -7.37 8.06
N PRO A 70 6.07 -8.34 7.32
CA PRO A 70 6.76 -9.61 7.04
C PRO A 70 8.09 -9.39 6.33
N ASP A 71 9.16 -9.21 7.12
CA ASP A 71 10.49 -8.99 6.60
C ASP A 71 10.43 -8.29 5.24
N ASP A 72 9.49 -7.36 5.09
CA ASP A 72 9.33 -6.63 3.84
C ASP A 72 9.92 -5.23 3.97
N SER A 73 11.25 -5.16 3.97
CA SER A 73 11.95 -3.88 4.09
C SER A 73 12.20 -3.30 2.70
N ALA A 74 12.19 -4.16 1.69
CA ALA A 74 12.42 -3.73 0.31
C ALA A 74 11.53 -2.54 -0.02
N SER A 1 -2.69 -0.88 15.71
CA SER A 1 -4.10 -0.70 15.24
C SER A 1 -4.13 0.14 13.97
N ALA A 2 -5.17 -0.04 13.18
CA ALA A 2 -5.32 0.70 11.93
C ALA A 2 -6.10 1.99 12.16
N GLN A 3 -5.81 3.01 11.36
CA GLN A 3 -6.47 4.29 11.48
C GLN A 3 -7.30 4.56 10.24
N ASP A 4 -8.57 4.16 10.28
CA ASP A 4 -9.47 4.33 9.17
C ASP A 4 -8.72 4.19 7.85
N LEU A 5 -7.71 3.34 7.87
CA LEU A 5 -6.91 3.08 6.68
C LEU A 5 -7.25 1.69 6.19
N ARG A 6 -8.44 1.57 5.62
CA ARG A 6 -8.93 0.30 5.11
C ARG A 6 -7.78 -0.58 4.65
N MET A 7 -7.84 -1.84 5.05
CA MET A 7 -6.81 -2.81 4.70
C MET A 7 -7.41 -3.87 3.78
N SER A 8 -7.25 -3.68 2.48
CA SER A 8 -7.77 -4.61 1.49
C SER A 8 -6.61 -5.29 0.78
N TYR A 9 -6.93 -6.12 -0.20
CA TYR A 9 -5.93 -6.83 -0.96
C TYR A 9 -4.93 -5.86 -1.58
N CYS A 10 -3.64 -6.10 -1.34
CA CYS A 10 -2.58 -5.26 -1.88
C CYS A 10 -2.15 -5.81 -3.24
N TYR A 11 -1.45 -5.00 -4.02
CA TYR A 11 -0.99 -5.43 -5.33
C TYR A 11 0.37 -4.85 -5.63
N ALA A 12 1.38 -5.67 -5.39
CA ALA A 12 2.75 -5.30 -5.61
C ALA A 12 2.92 -4.47 -6.89
N LYS A 13 2.03 -4.70 -7.88
CA LYS A 13 2.12 -3.96 -9.13
C LYS A 13 0.75 -3.55 -9.64
N PHE A 14 0.75 -2.59 -10.56
CA PHE A 14 -0.46 -2.08 -11.17
C PHE A 14 -0.19 -1.68 -12.62
N GLU A 15 -0.90 -2.34 -13.54
CA GLU A 15 -0.70 -2.06 -14.98
C GLU A 15 -1.57 -0.89 -15.43
N GLY A 16 -1.42 0.25 -14.77
CA GLY A 16 -2.19 1.45 -15.10
C GLY A 16 -3.58 1.09 -15.59
N GLY A 17 -4.13 0.01 -15.05
CA GLY A 17 -5.46 -0.46 -15.42
C GLY A 17 -5.85 -1.65 -14.56
N LYS A 18 -4.87 -2.50 -14.26
CA LYS A 18 -5.10 -3.68 -13.44
C LYS A 18 -3.99 -3.79 -12.40
N CYS A 19 -3.86 -4.96 -11.80
CA CYS A 19 -2.85 -5.19 -10.78
C CYS A 19 -2.26 -6.57 -10.90
N SER A 20 -1.13 -6.80 -10.23
CA SER A 20 -0.47 -8.10 -10.25
C SER A 20 0.29 -8.32 -8.95
N SER A 21 0.31 -9.56 -8.47
CA SER A 21 1.01 -9.89 -7.24
C SER A 21 0.17 -9.47 -6.03
N PRO A 22 -1.00 -10.10 -5.86
CA PRO A 22 -1.92 -9.78 -4.74
C PRO A 22 -1.47 -10.41 -3.43
N LYS A 23 -1.26 -9.58 -2.42
CA LYS A 23 -0.84 -10.04 -1.09
C LYS A 23 -1.80 -11.10 -0.57
N SER A 24 -1.24 -12.11 0.11
CA SER A 24 -2.04 -13.19 0.67
C SER A 24 -3.21 -12.61 1.47
N ARG A 25 -2.91 -11.62 2.31
CA ARG A 25 -3.94 -10.98 3.13
C ARG A 25 -4.07 -9.52 2.75
N ASN A 26 -4.87 -8.79 3.54
CA ASN A 26 -5.09 -7.37 3.28
C ASN A 26 -4.15 -6.52 4.12
N HIS A 27 -3.78 -5.37 3.59
CA HIS A 27 -2.88 -4.44 4.26
C HIS A 27 -3.22 -3.02 3.84
N SER A 28 -3.42 -2.12 4.82
CA SER A 28 -3.76 -0.73 4.50
C SER A 28 -3.02 -0.30 3.26
N LYS A 29 -3.56 0.68 2.53
CA LYS A 29 -2.93 1.17 1.30
C LYS A 29 -1.59 1.81 1.63
N GLN A 30 -1.45 2.20 2.89
CA GLN A 30 -0.21 2.81 3.35
C GLN A 30 0.75 1.72 3.75
N GLU A 31 0.18 0.60 4.16
CA GLU A 31 0.95 -0.56 4.57
C GLU A 31 1.36 -1.38 3.36
N CYS A 32 0.60 -1.24 2.27
CA CYS A 32 0.89 -1.95 1.04
C CYS A 32 1.76 -1.10 0.15
N CYS A 33 1.32 0.12 -0.10
CA CYS A 33 2.06 1.05 -0.95
C CYS A 33 3.36 1.51 -0.30
N CYS A 34 3.44 1.45 1.03
CA CYS A 34 4.65 1.93 1.70
C CYS A 34 5.31 0.90 2.63
N ALA A 35 4.51 0.10 3.34
CA ALA A 35 5.08 -0.89 4.25
C ALA A 35 5.34 -2.20 3.53
N LEU A 36 4.76 -2.35 2.34
CA LEU A 36 4.95 -3.57 1.55
C LEU A 36 5.27 -3.26 0.10
N LYS A 37 5.37 -1.97 -0.22
CA LYS A 37 5.69 -1.53 -1.57
C LYS A 37 4.78 -2.21 -2.59
N GLY A 38 3.70 -1.52 -2.95
CA GLY A 38 2.75 -2.03 -3.93
C GLY A 38 2.39 -0.93 -4.91
N GLU A 39 2.15 -1.30 -6.17
CA GLU A 39 1.80 -0.33 -7.19
C GLU A 39 0.30 -0.13 -7.27
N GLY A 40 -0.44 -0.99 -6.56
CA GLY A 40 -1.90 -0.90 -6.53
C GLY A 40 -2.43 -1.51 -5.24
N TRP A 41 -3.40 -0.84 -4.61
CA TRP A 41 -3.95 -1.35 -3.35
C TRP A 41 -5.45 -1.58 -3.43
N GLY A 42 -5.97 -2.33 -2.45
CA GLY A 42 -7.39 -2.65 -2.36
C GLY A 42 -7.77 -3.77 -3.30
N ASP A 43 -8.89 -4.43 -3.00
CA ASP A 43 -9.36 -5.51 -3.84
C ASP A 43 -9.43 -4.97 -5.27
N PRO A 44 -10.02 -3.77 -5.42
CA PRO A 44 -10.09 -3.09 -6.69
C PRO A 44 -8.84 -2.24 -6.84
N CYS A 45 -7.72 -2.93 -7.04
CA CYS A 45 -6.41 -2.30 -7.13
C CYS A 45 -6.52 -0.86 -7.63
N GLU A 46 -5.91 0.04 -6.88
CA GLU A 46 -5.90 1.46 -7.20
C GLU A 46 -4.48 1.98 -7.14
N LEU A 47 -3.92 2.31 -8.30
CA LEU A 47 -2.56 2.80 -8.39
C LEU A 47 -2.19 3.60 -7.15
N CYS A 48 -1.16 3.15 -6.44
CA CYS A 48 -0.69 3.82 -5.23
C CYS A 48 0.30 4.92 -5.60
N PRO A 49 0.48 5.90 -4.71
CA PRO A 49 1.40 7.03 -4.93
C PRO A 49 2.84 6.70 -4.56
N THR A 50 3.74 7.61 -4.91
CA THR A 50 5.16 7.44 -4.62
C THR A 50 5.72 8.75 -4.06
N GLU A 51 6.79 8.66 -3.29
CA GLU A 51 7.41 9.84 -2.69
C GLU A 51 8.12 10.68 -3.75
N PRO A 52 8.20 11.99 -3.54
CA PRO A 52 7.66 12.66 -2.35
C PRO A 52 6.24 13.18 -2.61
N ASP A 53 5.52 12.48 -3.47
CA ASP A 53 4.15 12.86 -3.83
C ASP A 53 3.32 13.15 -2.58
N GLU A 54 2.30 13.98 -2.75
CA GLU A 54 1.42 14.33 -1.64
C GLU A 54 0.70 13.08 -1.14
N ALA A 55 0.15 12.33 -2.08
CA ALA A 55 -0.58 11.11 -1.76
C ALA A 55 0.36 10.13 -1.06
N PHE A 56 1.61 10.08 -1.50
CA PHE A 56 2.59 9.19 -0.91
C PHE A 56 2.69 9.44 0.59
N ARG A 57 2.91 10.69 0.97
CA ARG A 57 3.01 11.06 2.37
C ARG A 57 1.66 10.94 3.05
N GLN A 58 0.61 10.83 2.25
CA GLN A 58 -0.75 10.72 2.77
C GLN A 58 -0.98 9.33 3.35
N ILE A 59 -0.13 8.39 2.95
CA ILE A 59 -0.24 7.01 3.43
C ILE A 59 0.93 6.67 4.35
N CYS A 60 2.07 7.29 4.11
CA CYS A 60 3.26 7.04 4.93
C CYS A 60 3.85 8.34 5.44
N PRO A 61 3.42 8.77 6.63
CA PRO A 61 3.90 10.00 7.26
C PRO A 61 5.24 9.77 7.96
N TYR A 62 5.66 8.51 8.02
CA TYR A 62 6.93 8.15 8.67
C TYR A 62 8.00 7.88 7.62
N GLY A 63 7.57 7.64 6.38
CA GLY A 63 8.51 7.36 5.29
C GLY A 63 8.10 6.14 4.50
N SER A 64 8.81 5.04 4.70
CA SER A 64 8.53 3.80 3.98
C SER A 64 7.59 2.90 4.79
N GLY A 65 6.33 3.33 4.92
CA GLY A 65 5.32 2.58 5.65
C GLY A 65 5.92 1.71 6.74
N ILE A 66 6.11 2.30 7.91
CA ILE A 66 6.66 1.59 9.07
C ILE A 66 6.37 0.09 8.96
N ILE A 67 5.17 -0.29 9.39
CA ILE A 67 4.74 -1.69 9.34
C ILE A 67 3.40 -1.83 10.03
N VAL A 68 2.40 -1.12 9.51
CA VAL A 68 1.05 -1.18 10.08
C VAL A 68 0.57 -2.61 10.19
N GLY A 69 1.23 -3.52 9.46
CA GLY A 69 0.90 -4.95 9.46
C GLY A 69 0.03 -5.33 10.65
N PRO A 70 -1.03 -6.10 10.39
CA PRO A 70 -1.97 -6.55 11.44
C PRO A 70 -1.25 -7.11 12.66
N ASP A 71 -1.52 -6.53 13.82
CA ASP A 71 -0.91 -6.96 15.07
C ASP A 71 0.51 -7.47 14.84
N ASP A 72 1.24 -6.81 13.94
CA ASP A 72 2.61 -7.18 13.63
C ASP A 72 3.53 -5.98 13.75
N SER A 73 3.51 -5.34 14.92
CA SER A 73 4.35 -4.17 15.16
C SER A 73 5.48 -4.50 16.14
N ALA A 74 5.91 -5.75 16.13
CA ALA A 74 6.99 -6.20 17.00
C ALA A 74 6.60 -5.99 18.46
#